data_1T3N
#
_entry.id   1T3N
#
_cell.length_a   98.831
_cell.length_b   98.831
_cell.length_c   202.755
_cell.angle_alpha   90.00
_cell.angle_beta   90.00
_cell.angle_gamma   120.00
#
_symmetry.space_group_name_H-M   'P 65'
#
loop_
_entity.id
_entity.type
_entity.pdbx_description
1 polymer 'Template DNA strand'
2 polymer 'Primer DNA strand'
3 polymer 'polymerase (DNA directed) iota'
4 non-polymer 'MAGNESIUM ION'
5 non-polymer "THYMIDINE-5'-TRIPHOSPHATE"
6 water water
#
loop_
_entity_poly.entity_id
_entity_poly.type
_entity_poly.pdbx_seq_one_letter_code
_entity_poly.pdbx_strand_id
1 'polydeoxyribonucleotide' (DA)(DG)(DG)(DG)(DT)(DC)(DC)(DT)(DT)(DC)(DC)(DC)(DC)(DC) T
2 'polydeoxyribonucleotide' (DG)(DG)(DG)(DG)(DG)(DA)(DA)(DG)(DG)(DA)(DC)(DC)(DOC) P
3 'polypeptide(L)'
;SRVIVHVDLDCFYAQVEMISNPELKDKPLGVQQKYLVVTCNYEARKLGVKKLMNVRDAKEKCPQLVLVNGEDLTRYREMS
YKVTELLEEFSPVVERLGFDENFVDLTEMVEKRLQQLQSDELSAVTVSGHVYNNQSINLLDVLHIRLLVGSQIAAEMREA
MYNQLGLTGCAGVASNKLLAKLVSGVFKPNQQTVLLPESCQHLIHSLNHIKEIPGIGYKTAKCLEALGINSVRDLQTFSP
KILEKELGISVAQRIQKLSFGEDNSPVILSGPPQSFSEEDSFKKCSSEVEAKNKIEELLASLLNRVCQDGRKPHTVRLII
RRYSSEKHYGRESRQCPIPSHVIQKLGTGNYDVMTPMVDILMKLFRNMVNVKMPFHLTLLSVCFCNLK
;
A,B
#
# COMPACT_ATOMS: atom_id res chain seq x y z
N SER C 1 -18.87 -24.76 2.04
CA SER C 1 -18.10 -25.19 0.85
C SER C 1 -16.59 -25.23 1.13
N ARG C 2 -16.10 -24.28 1.91
CA ARG C 2 -14.67 -24.25 2.22
C ARG C 2 -14.24 -25.18 3.35
N VAL C 3 -13.02 -25.69 3.26
CA VAL C 3 -12.45 -26.55 4.29
C VAL C 3 -11.10 -25.93 4.63
N ILE C 4 -11.02 -25.37 5.83
CA ILE C 4 -9.83 -24.70 6.33
C ILE C 4 -9.23 -25.46 7.50
N VAL C 5 -7.90 -25.49 7.60
CA VAL C 5 -7.25 -26.13 8.72
C VAL C 5 -6.39 -25.08 9.42
N HIS C 6 -6.36 -25.13 10.73
CA HIS C 6 -5.54 -24.21 11.51
C HIS C 6 -4.56 -25.08 12.28
N VAL C 7 -3.27 -24.83 12.07
CA VAL C 7 -2.21 -25.57 12.72
C VAL C 7 -1.56 -24.68 13.78
N ASP C 8 -1.50 -25.20 15.00
CA ASP C 8 -0.96 -24.47 16.13
C ASP C 8 -0.02 -25.37 16.91
N LEU C 9 1.26 -25.03 16.91
CA LEU C 9 2.25 -25.85 17.60
C LEU C 9 2.26 -25.71 19.12
N ASP C 10 2.57 -26.81 19.79
CA ASP C 10 2.63 -26.80 21.24
C ASP C 10 3.85 -25.99 21.73
N CYS C 11 3.62 -25.11 22.72
CA CYS C 11 4.70 -24.30 23.32
C CYS C 11 5.90 -24.26 22.38
N PHE C 12 5.75 -23.56 21.26
CA PHE C 12 6.77 -23.51 20.23
C PHE C 12 8.21 -23.30 20.68
N TYR C 13 8.52 -22.14 21.25
CA TYR C 13 9.87 -21.85 21.71
C TYR C 13 10.41 -22.96 22.63
N ALA C 14 9.66 -23.33 23.66
CA ALA C 14 10.14 -24.37 24.57
C ALA C 14 10.40 -25.64 23.79
N GLN C 15 9.55 -25.93 22.82
CA GLN C 15 9.71 -27.14 22.02
C GLN C 15 10.97 -27.07 21.17
N VAL C 16 11.31 -25.89 20.66
CA VAL C 16 12.51 -25.77 19.84
C VAL C 16 13.74 -25.88 20.72
N GLU C 17 13.63 -25.44 21.98
CA GLU C 17 14.76 -25.52 22.90
C GLU C 17 14.96 -26.98 23.31
N MET C 18 13.87 -27.68 23.63
CA MET C 18 13.94 -29.08 24.03
C MET C 18 14.59 -29.95 22.96
N ILE C 19 14.47 -29.57 21.70
CA ILE C 19 15.06 -30.34 20.63
C ILE C 19 16.55 -30.03 20.53
N SER C 20 16.92 -28.77 20.68
CA SER C 20 18.31 -28.38 20.61
C SER C 20 19.12 -29.00 21.76
N ASN C 21 18.58 -28.92 22.97
CA ASN C 21 19.24 -29.47 24.15
C ASN C 21 18.37 -30.60 24.70
N PRO C 22 18.42 -31.78 24.06
CA PRO C 22 17.68 -33.00 24.38
C PRO C 22 17.50 -33.34 25.86
N GLU C 23 18.50 -33.01 26.67
CA GLU C 23 18.45 -33.31 28.10
C GLU C 23 17.43 -32.47 28.87
N LEU C 24 16.59 -31.73 28.15
CA LEU C 24 15.59 -30.88 28.79
C LEU C 24 14.18 -31.43 28.67
N LYS C 25 13.96 -32.30 27.68
CA LYS C 25 12.64 -32.88 27.43
C LYS C 25 11.86 -33.38 28.64
N ASP C 26 12.56 -33.91 29.65
CA ASP C 26 11.86 -34.42 30.83
C ASP C 26 11.86 -33.47 32.02
N LYS C 27 12.52 -32.33 31.87
CA LYS C 27 12.58 -31.35 32.96
C LYS C 27 11.76 -30.10 32.66
N PRO C 28 10.95 -29.64 33.62
CA PRO C 28 10.11 -28.45 33.48
C PRO C 28 10.89 -27.29 32.88
N LEU C 29 10.47 -26.84 31.71
CA LEU C 29 11.17 -25.74 31.04
C LEU C 29 10.31 -24.54 30.70
N GLY C 30 10.95 -23.38 30.80
CA GLY C 30 10.29 -22.13 30.48
C GLY C 30 11.30 -21.35 29.68
N VAL C 31 10.83 -20.59 28.68
CA VAL C 31 11.74 -19.80 27.88
C VAL C 31 11.67 -18.38 28.40
N GLN C 32 12.84 -17.81 28.69
CA GLN C 32 12.90 -16.46 29.23
C GLN C 32 13.36 -15.32 28.27
N GLN C 33 12.58 -14.22 28.31
CA GLN C 33 12.73 -12.89 27.67
C GLN C 33 12.79 -12.01 28.97
N LYS C 34 13.90 -11.28 28.79
CA LYS C 34 14.66 -10.45 29.70
C LYS C 34 14.39 -10.34 31.15
N TYR C 35 13.26 -10.97 31.46
CA TYR C 35 12.85 -11.17 32.83
C TYR C 35 11.37 -11.39 32.83
N LEU C 36 10.94 -12.22 31.87
CA LEU C 36 9.54 -12.58 31.69
C LEU C 36 9.51 -13.94 30.98
N VAL C 37 8.73 -14.87 31.52
CA VAL C 37 8.61 -16.20 30.93
C VAL C 37 7.60 -16.24 29.79
N VAL C 38 8.09 -16.08 28.56
CA VAL C 38 7.22 -16.07 27.39
C VAL C 38 6.40 -17.34 27.23
N THR C 39 7.01 -18.50 27.45
CA THR C 39 6.30 -19.76 27.31
C THR C 39 7.06 -20.87 28.01
N CYS C 40 6.40 -21.99 28.23
CA CYS C 40 7.01 -23.14 28.88
C CYS C 40 6.37 -24.44 28.40
N ASN C 41 7.09 -25.55 28.54
CA ASN C 41 6.57 -26.84 28.10
C ASN C 41 5.43 -27.34 28.98
N TYR C 42 4.92 -28.53 28.66
CA TYR C 42 3.83 -29.13 29.42
C TYR C 42 4.32 -29.98 30.59
N GLU C 43 5.61 -29.86 30.90
CA GLU C 43 6.22 -30.59 32.01
C GLU C 43 6.39 -29.61 33.16
N ALA C 44 6.37 -28.32 32.80
CA ALA C 44 6.51 -27.24 33.76
C ALA C 44 5.19 -26.48 33.85
N ARG C 45 4.37 -26.62 32.81
CA ARG C 45 3.07 -25.96 32.78
C ARG C 45 2.16 -26.73 33.72
N LYS C 46 2.57 -27.96 34.05
CA LYS C 46 1.81 -28.80 34.96
C LYS C 46 1.70 -28.10 36.30
N LEU C 47 2.80 -27.48 36.72
CA LEU C 47 2.83 -26.75 37.98
C LEU C 47 2.02 -25.47 37.79
N GLY C 48 1.74 -25.15 36.54
CA GLY C 48 0.98 -23.95 36.23
C GLY C 48 1.85 -22.72 36.14
N VAL C 49 2.47 -22.50 34.99
CA VAL C 49 3.33 -21.35 34.79
C VAL C 49 2.85 -20.50 33.62
N LYS C 50 1.54 -20.37 33.49
CA LYS C 50 0.91 -19.60 32.41
C LYS C 50 1.63 -18.30 32.03
N LYS C 51 2.62 -18.42 31.15
CA LYS C 51 3.40 -17.29 30.67
C LYS C 51 3.51 -16.11 31.64
N LEU C 52 3.74 -16.42 32.92
CA LEU C 52 3.86 -15.39 33.95
C LEU C 52 5.17 -14.64 33.85
N MET C 53 5.42 -13.75 34.81
CA MET C 53 6.64 -12.96 34.84
C MET C 53 7.60 -13.52 35.89
N ASN C 54 8.68 -12.78 36.12
CA ASN C 54 9.71 -13.16 37.11
C ASN C 54 10.00 -14.65 37.17
N VAL C 55 11.14 -15.04 36.61
CA VAL C 55 11.55 -16.45 36.63
C VAL C 55 11.62 -16.98 38.05
N ARG C 56 12.43 -16.33 38.88
CA ARG C 56 12.62 -16.71 40.28
C ARG C 56 11.33 -17.14 40.98
N ASP C 57 10.23 -16.46 40.68
CA ASP C 57 8.94 -16.79 41.28
C ASP C 57 8.61 -18.26 41.04
N ALA C 58 8.44 -18.62 39.77
CA ALA C 58 8.13 -19.99 39.40
C ALA C 58 9.37 -20.87 39.53
N LYS C 59 10.54 -20.23 39.50
CA LYS C 59 11.83 -20.92 39.61
C LYS C 59 11.93 -21.64 40.96
N GLU C 60 11.64 -20.90 42.02
CA GLU C 60 11.69 -21.42 43.38
C GLU C 60 10.64 -22.50 43.62
N LYS C 61 9.56 -22.45 42.84
CA LYS C 61 8.50 -23.45 42.99
C LYS C 61 8.74 -24.63 42.06
N CYS C 62 10.00 -24.78 41.62
CA CYS C 62 10.35 -25.87 40.73
C CYS C 62 11.84 -26.16 40.66
N PRO C 63 12.60 -25.90 41.76
CA PRO C 63 14.04 -26.11 41.85
C PRO C 63 14.81 -26.78 40.70
N GLN C 64 14.20 -27.78 40.05
CA GLN C 64 14.83 -28.46 38.92
C GLN C 64 14.52 -27.70 37.63
N LEU C 65 13.81 -26.58 37.77
CA LEU C 65 13.41 -25.76 36.62
C LEU C 65 14.59 -25.08 35.93
N VAL C 66 15.10 -25.70 34.88
CA VAL C 66 16.22 -25.13 34.13
C VAL C 66 15.68 -24.27 32.99
N LEU C 67 15.98 -22.98 33.03
CA LEU C 67 15.50 -22.06 32.00
C LEU C 67 16.55 -21.69 30.96
N VAL C 68 16.06 -21.27 29.80
CA VAL C 68 16.91 -20.87 28.68
C VAL C 68 16.45 -19.50 28.22
N ASN C 69 17.36 -18.73 27.62
CA ASN C 69 17.02 -17.41 27.15
C ASN C 69 16.47 -17.49 25.73
N GLY C 70 15.36 -16.80 25.49
CA GLY C 70 14.74 -16.82 24.18
C GLY C 70 14.74 -15.50 23.43
N GLU C 71 15.56 -14.54 23.88
CA GLU C 71 15.65 -13.23 23.24
C GLU C 71 16.02 -13.29 21.76
N ASP C 72 17.01 -14.11 21.42
CA ASP C 72 17.40 -14.26 20.02
C ASP C 72 16.37 -15.19 19.39
N LEU C 73 15.64 -14.67 18.41
CA LEU C 73 14.59 -15.43 17.74
C LEU C 73 15.05 -16.19 16.51
N THR C 74 16.30 -16.00 16.12
CA THR C 74 16.81 -16.67 14.93
C THR C 74 16.40 -18.13 14.75
N ARG C 75 16.67 -18.98 15.74
CA ARG C 75 16.33 -20.39 15.65
C ARG C 75 14.82 -20.62 15.47
N TYR C 76 14.00 -19.91 16.24
CA TYR C 76 12.56 -20.06 16.17
C TYR C 76 12.05 -19.67 14.78
N ARG C 77 12.54 -18.53 14.29
CA ARG C 77 12.13 -18.04 12.99
C ARG C 77 12.46 -19.05 11.89
N GLU C 78 13.62 -19.69 11.99
CA GLU C 78 14.00 -20.67 10.99
C GLU C 78 13.07 -21.86 11.03
N MET C 79 12.88 -22.44 12.22
CA MET C 79 12.02 -23.59 12.34
C MET C 79 10.60 -23.20 11.89
N SER C 80 10.20 -21.98 12.22
CA SER C 80 8.88 -21.49 11.85
C SER C 80 8.64 -21.54 10.32
N TYR C 81 9.63 -21.17 9.52
CA TYR C 81 9.43 -21.22 8.07
C TYR C 81 9.56 -22.64 7.53
N LYS C 82 10.27 -23.52 8.24
CA LYS C 82 10.35 -24.90 7.79
C LYS C 82 8.94 -25.48 7.89
N VAL C 83 8.21 -25.08 8.93
CA VAL C 83 6.86 -25.58 9.12
C VAL C 83 5.97 -25.11 7.97
N THR C 84 5.98 -23.81 7.71
CA THR C 84 5.16 -23.26 6.65
C THR C 84 5.46 -23.87 5.29
N GLU C 85 6.76 -23.99 4.96
CA GLU C 85 7.15 -24.57 3.68
C GLU C 85 6.64 -26.00 3.58
N LEU C 86 6.76 -26.74 4.67
CA LEU C 86 6.28 -28.11 4.69
C LEU C 86 4.76 -28.07 4.43
N LEU C 87 4.06 -27.12 5.06
CA LEU C 87 2.62 -27.03 4.84
C LEU C 87 2.30 -26.58 3.42
N GLU C 88 3.12 -25.69 2.88
CA GLU C 88 2.90 -25.21 1.51
C GLU C 88 3.01 -26.37 0.52
N GLU C 89 3.74 -27.41 0.90
CA GLU C 89 3.92 -28.57 0.04
C GLU C 89 2.59 -29.33 -0.10
N PHE C 90 1.80 -29.39 0.97
CA PHE C 90 0.51 -30.08 0.92
C PHE C 90 -0.44 -29.26 0.05
N SER C 91 -0.43 -27.94 0.26
CA SER C 91 -1.27 -27.02 -0.47
C SER C 91 -0.60 -25.66 -0.40
N PRO C 92 -0.49 -24.96 -1.54
CA PRO C 92 0.12 -23.64 -1.69
C PRO C 92 -0.40 -22.47 -0.86
N VAL C 93 -1.71 -22.35 -0.77
CA VAL C 93 -2.32 -21.25 -0.03
C VAL C 93 -2.22 -21.44 1.47
N VAL C 94 -1.13 -20.92 2.02
CA VAL C 94 -0.85 -21.01 3.45
C VAL C 94 -0.60 -19.63 4.05
N GLU C 95 -1.35 -19.32 5.09
CA GLU C 95 -1.23 -18.04 5.78
C GLU C 95 -0.56 -18.21 7.14
N ARG C 96 0.40 -17.35 7.44
CA ARG C 96 1.08 -17.40 8.72
C ARG C 96 0.46 -16.39 9.69
N LEU C 97 0.49 -16.73 10.96
CA LEU C 97 -0.01 -15.87 12.02
C LEU C 97 0.97 -16.13 13.17
N GLY C 98 1.93 -15.23 13.32
CA GLY C 98 2.94 -15.40 14.35
C GLY C 98 3.94 -16.46 13.88
N PHE C 99 4.76 -16.95 14.78
CA PHE C 99 5.77 -17.95 14.45
C PHE C 99 5.31 -19.40 14.58
N ASP C 100 4.15 -19.63 15.19
CA ASP C 100 3.67 -21.01 15.39
C ASP C 100 2.30 -21.38 14.85
N GLU C 101 1.66 -20.48 14.10
CA GLU C 101 0.35 -20.78 13.55
C GLU C 101 0.30 -20.66 12.04
N ASN C 102 -0.44 -21.55 11.41
CA ASN C 102 -0.59 -21.51 9.96
C ASN C 102 -1.99 -21.92 9.52
N PHE C 103 -2.61 -21.13 8.64
CA PHE C 103 -3.91 -21.47 8.12
C PHE C 103 -3.67 -22.03 6.74
N VAL C 104 -4.43 -23.06 6.39
CA VAL C 104 -4.29 -23.66 5.08
C VAL C 104 -5.68 -23.88 4.53
N ASP C 105 -5.88 -23.44 3.29
CA ASP C 105 -7.16 -23.63 2.65
C ASP C 105 -7.03 -24.96 1.93
N LEU C 106 -7.75 -25.96 2.43
CA LEU C 106 -7.68 -27.31 1.85
C LEU C 106 -8.82 -27.62 0.87
N THR C 107 -9.69 -26.64 0.63
CA THR C 107 -10.85 -26.81 -0.25
C THR C 107 -10.59 -27.59 -1.53
N GLU C 108 -9.66 -27.10 -2.36
CA GLU C 108 -9.35 -27.76 -3.63
C GLU C 108 -8.79 -29.17 -3.45
N MET C 109 -7.93 -29.32 -2.46
CA MET C 109 -7.29 -30.61 -2.18
C MET C 109 -8.31 -31.65 -1.76
N VAL C 110 -9.24 -31.27 -0.88
CA VAL C 110 -10.26 -32.20 -0.42
C VAL C 110 -11.09 -32.73 -1.58
N GLU C 111 -11.57 -31.82 -2.44
CA GLU C 111 -12.37 -32.22 -3.60
C GLU C 111 -11.62 -33.19 -4.50
N LYS C 112 -10.37 -32.86 -4.82
CA LYS C 112 -9.56 -33.72 -5.68
C LYS C 112 -9.55 -35.13 -5.10
N ARG C 113 -9.40 -35.23 -3.78
CA ARG C 113 -9.41 -36.55 -3.14
C ARG C 113 -10.77 -37.21 -3.28
N LEU C 114 -11.84 -36.43 -3.11
CA LEU C 114 -13.18 -36.99 -3.22
C LEU C 114 -13.46 -37.51 -4.63
N GLN C 115 -13.28 -36.67 -5.63
CA GLN C 115 -13.52 -37.07 -7.01
C GLN C 115 -12.67 -38.28 -7.40
N GLN C 116 -11.42 -38.30 -6.95
CA GLN C 116 -10.53 -39.41 -7.27
C GLN C 116 -10.98 -40.66 -6.51
N LEU C 117 -11.88 -40.47 -5.55
CA LEU C 117 -12.36 -41.58 -4.74
C LEU C 117 -13.49 -42.32 -5.44
N GLN C 118 -13.60 -43.62 -5.17
CA GLN C 118 -14.64 -44.46 -5.76
C GLN C 118 -16.02 -44.10 -5.22
N SER C 119 -17.03 -44.83 -5.70
CA SER C 119 -18.41 -44.60 -5.27
C SER C 119 -18.80 -45.65 -4.24
N ASP C 120 -17.82 -46.39 -3.76
CA ASP C 120 -18.02 -47.44 -2.77
C ASP C 120 -17.24 -47.14 -1.50
N GLU C 121 -15.98 -46.74 -1.67
CA GLU C 121 -15.13 -46.41 -0.54
C GLU C 121 -15.52 -45.02 -0.03
N LEU C 122 -16.71 -44.58 -0.40
CA LEU C 122 -17.22 -43.28 0.01
C LEU C 122 -17.93 -43.41 1.36
N SER C 123 -18.37 -44.63 1.67
CA SER C 123 -19.05 -44.90 2.93
C SER C 123 -18.03 -45.44 3.93
N ALA C 124 -16.78 -45.50 3.47
CA ALA C 124 -15.71 -46.01 4.31
C ALA C 124 -14.97 -44.84 4.98
N VAL C 125 -15.14 -43.65 4.42
CA VAL C 125 -14.49 -42.45 4.95
C VAL C 125 -14.65 -42.34 6.46
N THR C 126 -13.56 -42.03 7.14
CA THR C 126 -13.60 -41.88 8.60
C THR C 126 -12.83 -40.65 9.04
N VAL C 127 -13.08 -40.25 10.27
CA VAL C 127 -12.43 -39.09 10.81
C VAL C 127 -11.09 -39.44 11.44
N SER C 128 -10.21 -38.45 11.51
CA SER C 128 -8.93 -38.61 12.16
C SER C 128 -8.99 -37.59 13.29
N GLY C 129 -8.80 -38.05 14.52
CA GLY C 129 -8.86 -37.14 15.65
C GLY C 129 -10.25 -37.00 16.25
N HIS C 130 -10.43 -35.97 17.07
CA HIS C 130 -11.69 -35.70 17.75
C HIS C 130 -12.75 -35.01 16.91
N VAL C 131 -14.00 -35.39 17.14
CA VAL C 131 -15.13 -34.72 16.50
C VAL C 131 -15.52 -33.77 17.60
N TYR C 132 -15.42 -32.48 17.32
CA TYR C 132 -15.67 -31.44 18.32
C TYR C 132 -16.59 -31.69 19.53
N ASN C 133 -17.90 -31.74 19.33
CA ASN C 133 -18.81 -31.89 20.48
C ASN C 133 -19.31 -33.32 20.54
N ASN C 134 -18.41 -34.24 20.24
CA ASN C 134 -18.73 -35.66 20.21
C ASN C 134 -19.94 -35.81 19.32
N GLN C 135 -20.02 -34.95 18.30
CA GLN C 135 -21.15 -34.99 17.38
C GLN C 135 -21.11 -36.17 16.41
N SER C 136 -22.28 -36.75 16.18
CA SER C 136 -22.39 -37.88 15.26
C SER C 136 -22.13 -37.45 13.84
N ILE C 137 -21.49 -38.34 13.09
CA ILE C 137 -21.18 -38.07 11.70
C ILE C 137 -22.26 -38.67 10.83
N ASN C 138 -22.65 -37.95 9.78
CA ASN C 138 -23.64 -38.47 8.85
C ASN C 138 -22.89 -38.60 7.55
N LEU C 139 -22.60 -39.82 7.16
CA LEU C 139 -21.85 -40.08 5.94
C LEU C 139 -22.46 -39.54 4.65
N LEU C 140 -23.79 -39.41 4.61
CA LEU C 140 -24.47 -38.91 3.41
C LEU C 140 -24.49 -37.39 3.31
N ASP C 141 -23.99 -36.71 4.35
CA ASP C 141 -23.93 -35.26 4.35
C ASP C 141 -22.60 -34.83 3.70
N VAL C 142 -22.67 -34.29 2.48
CA VAL C 142 -21.47 -33.88 1.74
C VAL C 142 -20.55 -32.98 2.54
N LEU C 143 -21.11 -32.14 3.39
CA LEU C 143 -20.32 -31.24 4.23
C LEU C 143 -19.54 -32.04 5.26
N HIS C 144 -20.15 -33.10 5.79
CA HIS C 144 -19.50 -33.95 6.78
C HIS C 144 -18.31 -34.68 6.16
N ILE C 145 -18.57 -35.39 5.07
CA ILE C 145 -17.54 -36.14 4.37
C ILE C 145 -16.33 -35.26 4.05
N ARG C 146 -16.60 -34.07 3.50
CA ARG C 146 -15.53 -33.14 3.13
C ARG C 146 -14.70 -32.66 4.31
N LEU C 147 -15.34 -32.47 5.46
CA LEU C 147 -14.61 -32.04 6.65
C LEU C 147 -13.80 -33.25 7.19
N LEU C 148 -14.37 -34.45 7.08
CA LEU C 148 -13.66 -35.63 7.56
C LEU C 148 -12.40 -35.83 6.70
N VAL C 149 -12.53 -35.64 5.39
CA VAL C 149 -11.37 -35.77 4.52
C VAL C 149 -10.35 -34.71 4.97
N GLY C 150 -10.85 -33.53 5.32
CA GLY C 150 -9.98 -32.47 5.78
C GLY C 150 -9.24 -32.89 7.03
N SER C 151 -9.90 -33.63 7.91
CA SER C 151 -9.23 -34.06 9.13
C SER C 151 -8.13 -35.08 8.76
N GLN C 152 -8.30 -35.76 7.63
CA GLN C 152 -7.32 -36.74 7.17
C GLN C 152 -6.04 -36.02 6.75
N ILE C 153 -6.20 -34.92 6.02
CA ILE C 153 -5.05 -34.15 5.58
C ILE C 153 -4.35 -33.49 6.77
N ALA C 154 -5.12 -33.11 7.78
CA ALA C 154 -4.54 -32.49 8.98
C ALA C 154 -3.64 -33.49 9.73
N ALA C 155 -4.10 -34.73 9.83
CA ALA C 155 -3.32 -35.76 10.51
C ALA C 155 -2.03 -36.03 9.73
N GLU C 156 -2.10 -36.01 8.41
CA GLU C 156 -0.92 -36.23 7.57
C GLU C 156 0.05 -35.07 7.74
N MET C 157 -0.46 -33.84 7.79
CA MET C 157 0.40 -32.68 7.96
C MET C 157 1.09 -32.77 9.34
N ARG C 158 0.34 -33.14 10.38
CA ARG C 158 0.92 -33.23 11.72
C ARG C 158 1.94 -34.35 11.78
N GLU C 159 1.64 -35.45 11.10
CA GLU C 159 2.54 -36.59 11.05
C GLU C 159 3.84 -36.19 10.35
N ALA C 160 3.71 -35.59 9.16
CA ALA C 160 4.88 -35.17 8.41
C ALA C 160 5.70 -34.17 9.24
N MET C 161 5.00 -33.28 9.94
CA MET C 161 5.65 -32.27 10.77
C MET C 161 6.49 -32.94 11.86
N TYR C 162 5.98 -34.03 12.42
CA TYR C 162 6.74 -34.70 13.46
C TYR C 162 7.89 -35.54 12.86
N ASN C 163 7.60 -36.35 11.86
CA ASN C 163 8.64 -37.17 11.26
C ASN C 163 9.75 -36.39 10.56
N GLN C 164 9.40 -35.31 9.88
CA GLN C 164 10.39 -34.53 9.17
C GLN C 164 11.08 -33.41 9.94
N LEU C 165 10.42 -32.87 10.96
CA LEU C 165 10.97 -31.76 11.75
C LEU C 165 11.02 -31.96 13.27
N GLY C 166 10.41 -33.04 13.77
CA GLY C 166 10.43 -33.29 15.20
C GLY C 166 9.49 -32.43 16.04
N LEU C 167 8.46 -31.85 15.42
CA LEU C 167 7.52 -31.00 16.14
C LEU C 167 6.12 -31.58 16.24
N THR C 168 5.49 -31.38 17.39
CA THR C 168 4.12 -31.82 17.62
C THR C 168 3.30 -30.54 17.62
N GLY C 169 1.99 -30.66 17.46
CA GLY C 169 1.14 -29.49 17.46
C GLY C 169 -0.31 -29.90 17.32
N CYS C 170 -1.21 -28.92 17.36
CA CYS C 170 -2.63 -29.24 17.21
C CYS C 170 -3.08 -28.72 15.89
N ALA C 171 -4.24 -29.22 15.45
CA ALA C 171 -4.85 -28.82 14.19
C ALA C 171 -6.36 -28.74 14.37
N GLY C 172 -6.97 -27.77 13.69
CA GLY C 172 -8.39 -27.60 13.74
C GLY C 172 -8.92 -27.55 12.33
N VAL C 173 -10.01 -28.26 12.10
CA VAL C 173 -10.62 -28.30 10.78
C VAL C 173 -12.05 -27.81 10.89
N ALA C 174 -12.36 -26.77 10.11
CA ALA C 174 -13.69 -26.17 10.08
C ALA C 174 -13.98 -25.58 8.70
N SER C 175 -15.07 -24.83 8.58
CA SER C 175 -15.46 -24.25 7.30
C SER C 175 -14.96 -22.83 7.06
N ASN C 176 -14.36 -22.20 8.07
CA ASN C 176 -13.77 -20.87 7.90
C ASN C 176 -12.62 -20.69 8.90
N LYS C 177 -11.85 -19.62 8.78
CA LYS C 177 -10.70 -19.39 9.67
C LYS C 177 -11.02 -19.23 11.16
N LEU C 178 -12.04 -18.45 11.46
CA LEU C 178 -12.44 -18.21 12.85
C LEU C 178 -12.71 -19.54 13.57
N LEU C 179 -13.57 -20.36 12.98
CA LEU C 179 -13.93 -21.66 13.55
C LEU C 179 -12.75 -22.65 13.61
N ALA C 180 -11.89 -22.60 12.60
CA ALA C 180 -10.70 -23.48 12.56
C ALA C 180 -9.79 -23.14 13.74
N LYS C 181 -9.58 -21.85 13.97
CA LYS C 181 -8.73 -21.41 15.07
C LYS C 181 -9.36 -21.71 16.43
N LEU C 182 -10.69 -21.59 16.54
CA LEU C 182 -11.34 -21.87 17.83
C LEU C 182 -11.31 -23.36 18.19
N VAL C 183 -11.62 -24.21 17.22
CA VAL C 183 -11.65 -25.64 17.48
C VAL C 183 -10.30 -26.35 17.55
N SER C 184 -9.24 -25.74 17.02
CA SER C 184 -7.92 -26.38 17.08
C SER C 184 -7.44 -26.44 18.53
N GLY C 185 -7.93 -25.55 19.36
CA GLY C 185 -7.53 -25.53 20.75
C GLY C 185 -8.45 -26.28 21.71
N VAL C 186 -9.44 -27.03 21.21
CA VAL C 186 -10.34 -27.75 22.10
C VAL C 186 -9.62 -28.87 22.88
N PHE C 187 -8.79 -29.65 22.19
CA PHE C 187 -8.00 -30.70 22.83
C PHE C 187 -6.58 -30.20 22.62
N LYS C 188 -6.08 -29.58 23.69
CA LYS C 188 -4.79 -28.88 23.72
C LYS C 188 -3.46 -29.53 23.44
N PRO C 189 -3.15 -30.64 24.12
CA PRO C 189 -1.80 -31.07 23.71
C PRO C 189 -1.73 -32.06 22.56
N ASN C 190 -0.98 -31.68 21.51
CA ASN C 190 -0.74 -32.55 20.36
C ASN C 190 -1.91 -33.41 19.87
N GLN C 191 -3.03 -32.77 19.57
CA GLN C 191 -4.23 -33.45 19.09
C GLN C 191 -4.95 -32.56 18.07
N GLN C 192 -5.92 -33.13 17.36
CA GLN C 192 -6.66 -32.35 16.38
C GLN C 192 -8.15 -32.56 16.56
N THR C 193 -8.94 -31.60 16.10
CA THR C 193 -10.40 -31.65 16.22
C THR C 193 -11.05 -31.05 14.98
N VAL C 194 -12.10 -31.71 14.49
CA VAL C 194 -12.83 -31.19 13.35
C VAL C 194 -14.20 -30.69 13.85
N LEU C 195 -14.71 -29.63 13.22
CA LEU C 195 -15.99 -29.05 13.60
C LEU C 195 -17.05 -29.28 12.56
N LEU C 196 -18.09 -30.05 12.90
CA LEU C 196 -19.17 -30.28 11.95
C LEU C 196 -20.11 -29.06 12.09
N PRO C 197 -20.82 -28.68 11.01
CA PRO C 197 -21.73 -27.52 11.05
C PRO C 197 -22.72 -27.44 12.22
N GLU C 198 -23.38 -28.55 12.52
CA GLU C 198 -24.37 -28.59 13.59
C GLU C 198 -23.86 -28.17 14.99
N SER C 199 -22.54 -28.12 15.16
CA SER C 199 -21.98 -27.76 16.47
C SER C 199 -21.36 -26.36 16.56
N CYS C 200 -21.48 -25.60 15.49
CA CYS C 200 -20.93 -24.24 15.43
C CYS C 200 -21.41 -23.36 16.58
N GLN C 201 -22.72 -23.34 16.84
CA GLN C 201 -23.24 -22.52 17.91
C GLN C 201 -22.73 -22.98 19.26
N HIS C 202 -22.66 -24.30 19.45
CA HIS C 202 -22.14 -24.83 20.69
C HIS C 202 -20.69 -24.33 20.87
N LEU C 203 -19.92 -24.35 19.79
CA LEU C 203 -18.53 -23.90 19.89
C LEU C 203 -18.48 -22.41 20.23
N ILE C 204 -19.28 -21.62 19.52
CA ILE C 204 -19.25 -20.17 19.73
C ILE C 204 -19.71 -19.76 21.12
N HIS C 205 -20.78 -20.38 21.62
CA HIS C 205 -21.31 -20.07 22.95
C HIS C 205 -20.48 -20.70 24.06
N SER C 206 -19.47 -21.48 23.71
CA SER C 206 -18.63 -22.10 24.74
C SER C 206 -17.67 -21.05 25.28
N LEU C 207 -17.46 -19.97 24.51
CA LEU C 207 -16.56 -18.89 24.92
C LEU C 207 -17.19 -18.16 26.10
N ASN C 208 -16.37 -17.62 26.99
CA ASN C 208 -16.90 -16.91 28.15
C ASN C 208 -16.93 -15.40 28.02
N HIS C 209 -16.34 -14.88 26.94
CA HIS C 209 -16.34 -13.44 26.70
C HIS C 209 -16.06 -13.11 25.25
N ILE C 210 -16.78 -12.11 24.73
CA ILE C 210 -16.63 -11.71 23.34
C ILE C 210 -15.19 -11.41 22.92
N LYS C 211 -14.30 -11.16 23.88
CA LYS C 211 -12.91 -10.88 23.56
C LYS C 211 -12.12 -12.16 23.33
N GLU C 212 -12.77 -13.30 23.52
CA GLU C 212 -12.08 -14.56 23.27
C GLU C 212 -12.22 -14.89 21.79
N ILE C 213 -13.11 -14.15 21.13
CA ILE C 213 -13.36 -14.33 19.71
C ILE C 213 -12.21 -13.77 18.88
N PRO C 214 -11.60 -14.61 18.03
CA PRO C 214 -10.49 -14.18 17.18
C PRO C 214 -10.97 -13.04 16.30
N GLY C 215 -10.33 -11.89 16.41
CA GLY C 215 -10.73 -10.74 15.63
C GLY C 215 -11.30 -9.63 16.50
N ILE C 216 -11.29 -9.85 17.81
CA ILE C 216 -11.78 -8.86 18.76
C ILE C 216 -10.74 -8.73 19.87
N GLY C 217 -9.93 -7.68 19.79
CA GLY C 217 -8.90 -7.48 20.80
C GLY C 217 -9.33 -6.60 21.97
N TYR C 218 -8.34 -6.03 22.66
CA TYR C 218 -8.58 -5.17 23.81
C TYR C 218 -9.48 -3.99 23.45
N LYS C 219 -9.09 -3.24 22.42
CA LYS C 219 -9.84 -2.07 21.98
C LYS C 219 -11.34 -2.29 21.77
N THR C 220 -11.71 -3.27 20.94
CA THR C 220 -13.11 -3.54 20.69
C THR C 220 -13.84 -4.13 21.90
N ALA C 221 -13.15 -4.99 22.64
CA ALA C 221 -13.73 -5.59 23.84
C ALA C 221 -14.23 -4.48 24.77
N LYS C 222 -13.46 -3.40 24.86
CA LYS C 222 -13.82 -2.26 25.71
C LYS C 222 -15.01 -1.47 25.17
N CYS C 223 -14.99 -1.17 23.87
CA CYS C 223 -16.08 -0.42 23.25
C CYS C 223 -17.38 -1.21 23.28
N LEU C 224 -17.28 -2.53 23.46
CA LEU C 224 -18.45 -3.39 23.54
C LEU C 224 -18.93 -3.48 24.99
N GLU C 225 -17.98 -3.53 25.91
CA GLU C 225 -18.30 -3.59 27.33
C GLU C 225 -19.09 -2.37 27.77
N ALA C 226 -18.80 -1.23 27.16
CA ALA C 226 -19.46 0.03 27.49
C ALA C 226 -20.87 0.12 26.91
N LEU C 227 -21.22 -0.84 26.05
CA LEU C 227 -22.55 -0.85 25.43
C LEU C 227 -23.45 -1.89 26.09
N GLY C 228 -22.92 -2.60 27.08
CA GLY C 228 -23.71 -3.61 27.74
C GLY C 228 -23.63 -4.90 26.94
N ILE C 229 -22.41 -5.19 26.48
CA ILE C 229 -22.15 -6.39 25.70
C ILE C 229 -20.93 -7.11 26.28
N ASN C 230 -21.18 -8.23 26.95
CA ASN C 230 -20.08 -8.99 27.54
C ASN C 230 -19.99 -10.43 27.03
N SER C 231 -21.14 -11.07 26.86
CA SER C 231 -21.20 -12.46 26.40
C SER C 231 -21.34 -12.55 24.88
N VAL C 232 -21.03 -13.70 24.32
CA VAL C 232 -21.16 -13.87 22.87
C VAL C 232 -22.61 -13.64 22.44
N ARG C 233 -23.56 -14.17 23.21
CA ARG C 233 -24.98 -14.01 22.86
C ARG C 233 -25.42 -12.56 22.97
N ASP C 234 -24.81 -11.81 23.87
CA ASP C 234 -25.15 -10.38 23.99
C ASP C 234 -24.90 -9.73 22.63
N LEU C 235 -23.87 -10.19 21.93
CA LEU C 235 -23.53 -9.63 20.62
C LEU C 235 -24.41 -10.17 19.50
N GLN C 236 -24.76 -11.43 19.56
CA GLN C 236 -25.62 -12.00 18.52
C GLN C 236 -26.97 -11.28 18.50
N THR C 237 -27.46 -10.95 19.68
CA THR C 237 -28.76 -10.31 19.81
C THR C 237 -28.77 -8.78 19.82
N PHE C 238 -27.62 -8.16 20.04
CA PHE C 238 -27.56 -6.70 20.06
C PHE C 238 -28.15 -6.11 18.78
N SER C 239 -28.66 -4.88 18.86
CA SER C 239 -29.25 -4.23 17.68
C SER C 239 -28.16 -3.88 16.68
N PRO C 240 -28.32 -4.28 15.41
CA PRO C 240 -27.34 -4.01 14.36
C PRO C 240 -27.15 -2.51 14.17
N LYS C 241 -28.27 -1.84 13.94
CA LYS C 241 -28.31 -0.40 13.72
C LYS C 241 -27.47 0.35 14.74
N ILE C 242 -27.68 0.07 16.02
CA ILE C 242 -26.93 0.75 17.05
C ILE C 242 -25.44 0.44 16.98
N LEU C 243 -25.12 -0.81 16.65
CA LEU C 243 -23.72 -1.22 16.56
C LEU C 243 -23.04 -0.55 15.36
N GLU C 244 -23.76 -0.54 14.25
CA GLU C 244 -23.26 0.08 13.02
C GLU C 244 -22.94 1.54 13.31
N LYS C 245 -23.87 2.20 13.99
CA LYS C 245 -23.72 3.61 14.34
C LYS C 245 -22.69 3.83 15.44
N GLU C 246 -22.16 2.75 16.00
CA GLU C 246 -21.18 2.86 17.08
C GLU C 246 -19.76 2.48 16.70
N LEU C 247 -19.62 1.39 15.94
CA LEU C 247 -18.30 0.91 15.53
C LEU C 247 -17.99 1.19 14.07
N GLY C 248 -19.02 1.53 13.30
CA GLY C 248 -18.84 1.79 11.89
C GLY C 248 -19.62 0.73 11.17
N ILE C 249 -19.97 0.96 9.91
CA ILE C 249 -20.75 -0.03 9.17
C ILE C 249 -19.94 -1.28 8.82
N SER C 250 -18.63 -1.11 8.62
CA SER C 250 -17.77 -2.23 8.24
C SER C 250 -17.41 -3.10 9.43
N VAL C 251 -16.94 -2.49 10.51
CA VAL C 251 -16.57 -3.26 11.69
C VAL C 251 -17.83 -3.84 12.34
N ALA C 252 -18.90 -3.06 12.34
CA ALA C 252 -20.15 -3.51 12.93
C ALA C 252 -20.59 -4.81 12.30
N GLN C 253 -20.76 -4.80 10.98
CA GLN C 253 -21.18 -5.99 10.27
C GLN C 253 -20.21 -7.16 10.46
N ARG C 254 -18.91 -6.86 10.43
CA ARG C 254 -17.90 -7.90 10.59
C ARG C 254 -17.88 -8.49 12.00
N ILE C 255 -17.73 -7.61 12.99
CA ILE C 255 -17.70 -8.06 14.38
C ILE C 255 -18.93 -8.88 14.73
N GLN C 256 -20.11 -8.38 14.38
CA GLN C 256 -21.32 -9.12 14.70
C GLN C 256 -21.40 -10.48 14.01
N LYS C 257 -20.96 -10.56 12.75
CA LYS C 257 -21.00 -11.83 12.03
C LYS C 257 -20.16 -12.90 12.73
N LEU C 258 -19.00 -12.48 13.24
CA LEU C 258 -18.15 -13.41 13.95
C LEU C 258 -18.88 -13.96 15.19
N SER C 259 -19.81 -13.17 15.73
CA SER C 259 -20.54 -13.61 16.93
C SER C 259 -21.33 -14.87 16.62
N PHE C 260 -21.75 -15.02 15.37
CA PHE C 260 -22.50 -16.19 14.93
C PHE C 260 -21.59 -17.27 14.33
N GLY C 261 -20.28 -17.04 14.33
CA GLY C 261 -19.39 -18.03 13.76
C GLY C 261 -19.27 -17.93 12.24
N GLU C 262 -19.64 -16.78 11.68
CA GLU C 262 -19.55 -16.55 10.25
C GLU C 262 -18.31 -15.71 10.01
N ASP C 263 -17.46 -16.16 9.09
CA ASP C 263 -16.21 -15.45 8.79
C ASP C 263 -15.84 -15.80 7.35
N ASN C 264 -15.96 -14.83 6.45
CA ASN C 264 -15.64 -15.11 5.05
C ASN C 264 -14.22 -14.77 4.59
N SER C 265 -13.43 -14.16 5.45
CA SER C 265 -12.05 -13.79 5.10
C SER C 265 -11.30 -14.98 4.50
N PRO C 266 -10.67 -14.75 3.34
CA PRO C 266 -9.91 -15.79 2.63
C PRO C 266 -8.58 -16.10 3.34
N VAL C 267 -8.07 -17.31 3.15
CA VAL C 267 -6.77 -17.66 3.73
C VAL C 267 -5.77 -16.94 2.80
N ILE C 268 -4.99 -16.03 3.35
CA ILE C 268 -4.02 -15.25 2.56
C ILE C 268 -2.64 -15.89 2.44
N LEU C 269 -2.14 -16.01 1.21
CA LEU C 269 -0.81 -16.59 0.97
C LEU C 269 0.25 -15.61 1.49
N SER C 270 0.89 -15.94 2.61
CA SER C 270 1.90 -15.08 3.22
C SER C 270 3.14 -14.87 2.35
N GLY C 271 3.58 -15.96 1.73
CA GLY C 271 4.78 -15.92 0.92
C GLY C 271 5.93 -15.40 1.76
N PRO C 272 7.03 -15.01 1.14
CA PRO C 272 8.17 -14.52 1.91
C PRO C 272 7.86 -13.25 2.77
N PRO C 273 8.64 -13.00 3.85
CA PRO C 273 8.36 -11.84 4.66
C PRO C 273 8.34 -10.50 3.90
N GLN C 274 7.64 -9.52 4.47
CA GLN C 274 7.54 -8.23 3.79
C GLN C 274 8.34 -7.33 4.55
N SER C 275 8.61 -7.79 5.77
CA SER C 275 9.39 -6.99 6.55
C SER C 275 10.47 -7.75 7.24
N PHE C 276 11.46 -7.04 7.77
CA PHE C 276 12.50 -7.72 8.55
C PHE C 276 12.80 -7.02 9.87
N SER C 277 11.78 -6.68 10.65
CA SER C 277 11.99 -5.95 11.90
C SER C 277 12.56 -6.72 13.10
N GLU C 278 13.15 -5.97 14.04
CA GLU C 278 13.79 -6.50 15.24
C GLU C 278 13.61 -5.51 16.37
N GLU C 279 12.70 -5.84 17.27
CA GLU C 279 12.38 -4.95 18.34
C GLU C 279 13.03 -5.32 19.64
N ASP C 280 13.76 -4.34 20.16
CA ASP C 280 14.44 -4.51 21.43
C ASP C 280 13.67 -3.69 22.48
N SER C 281 12.99 -4.38 23.40
CA SER C 281 12.30 -3.67 24.47
C SER C 281 13.15 -3.83 25.72
N PHE C 282 13.06 -2.87 26.61
CA PHE C 282 13.85 -2.90 27.82
C PHE C 282 13.33 -2.00 28.91
N LYS C 283 13.21 -2.66 30.05
CA LYS C 283 12.73 -2.10 31.27
C LYS C 283 13.50 -0.87 31.72
N LYS C 284 13.61 0.13 30.86
CA LYS C 284 14.26 1.38 31.22
C LYS C 284 15.77 1.38 31.30
N CYS C 285 16.41 0.79 30.30
CA CYS C 285 17.86 0.72 30.25
C CYS C 285 18.61 2.04 29.95
N SER C 286 17.93 3.14 29.59
CA SER C 286 18.64 4.41 29.33
C SER C 286 17.77 5.59 28.82
N SER C 287 18.34 6.79 28.86
CA SER C 287 17.71 8.04 28.41
C SER C 287 18.56 8.73 27.35
N GLU C 288 17.88 9.47 26.48
CA GLU C 288 18.50 10.15 25.37
C GLU C 288 19.83 9.51 24.90
N VAL C 289 20.85 9.50 25.75
CA VAL C 289 22.17 8.92 25.46
C VAL C 289 22.31 7.50 24.85
N GLU C 290 23.35 7.39 24.01
CA GLU C 290 23.87 6.26 23.22
C GLU C 290 22.98 5.18 22.59
N ALA C 291 22.17 5.61 21.62
CA ALA C 291 21.29 4.70 20.89
C ALA C 291 22.01 4.35 19.60
N LYS C 292 23.05 5.14 19.32
CA LYS C 292 23.91 4.96 18.15
C LYS C 292 24.39 3.52 18.13
N ASN C 293 24.88 3.06 19.28
CA ASN C 293 25.37 1.71 19.43
C ASN C 293 24.23 0.69 19.36
N LYS C 294 23.03 1.07 19.83
CA LYS C 294 21.89 0.14 19.78
C LYS C 294 21.52 -0.07 18.31
N ILE C 295 21.49 1.04 17.56
CA ILE C 295 21.17 1.00 16.14
C ILE C 295 22.16 0.11 15.41
N GLU C 296 23.42 0.20 15.81
CA GLU C 296 24.50 -0.55 15.20
C GLU C 296 24.31 -2.08 15.35
N GLU C 297 23.63 -2.48 16.42
CA GLU C 297 23.32 -3.89 16.74
C GLU C 297 22.05 -4.36 16.02
N LEU C 298 20.92 -3.71 16.30
CA LEU C 298 19.64 -4.04 15.68
C LEU C 298 19.77 -4.07 14.17
N LEU C 299 20.52 -3.12 13.63
CA LEU C 299 20.70 -3.03 12.19
C LEU C 299 21.76 -4.01 11.69
N ALA C 300 22.72 -4.34 12.54
CA ALA C 300 23.77 -5.28 12.15
C ALA C 300 23.24 -6.67 11.83
N SER C 301 22.43 -7.20 12.75
CA SER C 301 21.84 -8.52 12.58
C SER C 301 20.97 -8.58 11.31
N LEU C 302 20.18 -7.51 11.12
CA LEU C 302 19.25 -7.34 9.99
C LEU C 302 19.94 -7.40 8.64
N LEU C 303 21.24 -7.12 8.67
CA LEU C 303 22.08 -7.09 7.47
C LEU C 303 22.51 -8.47 7.02
N ASN C 304 22.46 -9.44 7.94
CA ASN C 304 22.80 -10.83 7.59
C ASN C 304 21.53 -11.49 7.12
N ARG C 305 20.40 -11.11 7.72
CA ARG C 305 19.12 -11.70 7.32
C ARG C 305 18.77 -11.23 5.92
N VAL C 306 18.95 -9.93 5.69
CA VAL C 306 18.66 -9.31 4.42
C VAL C 306 19.57 -9.91 3.35
N CYS C 307 20.80 -10.22 3.73
CA CYS C 307 21.71 -10.79 2.75
C CYS C 307 21.30 -12.23 2.43
N GLN C 308 21.01 -13.00 3.48
CA GLN C 308 20.60 -14.39 3.31
C GLN C 308 19.23 -14.50 2.59
N ASP C 309 18.36 -13.51 2.81
CA ASP C 309 17.03 -13.51 2.19
C ASP C 309 17.08 -13.43 0.67
N GLY C 310 17.96 -12.55 0.18
CA GLY C 310 18.17 -12.34 -1.25
C GLY C 310 17.54 -11.07 -1.77
N ARG C 311 16.77 -10.39 -0.91
CA ARG C 311 16.01 -9.17 -1.25
C ARG C 311 16.55 -7.93 -0.54
N LYS C 312 16.24 -6.75 -1.07
CA LYS C 312 16.68 -5.50 -0.45
C LYS C 312 15.58 -4.55 0.06
N PRO C 313 15.65 -4.14 1.36
CA PRO C 313 14.71 -3.23 2.02
C PRO C 313 14.62 -1.79 1.49
N HIS C 314 13.54 -1.41 0.81
CA HIS C 314 13.54 -0.05 0.31
C HIS C 314 13.04 1.01 1.28
N THR C 315 12.62 0.60 2.48
CA THR C 315 12.13 1.53 3.50
C THR C 315 12.49 1.04 4.90
N VAL C 316 12.86 1.97 5.77
CA VAL C 316 13.18 1.64 7.15
C VAL C 316 12.24 2.39 8.07
N ARG C 317 11.69 1.66 9.03
CA ARG C 317 10.76 2.25 9.97
C ARG C 317 11.35 2.30 11.36
N LEU C 318 10.61 2.90 12.27
CA LEU C 318 11.01 3.01 13.67
C LEU C 318 9.80 3.51 14.44
N ILE C 319 9.34 2.70 15.40
CA ILE C 319 8.19 3.05 16.19
C ILE C 319 8.50 3.14 17.68
N ILE C 320 8.12 4.25 18.30
CA ILE C 320 8.35 4.40 19.72
C ILE C 320 7.03 4.30 20.47
N ARG C 321 7.15 3.91 21.74
CA ARG C 321 6.01 3.78 22.65
C ARG C 321 6.37 4.31 24.03
N ARG C 322 5.40 4.93 24.70
CA ARG C 322 5.61 5.49 26.03
C ARG C 322 4.74 4.79 27.05
N TYR C 323 5.10 4.94 28.32
CA TYR C 323 4.41 4.28 29.40
C TYR C 323 3.14 4.91 29.87
N SER C 324 2.09 4.10 29.85
CA SER C 324 0.81 4.58 30.31
C SER C 324 0.15 3.52 31.12
N SER C 325 -0.83 3.97 31.88
CA SER C 325 -1.56 3.05 32.70
C SER C 325 -2.08 1.81 31.99
N GLU C 326 -3.17 1.36 32.62
CA GLU C 326 -3.98 0.21 32.34
C GLU C 326 -3.67 -0.68 31.15
N LYS C 327 -3.41 -0.10 29.98
CA LYS C 327 -3.14 -0.97 28.82
C LYS C 327 -1.79 -0.76 28.20
N HIS C 328 -1.06 0.22 28.73
CA HIS C 328 0.25 0.50 28.21
C HIS C 328 0.27 1.05 26.79
N TYR C 329 -0.76 1.78 26.36
CA TYR C 329 -0.71 2.32 25.01
C TYR C 329 0.67 2.93 24.78
N GLY C 330 1.33 2.46 23.72
CA GLY C 330 2.66 2.94 23.38
C GLY C 330 2.87 3.06 21.89
N ARG C 331 1.78 3.15 21.12
CA ARG C 331 1.89 3.30 19.68
C ARG C 331 2.51 4.67 19.38
N GLU C 332 3.57 4.67 18.59
CA GLU C 332 4.26 5.91 18.21
C GLU C 332 5.19 5.51 17.07
N SER C 333 5.20 6.27 15.97
CA SER C 333 6.04 5.89 14.82
C SER C 333 6.17 6.94 13.71
N ARG C 334 7.28 6.83 12.98
CA ARG C 334 7.75 7.67 11.84
C ARG C 334 8.37 6.74 10.80
N GLN C 335 8.18 7.04 9.52
CA GLN C 335 8.75 6.18 8.46
C GLN C 335 9.14 7.02 7.25
N CYS C 336 10.13 6.53 6.50
CA CYS C 336 10.63 7.21 5.31
C CYS C 336 11.37 6.36 4.27
N PRO C 337 11.69 6.96 3.10
CA PRO C 337 12.40 6.31 2.00
C PRO C 337 13.85 5.95 2.31
N ILE C 338 14.47 5.21 1.41
CA ILE C 338 15.84 4.82 1.64
C ILE C 338 16.71 4.97 0.40
N PRO C 339 17.98 5.39 0.57
CA PRO C 339 18.88 5.55 -0.55
C PRO C 339 19.17 4.33 -1.45
N SER C 340 19.19 4.70 -2.73
CA SER C 340 19.42 3.92 -3.93
C SER C 340 20.75 4.16 -4.58
N HIS C 341 21.29 2.98 -4.89
CA HIS C 341 22.53 2.65 -5.54
C HIS C 341 23.69 2.41 -4.59
N VAL C 342 23.64 3.09 -3.46
CA VAL C 342 24.69 2.96 -2.44
C VAL C 342 24.25 2.00 -1.36
N ILE C 343 23.08 2.29 -0.80
CA ILE C 343 22.52 1.51 0.28
C ILE C 343 22.31 0.04 0.00
N GLN C 344 21.81 -0.29 -1.18
CA GLN C 344 21.56 -1.69 -1.44
C GLN C 344 22.76 -2.42 -2.01
N LYS C 345 23.94 -1.91 -1.66
CA LYS C 345 25.21 -2.45 -2.13
C LYS C 345 25.50 -3.89 -1.73
N LEU C 346 26.43 -4.49 -2.47
CA LEU C 346 26.83 -5.88 -2.23
C LEU C 346 28.31 -5.99 -1.81
N GLY C 347 29.11 -4.99 -2.20
CA GLY C 347 30.56 -4.89 -1.92
C GLY C 347 31.02 -5.13 -0.49
N THR C 348 32.24 -5.63 -0.32
CA THR C 348 32.74 -5.96 1.02
C THR C 348 32.56 -4.83 2.03
N GLY C 349 32.62 -3.56 1.61
CA GLY C 349 32.40 -2.46 2.56
C GLY C 349 30.95 -2.00 2.64
N ASN C 350 30.02 -2.96 2.58
CA ASN C 350 28.60 -2.66 2.63
C ASN C 350 28.07 -2.01 3.92
N TYR C 351 28.77 -2.28 5.02
CA TYR C 351 28.38 -1.81 6.37
C TYR C 351 28.55 -0.31 6.68
N ASP C 352 29.29 0.39 5.84
CA ASP C 352 29.55 1.82 6.05
C ASP C 352 28.25 2.62 6.21
N VAL C 353 27.23 2.16 5.52
CA VAL C 353 25.91 2.75 5.53
C VAL C 353 25.45 3.04 6.98
N MET C 354 25.84 2.17 7.90
CA MET C 354 25.54 2.26 9.34
C MET C 354 25.27 3.68 9.81
N THR C 355 26.10 4.63 9.37
CA THR C 355 25.98 6.06 9.76
C THR C 355 24.72 6.66 9.10
N PRO C 356 24.38 6.25 7.84
CA PRO C 356 23.19 6.75 7.19
C PRO C 356 21.90 6.39 7.95
N MET C 357 21.74 5.12 8.27
CA MET C 357 20.58 4.67 9.02
C MET C 357 20.48 5.40 10.35
N VAL C 358 21.64 5.66 10.97
CA VAL C 358 21.74 6.38 12.25
C VAL C 358 21.10 7.75 12.15
N ASP C 359 21.55 8.51 11.16
CA ASP C 359 20.99 9.83 10.98
C ASP C 359 19.54 9.68 10.63
N ILE C 360 19.28 8.87 9.62
CA ILE C 360 17.93 8.68 9.16
C ILE C 360 16.97 8.28 10.26
N LEU C 361 17.42 7.57 11.28
CA LEU C 361 16.50 7.19 12.34
C LEU C 361 16.41 8.32 13.36
N MET C 362 17.51 9.04 13.54
CA MET C 362 17.60 10.12 14.51
C MET C 362 16.67 11.29 14.26
N LYS C 363 16.51 11.64 12.99
CA LYS C 363 15.63 12.75 12.63
C LYS C 363 14.17 12.33 12.79
N LEU C 364 13.91 11.03 12.65
CA LEU C 364 12.55 10.51 12.84
C LEU C 364 12.31 10.46 14.36
N PHE C 365 13.30 9.98 15.10
CA PHE C 365 13.21 9.87 16.56
C PHE C 365 13.07 11.23 17.24
N ARG C 366 13.73 12.24 16.68
CA ARG C 366 13.64 13.59 17.23
C ARG C 366 12.34 14.26 16.84
N ASN C 367 11.76 13.90 15.69
CA ASN C 367 10.49 14.47 15.25
C ASN C 367 9.44 14.06 16.28
N MET C 368 9.70 12.99 17.04
CA MET C 368 8.72 12.60 18.11
C MET C 368 8.87 13.60 19.29
N VAL C 369 10.04 14.21 19.01
CA VAL C 369 10.93 15.26 19.55
C VAL C 369 10.86 15.54 20.95
N ASN C 370 12.02 15.51 21.60
CA ASN C 370 12.13 15.72 23.04
C ASN C 370 11.03 16.49 23.76
N VAL C 371 10.24 17.27 23.04
CA VAL C 371 9.22 18.10 23.66
C VAL C 371 7.97 17.43 24.25
N LYS C 372 7.70 16.18 23.89
CA LYS C 372 6.46 15.50 24.33
C LYS C 372 6.53 14.70 25.66
N MET C 373 7.63 13.96 25.79
CA MET C 373 8.05 13.11 26.92
C MET C 373 8.93 11.96 26.38
N PRO C 374 8.60 11.67 25.12
CA PRO C 374 9.15 10.69 24.19
C PRO C 374 10.46 9.99 24.48
N PHE C 375 11.41 10.69 25.07
CA PHE C 375 12.65 9.98 25.34
C PHE C 375 12.49 9.03 26.51
N HIS C 376 13.17 7.89 26.40
CA HIS C 376 13.12 6.90 27.46
C HIS C 376 11.72 6.53 27.93
N LEU C 377 10.85 6.08 27.02
CA LEU C 377 9.55 5.61 27.47
C LEU C 377 9.68 4.08 27.47
N THR C 378 10.54 3.59 26.56
CA THR C 378 10.85 2.16 26.40
C THR C 378 12.12 1.96 25.54
N LEU C 379 12.43 0.78 25.00
CA LEU C 379 13.68 0.78 24.27
C LEU C 379 13.69 1.26 22.82
N LEU C 380 14.02 0.35 21.90
CA LEU C 380 14.08 0.64 20.47
C LEU C 380 13.30 -0.37 19.66
N SER C 381 13.01 -0.01 18.40
CA SER C 381 12.34 -0.89 17.47
C SER C 381 12.67 -0.48 16.06
N VAL C 382 13.10 -1.44 15.26
CA VAL C 382 13.38 -1.13 13.90
C VAL C 382 12.58 -2.05 12.98
N CYS C 383 12.28 -1.58 11.77
CA CYS C 383 11.63 -2.40 10.74
C CYS C 383 12.40 -2.12 9.44
N PHE C 384 12.65 -3.13 8.62
CA PHE C 384 13.35 -2.90 7.33
C PHE C 384 12.21 -2.78 6.31
N CYS C 385 11.01 -2.88 6.86
CA CYS C 385 9.74 -2.76 6.14
C CYS C 385 9.92 -2.28 4.75
N ASN C 386 9.27 -3.11 3.94
CA ASN C 386 9.01 -3.29 2.49
C ASN C 386 10.23 -3.92 1.81
N LEU C 387 10.14 -5.17 1.33
CA LEU C 387 11.24 -5.87 0.65
C LEU C 387 10.90 -6.35 -0.77
N LYS C 388 11.67 -5.96 -1.77
CA LYS C 388 11.42 -6.36 -3.15
C LYS C 388 12.68 -6.91 -3.83
N SER D 1 22.72 7.00 -19.87
CA SER D 1 22.63 5.85 -20.82
C SER D 1 21.18 5.64 -21.29
N ARG D 2 20.25 6.32 -20.63
CA ARG D 2 18.83 6.23 -20.98
C ARG D 2 18.40 7.33 -21.96
N VAL D 3 17.41 7.02 -22.78
CA VAL D 3 16.84 7.97 -23.73
C VAL D 3 15.35 7.99 -23.40
N ILE D 4 14.92 9.10 -22.82
CA ILE D 4 13.54 9.30 -22.38
C ILE D 4 12.86 10.40 -23.18
N VAL D 5 11.59 10.20 -23.50
CA VAL D 5 10.83 11.22 -24.21
C VAL D 5 9.64 11.62 -23.37
N HIS D 6 9.38 12.92 -23.32
CA HIS D 6 8.25 13.45 -22.56
C HIS D 6 7.33 14.08 -23.59
N VAL D 7 6.10 13.58 -23.64
CA VAL D 7 5.09 14.08 -24.56
C VAL D 7 4.08 14.91 -23.80
N ASP D 8 3.89 16.14 -24.26
CA ASP D 8 3.00 17.08 -23.61
C ASP D 8 2.12 17.75 -24.65
N LEU D 9 0.83 17.46 -24.62
CA LEU D 9 -0.08 18.00 -25.59
C LEU D 9 -0.43 19.47 -25.39
N ASP D 10 -0.73 20.11 -26.51
CA ASP D 10 -1.10 21.52 -26.51
C ASP D 10 -2.51 21.70 -25.96
N CYS D 11 -2.69 22.68 -25.07
CA CYS D 11 -3.99 23.02 -24.49
C CYS D 11 -4.96 21.85 -24.68
N PHE D 12 -4.65 20.72 -24.03
CA PHE D 12 -5.42 19.50 -24.19
C PHE D 12 -6.94 19.62 -24.24
N TYR D 13 -7.58 20.09 -23.17
CA TYR D 13 -9.03 20.23 -23.16
C TYR D 13 -9.53 21.10 -24.34
N ALA D 14 -8.88 22.23 -24.58
CA ALA D 14 -9.31 23.07 -25.70
C ALA D 14 -9.21 22.27 -27.00
N GLN D 15 -8.15 21.48 -27.15
CA GLN D 15 -7.97 20.67 -28.37
C GLN D 15 -9.08 19.67 -28.56
N VAL D 16 -9.52 19.06 -27.46
CA VAL D 16 -10.59 18.07 -27.55
C VAL D 16 -11.93 18.74 -27.84
N GLU D 17 -12.07 20.00 -27.43
CA GLU D 17 -13.32 20.72 -27.70
C GLU D 17 -13.36 21.17 -29.16
N MET D 18 -12.22 21.59 -29.69
CA MET D 18 -12.13 22.04 -31.08
C MET D 18 -12.32 20.90 -32.07
N ILE D 19 -11.81 19.72 -31.72
CA ILE D 19 -11.94 18.56 -32.59
C ILE D 19 -13.39 18.10 -32.65
N SER D 20 -14.16 18.44 -31.61
CA SER D 20 -15.57 18.06 -31.56
C SER D 20 -16.50 19.17 -32.03
N ASN D 21 -15.92 20.31 -32.43
CA ASN D 21 -16.71 21.43 -32.92
C ASN D 21 -15.83 22.47 -33.63
N PRO D 22 -15.53 22.23 -34.91
CA PRO D 22 -14.69 23.12 -35.72
C PRO D 22 -15.11 24.59 -35.67
N GLU D 23 -16.40 24.83 -35.50
CA GLU D 23 -16.93 26.20 -35.44
C GLU D 23 -16.24 26.99 -34.33
N LEU D 24 -15.47 26.29 -33.50
CA LEU D 24 -14.73 26.92 -32.40
C LEU D 24 -13.30 27.21 -32.83
N LYS D 25 -12.79 26.42 -33.76
CA LYS D 25 -11.42 26.58 -34.24
C LYS D 25 -11.08 28.04 -34.55
N ASP D 26 -9.79 28.33 -34.62
CA ASP D 26 -9.27 29.67 -34.89
C ASP D 26 -10.03 30.79 -34.19
N LYS D 27 -10.69 30.46 -33.09
CA LYS D 27 -11.43 31.45 -32.31
C LYS D 27 -11.00 31.35 -30.84
N PRO D 28 -10.49 32.45 -30.27
CA PRO D 28 -10.02 32.49 -28.88
C PRO D 28 -10.95 31.72 -27.95
N LEU D 29 -10.61 30.48 -27.67
CA LEU D 29 -11.44 29.64 -26.82
C LEU D 29 -10.80 29.24 -25.50
N GLY D 30 -11.65 29.14 -24.50
CA GLY D 30 -11.21 28.73 -23.18
C GLY D 30 -12.21 27.73 -22.66
N VAL D 31 -11.75 26.75 -21.90
CA VAL D 31 -12.63 25.74 -21.36
C VAL D 31 -12.88 26.13 -19.90
N GLN D 32 -14.15 26.22 -19.54
CA GLN D 32 -14.51 26.61 -18.19
C GLN D 32 -15.06 25.50 -17.30
N GLN D 33 -14.58 25.53 -16.04
CA GLN D 33 -15.00 24.66 -14.98
C GLN D 33 -15.54 25.67 -13.96
N LYS D 34 -16.60 25.27 -13.28
CA LYS D 34 -17.33 26.09 -12.32
C LYS D 34 -17.14 27.58 -12.58
N TYR D 35 -16.10 28.10 -11.95
CA TYR D 35 -15.69 29.49 -12.05
C TYR D 35 -14.20 29.45 -12.31
N LEU D 36 -13.79 28.68 -13.32
CA LEU D 36 -12.38 28.56 -13.64
C LEU D 36 -12.12 28.24 -15.11
N VAL D 37 -11.34 29.09 -15.75
CA VAL D 37 -10.96 28.87 -17.15
C VAL D 37 -9.70 28.04 -17.01
N VAL D 38 -9.89 26.74 -16.86
CA VAL D 38 -8.79 25.81 -16.67
C VAL D 38 -7.73 25.91 -17.77
N THR D 39 -8.15 26.18 -19.00
CA THR D 39 -7.20 26.30 -20.10
C THR D 39 -7.89 26.87 -21.33
N CYS D 40 -7.09 27.25 -22.33
CA CYS D 40 -7.64 27.81 -23.55
C CYS D 40 -6.62 27.66 -24.68
N ASN D 41 -7.09 27.72 -25.92
CA ASN D 41 -6.20 27.57 -27.06
C ASN D 41 -5.20 28.73 -27.19
N TYR D 42 -4.15 28.51 -27.96
CA TYR D 42 -3.11 29.53 -28.15
C TYR D 42 -3.61 30.80 -28.81
N GLU D 43 -4.67 30.71 -29.61
CA GLU D 43 -5.20 31.89 -30.26
C GLU D 43 -5.97 32.72 -29.23
N ALA D 44 -5.52 32.64 -27.99
CA ALA D 44 -6.15 33.37 -26.89
C ALA D 44 -5.14 33.62 -25.77
N ARG D 45 -4.13 32.75 -25.69
CA ARG D 45 -3.10 32.91 -24.67
C ARG D 45 -2.32 34.19 -24.95
N LYS D 46 -2.43 34.67 -26.18
CA LYS D 46 -1.74 35.89 -26.60
C LYS D 46 -2.77 36.99 -26.82
N LEU D 47 -4.00 36.59 -27.14
CA LEU D 47 -5.09 37.52 -27.39
C LEU D 47 -5.63 38.17 -26.13
N GLY D 48 -4.77 38.31 -25.12
CA GLY D 48 -5.20 38.95 -23.89
C GLY D 48 -4.63 38.38 -22.59
N VAL D 49 -3.35 38.04 -22.60
CA VAL D 49 -2.70 37.50 -21.41
C VAL D 49 -3.56 36.38 -20.81
N LYS D 50 -4.46 35.83 -21.63
CA LYS D 50 -5.36 34.77 -21.18
C LYS D 50 -4.60 33.46 -21.05
N LYS D 51 -4.03 33.20 -19.89
CA LYS D 51 -3.30 31.96 -19.66
C LYS D 51 -4.15 31.00 -18.83
N LEU D 52 -3.54 29.91 -18.38
CA LEU D 52 -4.26 28.91 -17.58
C LEU D 52 -4.43 29.36 -16.13
N MET D 53 -5.44 28.80 -15.47
CA MET D 53 -5.75 29.08 -14.06
C MET D 53 -6.61 30.31 -13.78
N ASN D 54 -6.86 31.15 -14.78
CA ASN D 54 -7.68 32.33 -14.58
C ASN D 54 -9.16 32.02 -14.79
N VAL D 55 -10.03 32.94 -14.40
CA VAL D 55 -11.48 32.76 -14.53
C VAL D 55 -12.08 33.81 -15.47
N ARG D 56 -13.40 33.94 -15.42
CA ARG D 56 -14.11 34.93 -16.25
C ARG D 56 -13.40 36.26 -16.08
N ASP D 57 -12.58 36.35 -15.03
CA ASP D 57 -11.81 37.54 -14.74
C ASP D 57 -10.96 37.87 -15.96
N ALA D 58 -10.44 36.82 -16.61
CA ALA D 58 -9.61 36.95 -17.79
C ALA D 58 -10.45 37.10 -19.05
N LYS D 59 -11.77 36.99 -18.90
CA LYS D 59 -12.67 37.15 -20.05
C LYS D 59 -12.61 38.61 -20.44
N GLU D 60 -12.13 39.43 -19.51
CA GLU D 60 -11.99 40.86 -19.74
C GLU D 60 -11.31 41.08 -21.08
N LYS D 61 -10.13 40.51 -21.25
CA LYS D 61 -9.40 40.63 -22.51
C LYS D 61 -10.29 40.07 -23.63
N CYS D 62 -10.81 40.97 -24.45
CA CYS D 62 -11.68 40.62 -25.57
C CYS D 62 -12.75 39.61 -25.13
N PRO D 63 -13.76 40.08 -24.39
CA PRO D 63 -14.86 39.24 -23.91
C PRO D 63 -15.47 38.36 -25.00
N GLN D 64 -15.05 38.58 -26.24
CA GLN D 64 -15.54 37.79 -27.35
C GLN D 64 -14.93 36.40 -27.25
N LEU D 65 -14.30 36.14 -26.10
CA LEU D 65 -13.66 34.86 -25.81
C LEU D 65 -14.73 33.80 -25.56
N VAL D 66 -14.87 32.86 -26.49
CA VAL D 66 -15.85 31.79 -26.39
C VAL D 66 -15.64 30.90 -25.17
N LEU D 67 -16.72 30.29 -24.69
CA LEU D 67 -16.64 29.44 -23.52
C LEU D 67 -17.43 28.14 -23.66
N VAL D 68 -16.83 27.06 -23.16
CA VAL D 68 -17.44 25.74 -23.17
C VAL D 68 -17.19 25.17 -21.79
N ASN D 69 -18.18 24.49 -21.24
CA ASN D 69 -18.02 23.90 -19.92
C ASN D 69 -17.21 22.62 -20.01
N GLY D 70 -16.20 22.50 -19.15
CA GLY D 70 -15.36 21.32 -19.17
C GLY D 70 -15.35 20.55 -17.86
N GLU D 71 -16.49 20.53 -17.17
CA GLU D 71 -16.63 19.82 -15.90
C GLU D 71 -16.63 18.31 -16.07
N ASP D 72 -17.39 17.82 -17.04
CA ASP D 72 -17.44 16.40 -17.34
C ASP D 72 -16.11 16.09 -18.01
N LEU D 73 -15.34 15.16 -17.44
CA LEU D 73 -14.04 14.81 -17.99
C LEU D 73 -14.05 13.60 -18.92
N THR D 74 -15.19 12.93 -18.98
CA THR D 74 -15.34 11.74 -19.82
C THR D 74 -14.58 11.78 -21.14
N ARG D 75 -14.90 12.77 -21.99
CA ARG D 75 -14.26 12.87 -23.29
C ARG D 75 -12.74 13.11 -23.23
N TYR D 76 -12.29 13.87 -22.24
CA TYR D 76 -10.86 14.13 -22.09
C TYR D 76 -10.19 12.83 -21.68
N ARG D 77 -10.77 12.15 -20.70
CA ARG D 77 -10.21 10.90 -20.22
C ARG D 77 -10.03 9.91 -21.35
N GLU D 78 -11.08 9.73 -22.14
CA GLU D 78 -11.03 8.77 -23.25
C GLU D 78 -9.94 9.12 -24.26
N MET D 79 -9.85 10.39 -24.66
CA MET D 79 -8.80 10.74 -25.59
C MET D 79 -7.43 10.51 -24.91
N SER D 80 -7.34 10.85 -23.62
CA SER D 80 -6.10 10.66 -22.89
C SER D 80 -5.55 9.23 -22.96
N TYR D 81 -6.41 8.24 -22.76
CA TYR D 81 -5.95 6.86 -22.82
C TYR D 81 -5.66 6.44 -24.26
N LYS D 82 -6.32 7.07 -25.23
CA LYS D 82 -6.03 6.73 -26.62
C LYS D 82 -4.61 7.17 -26.93
N VAL D 83 -4.19 8.32 -26.38
CA VAL D 83 -2.84 8.80 -26.62
C VAL D 83 -1.86 7.84 -25.98
N THR D 84 -2.13 7.49 -24.72
CA THR D 84 -1.25 6.58 -24.01
C THR D 84 -1.11 5.23 -24.71
N GLU D 85 -2.22 4.67 -25.19
CA GLU D 85 -2.17 3.38 -25.88
C GLU D 85 -1.36 3.51 -27.16
N LEU D 86 -1.63 4.57 -27.91
CA LEU D 86 -0.89 4.80 -29.15
C LEU D 86 0.59 4.82 -28.80
N LEU D 87 0.96 5.53 -27.73
CA LEU D 87 2.35 5.58 -27.34
C LEU D 87 2.88 4.21 -26.90
N GLU D 88 2.06 3.46 -26.17
CA GLU D 88 2.47 2.13 -25.73
C GLU D 88 2.78 1.22 -26.91
N GLU D 89 2.23 1.55 -28.08
CA GLU D 89 2.46 0.76 -29.28
C GLU D 89 3.89 0.90 -29.77
N PHE D 90 4.46 2.10 -29.63
CA PHE D 90 5.84 2.33 -30.03
C PHE D 90 6.77 1.57 -29.08
N SER D 91 6.47 1.66 -27.79
CA SER D 91 7.26 1.01 -26.76
C SER D 91 6.38 0.92 -25.52
N PRO D 92 6.29 -0.27 -24.90
CA PRO D 92 5.48 -0.57 -23.71
C PRO D 92 5.63 0.23 -22.42
N VAL D 93 6.85 0.61 -22.04
CA VAL D 93 7.01 1.34 -20.80
C VAL D 93 6.64 2.81 -20.94
N VAL D 94 5.39 3.10 -20.64
CA VAL D 94 4.86 4.46 -20.75
C VAL D 94 4.22 4.92 -19.44
N GLU D 95 4.61 6.10 -18.97
CA GLU D 95 4.09 6.64 -17.71
C GLU D 95 3.19 7.87 -17.92
N ARG D 96 2.00 7.83 -17.32
CA ARG D 96 1.08 8.96 -17.44
C ARG D 96 1.31 9.95 -16.30
N LEU D 97 1.04 11.21 -16.58
CA LEU D 97 1.16 12.27 -15.62
C LEU D 97 -0.02 13.19 -15.97
N GLY D 98 -1.11 13.06 -15.23
CA GLY D 98 -2.28 13.86 -15.54
C GLY D 98 -2.86 13.29 -16.83
N PHE D 99 -3.81 13.99 -17.43
CA PHE D 99 -4.42 13.51 -18.66
C PHE D 99 -3.70 13.84 -19.97
N ASP D 100 -2.69 14.69 -19.93
CA ASP D 100 -2.03 15.04 -21.19
C ASP D 100 -0.52 14.91 -21.27
N GLU D 101 0.08 14.23 -20.31
CA GLU D 101 1.53 14.06 -20.34
C GLU D 101 1.87 12.58 -20.31
N ASN D 102 2.89 12.20 -21.06
CA ASN D 102 3.32 10.80 -21.09
C ASN D 102 4.83 10.68 -21.18
N PHE D 103 5.40 9.90 -20.27
CA PHE D 103 6.83 9.65 -20.30
C PHE D 103 7.00 8.31 -21.00
N VAL D 104 7.99 8.21 -21.87
CA VAL D 104 8.25 6.99 -22.59
C VAL D 104 9.74 6.67 -22.54
N ASP D 105 10.07 5.46 -22.08
CA ASP D 105 11.47 5.04 -22.02
C ASP D 105 11.80 4.43 -23.37
N LEU D 106 12.63 5.11 -24.14
CA LEU D 106 13.00 4.65 -25.49
C LEU D 106 14.35 3.96 -25.61
N THR D 107 15.06 3.83 -24.48
CA THR D 107 16.39 3.21 -24.48
C THR D 107 16.52 1.95 -25.33
N GLU D 108 15.68 0.94 -25.05
CA GLU D 108 15.74 -0.32 -25.79
C GLU D 108 15.42 -0.13 -27.27
N MET D 109 14.40 0.67 -27.56
CA MET D 109 13.99 0.92 -28.93
C MET D 109 15.11 1.61 -29.70
N VAL D 110 15.68 2.65 -29.11
CA VAL D 110 16.77 3.38 -29.75
C VAL D 110 17.92 2.44 -30.11
N GLU D 111 18.28 1.55 -29.18
CA GLU D 111 19.37 0.60 -29.40
C GLU D 111 19.08 -0.37 -30.55
N LYS D 112 17.90 -0.98 -30.54
CA LYS D 112 17.53 -1.91 -31.61
C LYS D 112 17.64 -1.22 -32.97
N ARG D 113 17.29 0.05 -33.02
CA ARG D 113 17.38 0.77 -34.28
C ARG D 113 18.82 0.94 -34.72
N LEU D 114 19.71 1.30 -33.80
CA LEU D 114 21.10 1.48 -34.14
C LEU D 114 21.76 0.19 -34.62
N GLN D 115 21.40 -0.93 -34.01
CA GLN D 115 21.96 -2.22 -34.40
C GLN D 115 21.60 -2.53 -35.86
N GLN D 116 20.35 -2.27 -36.21
CA GLN D 116 19.86 -2.53 -37.56
C GLN D 116 20.55 -1.65 -38.59
N LEU D 117 21.36 -0.72 -38.13
CA LEU D 117 22.06 0.18 -39.03
C LEU D 117 23.44 -0.36 -39.36
N GLN D 118 23.72 -0.51 -40.66
CA GLN D 118 25.01 -1.01 -41.10
C GLN D 118 26.06 0.00 -40.64
N SER D 119 27.30 -0.45 -40.51
CA SER D 119 28.38 0.44 -40.09
C SER D 119 28.86 1.27 -41.28
N ASP D 120 27.92 1.93 -41.94
CA ASP D 120 28.24 2.76 -43.10
C ASP D 120 27.43 4.05 -43.14
N GLU D 121 26.11 3.91 -43.10
CA GLU D 121 25.22 5.07 -43.15
C GLU D 121 24.81 5.54 -41.76
N LEU D 122 25.60 5.17 -40.75
CA LEU D 122 25.33 5.58 -39.39
C LEU D 122 25.86 7.00 -39.23
N SER D 123 26.48 7.49 -40.31
CA SER D 123 27.04 8.84 -40.35
C SER D 123 26.02 9.81 -40.95
N ALA D 124 24.86 9.28 -41.32
CA ALA D 124 23.79 10.09 -41.91
C ALA D 124 22.62 10.28 -40.95
N VAL D 125 22.83 9.96 -39.67
CA VAL D 125 21.77 10.14 -38.69
C VAL D 125 21.59 11.64 -38.46
N THR D 126 20.38 12.11 -38.67
CA THR D 126 20.08 13.53 -38.49
C THR D 126 19.07 13.72 -37.38
N VAL D 127 18.92 14.95 -36.95
CA VAL D 127 18.00 15.23 -35.89
C VAL D 127 16.65 15.65 -36.43
N SER D 128 15.61 15.41 -35.63
CA SER D 128 14.27 15.79 -35.99
C SER D 128 13.84 16.84 -34.96
N GLY D 129 13.51 18.04 -35.42
CA GLY D 129 13.12 19.09 -34.51
C GLY D 129 14.32 19.90 -34.03
N HIS D 130 14.14 20.67 -32.96
CA HIS D 130 15.17 21.52 -32.40
C HIS D 130 16.21 20.82 -31.53
N VAL D 131 17.40 21.43 -31.49
CA VAL D 131 18.48 20.98 -30.63
C VAL D 131 18.47 22.10 -29.60
N TYR D 132 18.09 21.78 -28.37
CA TYR D 132 17.93 22.75 -27.29
C TYR D 132 18.63 24.12 -27.29
N ASN D 133 19.94 24.17 -27.19
CA ASN D 133 20.61 25.48 -27.12
C ASN D 133 21.41 25.68 -28.39
N ASN D 134 20.78 25.33 -29.52
CA ASN D 134 21.43 25.41 -30.82
C ASN D 134 22.79 24.73 -30.69
N GLN D 135 22.84 23.69 -29.87
CA GLN D 135 24.08 22.97 -29.64
C GLN D 135 24.55 22.13 -30.83
N SER D 136 25.84 22.18 -31.10
CA SER D 136 26.43 21.44 -32.21
C SER D 136 26.41 19.95 -31.96
N ILE D 137 25.96 19.20 -32.94
CA ILE D 137 25.91 17.75 -32.82
C ILE D 137 27.25 17.17 -33.20
N ASN D 138 27.65 16.10 -32.54
CA ASN D 138 28.91 15.42 -32.86
C ASN D 138 28.50 14.02 -33.21
N LEU D 139 28.58 13.69 -34.49
CA LEU D 139 28.19 12.37 -34.97
C LEU D 139 28.98 11.22 -34.37
N LEU D 140 30.19 11.49 -33.89
CA LEU D 140 31.02 10.44 -33.30
C LEU D 140 30.73 10.24 -31.83
N ASP D 141 29.89 11.10 -31.26
CA ASP D 141 29.52 10.97 -29.85
C ASP D 141 28.32 10.02 -29.76
N VAL D 142 28.56 8.80 -29.28
CA VAL D 142 27.52 7.80 -29.17
C VAL D 142 26.26 8.30 -28.47
N LEU D 143 26.42 9.16 -27.47
CA LEU D 143 25.29 9.72 -26.73
C LEU D 143 24.49 10.71 -27.59
N HIS D 144 25.16 11.37 -28.52
CA HIS D 144 24.50 12.32 -29.42
C HIS D 144 23.65 11.52 -30.40
N ILE D 145 24.25 10.47 -30.97
CA ILE D 145 23.56 9.63 -31.94
C ILE D 145 22.30 9.01 -31.36
N ARG D 146 22.38 8.53 -30.12
CA ARG D 146 21.22 7.90 -29.48
C ARG D 146 20.09 8.88 -29.27
N LEU D 147 20.41 10.09 -28.85
CA LEU D 147 19.41 11.12 -28.61
C LEU D 147 18.82 11.61 -29.94
N LEU D 148 19.63 11.58 -31.00
CA LEU D 148 19.12 12.01 -32.30
C LEU D 148 18.10 10.95 -32.72
N VAL D 149 18.46 9.69 -32.58
CA VAL D 149 17.56 8.61 -32.93
C VAL D 149 16.31 8.77 -32.07
N GLY D 150 16.51 9.21 -30.83
CA GLY D 150 15.40 9.44 -29.93
C GLY D 150 14.49 10.53 -30.47
N SER D 151 15.08 11.58 -31.04
CA SER D 151 14.26 12.66 -31.58
C SER D 151 13.42 12.12 -32.74
N GLN D 152 13.96 11.14 -33.46
CA GLN D 152 13.28 10.51 -34.60
C GLN D 152 12.05 9.74 -34.14
N ILE D 153 12.15 9.06 -33.00
CA ILE D 153 11.00 8.31 -32.48
C ILE D 153 9.91 9.31 -32.09
N ALA D 154 10.34 10.38 -31.43
CA ALA D 154 9.43 11.42 -30.98
C ALA D 154 8.63 12.00 -32.15
N ALA D 155 9.32 12.36 -33.22
CA ALA D 155 8.64 12.90 -34.39
C ALA D 155 7.63 11.88 -34.93
N GLU D 156 7.99 10.60 -34.91
CA GLU D 156 7.09 9.56 -35.40
C GLU D 156 5.88 9.46 -34.48
N MET D 157 6.10 9.59 -33.17
CA MET D 157 4.99 9.52 -32.23
C MET D 157 4.06 10.71 -32.45
N ARG D 158 4.61 11.92 -32.60
CA ARG D 158 3.74 13.08 -32.80
C ARG D 158 3.00 13.02 -34.13
N GLU D 159 3.65 12.48 -35.15
CA GLU D 159 3.04 12.32 -36.47
C GLU D 159 1.84 11.38 -36.32
N ALA D 160 2.09 10.23 -35.70
CA ALA D 160 1.06 9.24 -35.46
C ALA D 160 -0.08 9.83 -34.66
N MET D 161 0.24 10.57 -33.60
CA MET D 161 -0.77 11.19 -32.76
C MET D 161 -1.65 12.12 -33.58
N TYR D 162 -1.05 12.84 -34.52
CA TYR D 162 -1.83 13.75 -35.32
C TYR D 162 -2.65 13.03 -36.40
N ASN D 163 -2.02 12.10 -37.09
CA ASN D 163 -2.70 11.37 -38.15
C ASN D 163 -3.80 10.42 -37.68
N GLN D 164 -3.56 9.74 -36.56
CA GLN D 164 -4.53 8.78 -36.03
C GLN D 164 -5.56 9.33 -35.06
N LEU D 165 -5.21 10.39 -34.34
CA LEU D 165 -6.13 10.96 -33.33
C LEU D 165 -6.46 12.44 -33.49
N GLY D 166 -5.79 13.13 -34.40
CA GLY D 166 -6.07 14.56 -34.63
C GLY D 166 -5.52 15.50 -33.56
N LEU D 167 -4.51 15.06 -32.82
CA LEU D 167 -3.93 15.86 -31.75
C LEU D 167 -2.49 16.30 -32.04
N THR D 168 -2.19 17.53 -31.64
CA THR D 168 -0.86 18.11 -31.82
C THR D 168 -0.27 18.19 -30.43
N GLY D 169 1.06 18.27 -30.37
CA GLY D 169 1.70 18.35 -29.06
C GLY D 169 3.19 18.52 -29.14
N CYS D 170 3.80 18.67 -27.97
CA CYS D 170 5.24 18.84 -27.91
C CYS D 170 5.87 17.60 -27.34
N ALA D 171 7.16 17.45 -27.60
CA ALA D 171 7.91 16.33 -27.10
C ALA D 171 9.31 16.82 -26.77
N GLY D 172 9.89 16.22 -25.74
CA GLY D 172 11.22 16.57 -25.32
C GLY D 172 11.98 15.27 -25.16
N VAL D 173 13.21 15.24 -25.67
CA VAL D 173 14.06 14.07 -25.61
C VAL D 173 15.31 14.41 -24.81
N ALA D 174 15.58 13.60 -23.79
CA ALA D 174 16.74 13.80 -22.94
C ALA D 174 17.18 12.49 -22.32
N SER D 175 18.16 12.55 -21.41
CA SER D 175 18.68 11.33 -20.77
C SER D 175 17.93 10.93 -19.51
N ASN D 176 17.01 11.77 -19.03
CA ASN D 176 16.20 11.40 -17.87
C ASN D 176 14.86 12.14 -17.86
N LYS D 177 13.92 11.70 -17.02
CA LYS D 177 12.59 12.31 -16.96
C LYS D 177 12.58 13.82 -16.66
N LEU D 178 13.40 14.23 -15.70
CA LEU D 178 13.49 15.64 -15.30
C LEU D 178 13.82 16.52 -16.51
N LEU D 179 14.93 16.19 -17.16
CA LEU D 179 15.41 16.94 -18.32
C LEU D 179 14.43 16.88 -19.53
N ALA D 180 13.90 15.69 -19.80
CA ALA D 180 12.96 15.50 -20.89
C ALA D 180 11.75 16.40 -20.68
N LYS D 181 11.26 16.44 -19.44
CA LYS D 181 10.12 17.29 -19.14
C LYS D 181 10.46 18.77 -19.27
N LEU D 182 11.62 19.18 -18.74
CA LEU D 182 12.00 20.60 -18.83
C LEU D 182 12.18 21.07 -20.28
N VAL D 183 12.84 20.25 -21.09
CA VAL D 183 13.10 20.64 -22.46
C VAL D 183 11.91 20.51 -23.42
N SER D 184 10.95 19.65 -23.08
CA SER D 184 9.79 19.47 -23.96
C SER D 184 9.06 20.81 -24.09
N GLY D 185 9.23 21.67 -23.08
CA GLY D 185 8.57 22.96 -23.13
C GLY D 185 9.37 24.14 -23.68
N VAL D 186 10.56 23.92 -24.23
CA VAL D 186 11.32 25.08 -24.75
C VAL D 186 10.65 25.76 -25.94
N PHE D 187 10.14 24.97 -26.89
CA PHE D 187 9.43 25.54 -28.03
C PHE D 187 7.99 25.05 -27.87
N LYS D 188 7.25 25.86 -27.11
CA LYS D 188 5.86 25.59 -26.68
C LYS D 188 4.75 25.11 -27.58
N PRO D 189 4.45 25.84 -28.67
CA PRO D 189 3.36 25.37 -29.52
C PRO D 189 3.33 23.88 -29.90
N ASN D 190 3.59 23.55 -31.15
CA ASN D 190 3.54 22.16 -31.57
C ASN D 190 4.89 21.77 -32.15
N GLN D 191 5.87 21.64 -31.26
CA GLN D 191 7.24 21.33 -31.64
C GLN D 191 7.95 20.42 -30.63
N GLN D 192 9.13 19.92 -31.01
CA GLN D 192 9.89 19.06 -30.11
C GLN D 192 11.34 19.52 -30.01
N THR D 193 11.98 19.17 -28.90
CA THR D 193 13.36 19.56 -28.65
C THR D 193 14.15 18.44 -28.00
N VAL D 194 15.39 18.26 -28.44
CA VAL D 194 16.27 17.24 -27.86
C VAL D 194 17.39 17.94 -27.08
N LEU D 195 17.77 17.36 -25.94
CA LEU D 195 18.80 17.94 -25.09
C LEU D 195 20.07 17.14 -25.14
N LEU D 196 21.14 17.72 -25.67
CA LEU D 196 22.42 17.03 -25.69
C LEU D 196 23.05 17.25 -24.31
N PRO D 197 23.86 16.29 -23.84
CA PRO D 197 24.51 16.38 -22.52
C PRO D 197 25.24 17.69 -22.16
N GLU D 198 26.01 18.23 -23.09
CA GLU D 198 26.77 19.45 -22.84
C GLU D 198 25.91 20.67 -22.56
N SER D 199 24.59 20.56 -22.74
CA SER D 199 23.71 21.70 -22.51
C SER D 199 22.85 21.56 -21.25
N CYS D 200 23.06 20.48 -20.52
CA CYS D 200 22.30 20.24 -19.30
C CYS D 200 22.39 21.39 -18.30
N GLN D 201 23.57 21.95 -18.08
CA GLN D 201 23.67 23.04 -17.11
C GLN D 201 22.92 24.28 -17.58
N HIS D 202 23.05 24.60 -18.86
CA HIS D 202 22.38 25.75 -19.46
C HIS D 202 20.85 25.62 -19.27
N LEU D 203 20.32 24.42 -19.44
CA LEU D 203 18.88 24.23 -19.29
C LEU D 203 18.47 24.40 -17.84
N ILE D 204 19.26 23.82 -16.94
CA ILE D 204 18.94 23.89 -15.53
C ILE D 204 19.02 25.31 -14.98
N HIS D 205 20.05 26.06 -15.38
CA HIS D 205 20.21 27.43 -14.92
C HIS D 205 19.31 28.42 -15.65
N SER D 206 18.56 27.94 -16.63
CA SER D 206 17.64 28.82 -17.37
C SER D 206 16.40 29.03 -16.52
N LEU D 207 16.24 28.22 -15.48
CA LEU D 207 15.08 28.34 -14.62
C LEU D 207 15.27 29.56 -13.72
N ASN D 208 14.17 30.23 -13.39
CA ASN D 208 14.25 31.41 -12.54
C ASN D 208 14.05 31.14 -11.06
N HIS D 209 13.51 29.97 -10.73
CA HIS D 209 13.30 29.61 -9.33
C HIS D 209 13.30 28.10 -9.12
N ILE D 210 13.88 27.67 -8.00
CA ILE D 210 13.93 26.25 -7.68
C ILE D 210 12.54 25.62 -7.72
N LYS D 211 11.53 26.47 -7.62
CA LYS D 211 10.15 26.00 -7.65
C LYS D 211 9.81 25.46 -9.04
N GLU D 212 10.54 25.90 -10.05
CA GLU D 212 10.29 25.46 -11.42
C GLU D 212 10.87 24.08 -11.71
N ILE D 213 11.60 23.52 -10.74
CA ILE D 213 12.20 22.21 -10.93
C ILE D 213 11.18 21.10 -10.67
N PRO D 214 11.00 20.19 -11.64
CA PRO D 214 10.04 19.08 -11.49
C PRO D 214 10.44 18.23 -10.29
N GLY D 215 9.60 18.23 -9.27
CA GLY D 215 9.90 17.47 -8.08
C GLY D 215 10.01 18.36 -6.86
N ILE D 216 9.82 19.67 -7.06
CA ILE D 216 9.87 20.63 -5.96
C ILE D 216 8.56 21.42 -5.97
N GLY D 217 7.65 21.03 -5.08
CA GLY D 217 6.35 21.68 -5.03
C GLY D 217 6.25 22.96 -4.20
N TYR D 218 5.02 23.29 -3.82
CA TYR D 218 4.75 24.49 -3.02
C TYR D 218 5.44 24.42 -1.66
N LYS D 219 5.31 23.27 -0.99
CA LYS D 219 5.88 23.07 0.33
C LYS D 219 7.41 23.17 0.38
N THR D 220 8.10 22.17 -0.17
CA THR D 220 9.56 22.19 -0.16
C THR D 220 10.16 23.51 -0.66
N ALA D 221 9.50 24.11 -1.64
CA ALA D 221 9.97 25.39 -2.17
C ALA D 221 9.98 26.39 -1.02
N LYS D 222 9.02 26.24 -0.11
CA LYS D 222 8.92 27.12 1.04
C LYS D 222 10.05 26.84 2.03
N CYS D 223 10.30 25.56 2.34
CA CYS D 223 11.38 25.22 3.26
C CYS D 223 12.69 25.84 2.77
N LEU D 224 13.10 25.45 1.57
CA LEU D 224 14.33 25.95 0.96
C LEU D 224 14.45 27.47 1.03
N GLU D 225 13.33 28.16 0.76
CA GLU D 225 13.31 29.61 0.82
C GLU D 225 13.73 30.12 2.20
N ALA D 226 13.20 29.49 3.25
CA ALA D 226 13.51 29.87 4.62
C ALA D 226 15.02 29.74 4.90
N LEU D 227 15.73 29.07 4.00
CA LEU D 227 17.18 28.91 4.14
C LEU D 227 17.88 29.90 3.23
N GLY D 228 17.10 30.75 2.58
CA GLY D 228 17.68 31.72 1.67
C GLY D 228 17.67 31.19 0.24
N ILE D 229 17.70 29.87 0.11
CA ILE D 229 17.72 29.22 -1.20
C ILE D 229 16.59 29.67 -2.11
N ASN D 230 16.94 30.35 -3.19
CA ASN D 230 15.96 30.84 -4.15
C ASN D 230 16.27 30.37 -5.58
N SER D 231 17.52 30.52 -6.00
CA SER D 231 17.91 30.15 -7.35
C SER D 231 18.43 28.72 -7.45
N VAL D 232 18.42 28.17 -8.67
CA VAL D 232 18.93 26.83 -8.87
C VAL D 232 20.37 26.71 -8.37
N ARG D 233 21.23 27.70 -8.67
CA ARG D 233 22.62 27.62 -8.22
C ARG D 233 22.69 27.68 -6.69
N ASP D 234 21.78 28.42 -6.06
CA ASP D 234 21.79 28.47 -4.59
C ASP D 234 21.69 27.04 -4.04
N LEU D 235 20.83 26.23 -4.64
CA LEU D 235 20.62 24.86 -4.18
C LEU D 235 21.79 23.97 -4.57
N GLN D 236 22.39 24.23 -5.72
CA GLN D 236 23.53 23.45 -6.19
C GLN D 236 24.73 23.60 -5.26
N THR D 237 24.88 24.80 -4.68
CA THR D 237 26.01 25.05 -3.81
C THR D 237 25.71 25.03 -2.32
N PHE D 238 24.46 24.83 -1.94
CA PHE D 238 24.12 24.79 -0.53
C PHE D 238 24.81 23.61 0.14
N SER D 239 25.05 23.72 1.44
CA SER D 239 25.71 22.65 2.19
C SER D 239 24.85 21.39 2.22
N PRO D 240 25.41 20.26 1.78
CA PRO D 240 24.69 18.98 1.75
C PRO D 240 24.23 18.57 3.15
N LYS D 241 25.20 18.48 4.05
CA LYS D 241 24.96 18.10 5.43
C LYS D 241 23.82 18.87 6.09
N ILE D 242 23.78 20.18 5.88
CA ILE D 242 22.73 20.99 6.49
C ILE D 242 21.36 20.77 5.87
N LEU D 243 21.30 20.65 4.55
CA LEU D 243 20.03 20.44 3.86
C LEU D 243 19.51 19.06 4.28
N GLU D 244 20.44 18.12 4.38
CA GLU D 244 20.14 16.75 4.80
C GLU D 244 19.46 16.80 6.16
N LYS D 245 20.15 17.45 7.10
CA LYS D 245 19.64 17.60 8.46
C LYS D 245 18.58 18.67 8.53
N GLU D 246 17.83 18.86 7.44
CA GLU D 246 16.80 19.87 7.41
C GLU D 246 15.53 19.40 6.72
N LEU D 247 15.66 18.45 5.80
CA LEU D 247 14.51 17.92 5.07
C LEU D 247 14.52 16.40 5.06
N GLY D 248 15.60 15.81 5.57
CA GLY D 248 15.72 14.37 5.59
C GLY D 248 16.74 13.91 4.58
N ILE D 249 17.64 13.04 5.01
CA ILE D 249 18.69 12.54 4.12
C ILE D 249 18.15 12.07 2.77
N SER D 250 16.95 11.49 2.78
CA SER D 250 16.33 10.98 1.57
C SER D 250 15.91 12.10 0.62
N VAL D 251 15.14 13.05 1.14
CA VAL D 251 14.68 14.16 0.32
C VAL D 251 15.82 15.13 -0.02
N ALA D 252 16.68 15.40 0.95
CA ALA D 252 17.79 16.29 0.76
C ALA D 252 18.67 15.85 -0.40
N GLN D 253 19.07 14.59 -0.37
CA GLN D 253 19.93 14.03 -1.40
C GLN D 253 19.24 14.01 -2.76
N ARG D 254 17.92 13.83 -2.76
CA ARG D 254 17.17 13.78 -4.02
C ARG D 254 16.99 15.15 -4.68
N ILE D 255 16.43 16.10 -3.94
CA ILE D 255 16.21 17.43 -4.49
C ILE D 255 17.49 18.14 -4.89
N GLN D 256 18.60 17.80 -4.27
CA GLN D 256 19.85 18.45 -4.61
C GLN D 256 20.42 17.87 -5.90
N LYS D 257 20.14 16.59 -6.13
CA LYS D 257 20.58 15.92 -7.34
C LYS D 257 19.86 16.57 -8.52
N LEU D 258 18.59 16.90 -8.31
CA LEU D 258 17.77 17.53 -9.33
C LEU D 258 18.32 18.90 -9.73
N SER D 259 18.82 19.66 -8.77
CA SER D 259 19.33 21.00 -9.05
C SER D 259 20.47 20.92 -10.05
N PHE D 260 21.09 19.75 -10.14
CA PHE D 260 22.18 19.54 -11.09
C PHE D 260 21.71 18.87 -12.39
N GLY D 261 20.41 18.61 -12.49
CA GLY D 261 19.90 17.97 -13.68
C GLY D 261 20.04 16.45 -13.62
N GLU D 262 20.25 15.93 -12.41
CA GLU D 262 20.39 14.49 -12.20
C GLU D 262 19.10 13.94 -11.60
N ASP D 263 18.58 12.88 -12.20
CA ASP D 263 17.36 12.25 -11.74
C ASP D 263 17.33 10.83 -12.27
N ASN D 264 17.47 9.85 -11.37
CA ASN D 264 17.50 8.45 -11.77
C ASN D 264 16.17 7.70 -11.74
N SER D 265 15.10 8.38 -11.34
CA SER D 265 13.79 7.74 -11.27
C SER D 265 13.47 7.05 -12.61
N PRO D 266 12.99 5.81 -12.54
CA PRO D 266 12.66 5.09 -13.77
C PRO D 266 11.28 5.49 -14.31
N VAL D 267 11.09 5.38 -15.62
CA VAL D 267 9.77 5.68 -16.18
C VAL D 267 8.91 4.50 -15.74
N ILE D 268 7.82 4.77 -15.04
CA ILE D 268 6.96 3.70 -14.55
C ILE D 268 5.76 3.36 -15.41
N LEU D 269 5.57 2.06 -15.59
CA LEU D 269 4.44 1.56 -16.33
C LEU D 269 3.19 1.83 -15.51
N SER D 270 2.43 2.70 -16.15
CA SER D 270 1.16 3.23 -15.73
C SER D 270 0.00 2.50 -16.40
N GLY D 271 0.06 1.19 -16.18
CA GLY D 271 -0.91 0.18 -16.58
C GLY D 271 -2.30 0.70 -16.31
N PRO D 272 -3.35 -0.11 -16.46
CA PRO D 272 -4.64 0.50 -16.17
C PRO D 272 -4.85 1.41 -14.96
N PRO D 273 -6.03 2.09 -14.85
CA PRO D 273 -6.27 2.97 -13.72
C PRO D 273 -6.26 2.26 -12.36
N GLN D 274 -5.73 2.93 -11.34
CA GLN D 274 -5.69 2.37 -10.01
C GLN D 274 -6.96 2.80 -9.11
N SER D 275 -7.74 3.78 -9.50
CA SER D 275 -9.01 4.35 -8.80
C SER D 275 -9.86 5.29 -9.70
N PHE D 276 -11.16 5.35 -9.42
CA PHE D 276 -12.15 6.17 -10.13
C PHE D 276 -12.87 7.00 -9.12
N SER D 277 -13.19 8.21 -9.52
CA SER D 277 -13.91 9.10 -8.64
C SER D 277 -14.63 10.12 -9.48
N GLU D 278 -15.74 10.56 -8.92
CA GLU D 278 -16.60 11.56 -9.53
C GLU D 278 -16.83 12.62 -8.53
N GLU D 279 -16.27 13.80 -8.73
CA GLU D 279 -16.62 14.78 -7.77
C GLU D 279 -17.43 15.88 -8.45
N ASP D 280 -18.47 16.33 -7.74
CA ASP D 280 -19.42 17.41 -8.16
C ASP D 280 -19.35 18.40 -7.01
N SER D 281 -19.20 19.67 -7.36
CA SER D 281 -19.08 20.61 -6.28
C SER D 281 -20.01 21.78 -6.34
N PHE D 282 -20.09 22.45 -5.21
CA PHE D 282 -20.89 23.65 -5.12
C PHE D 282 -20.19 24.82 -4.53
N LYS D 283 -18.95 25.02 -4.99
CA LYS D 283 -18.19 26.16 -4.59
C LYS D 283 -18.34 26.70 -3.17
N LYS D 284 -18.26 25.89 -2.12
CA LYS D 284 -18.35 26.51 -0.80
C LYS D 284 -19.78 26.82 -0.37
N CYS D 285 -20.73 26.06 -0.92
CA CYS D 285 -22.11 26.31 -0.59
C CYS D 285 -22.69 25.33 0.44
N SER D 286 -21.88 24.36 0.89
CA SER D 286 -22.36 23.36 1.86
C SER D 286 -22.70 23.93 3.27
N SER D 287 -23.89 23.55 3.76
CA SER D 287 -24.55 23.95 5.04
C SER D 287 -24.38 22.88 6.11
N GLU D 288 -23.80 21.82 5.60
CA GLU D 288 -23.41 20.58 6.22
C GLU D 288 -24.46 19.48 6.28
N VAL D 289 -25.73 19.82 6.17
CA VAL D 289 -26.76 18.78 6.21
C VAL D 289 -27.56 18.70 4.91
N GLU D 290 -27.41 19.69 4.04
CA GLU D 290 -28.20 19.71 2.82
C GLU D 290 -27.42 19.41 1.56
N ALA D 291 -26.31 18.70 1.74
CA ALA D 291 -25.50 18.31 0.63
C ALA D 291 -25.90 16.91 0.13
N LYS D 292 -26.28 16.01 1.04
CA LYS D 292 -26.67 14.62 0.74
C LYS D 292 -27.35 14.28 -0.56
N ASN D 293 -28.15 15.16 -1.15
CA ASN D 293 -28.71 14.69 -2.38
C ASN D 293 -27.69 14.62 -3.49
N LYS D 294 -26.66 15.47 -3.40
CA LYS D 294 -25.62 15.54 -4.43
C LYS D 294 -24.83 14.24 -4.54
N ILE D 295 -24.68 13.57 -3.41
CA ILE D 295 -23.97 12.31 -3.30
C ILE D 295 -24.66 11.25 -4.12
N GLU D 296 -25.96 11.39 -4.25
CA GLU D 296 -26.70 10.40 -4.98
C GLU D 296 -26.42 10.56 -6.47
N GLU D 297 -25.96 11.76 -6.82
CA GLU D 297 -25.67 12.15 -8.18
C GLU D 297 -24.24 11.85 -8.63
N LEU D 298 -23.27 12.53 -8.04
CA LEU D 298 -21.89 12.33 -8.43
C LEU D 298 -21.49 10.84 -8.38
N LEU D 299 -21.82 10.13 -7.31
CA LEU D 299 -21.50 8.71 -7.23
C LEU D 299 -22.35 7.96 -8.27
N ALA D 300 -23.44 8.57 -8.71
CA ALA D 300 -24.32 7.98 -9.72
C ALA D 300 -23.58 7.75 -11.04
N SER D 301 -22.72 8.70 -11.41
CA SER D 301 -21.97 8.60 -12.65
C SER D 301 -20.86 7.57 -12.61
N LEU D 302 -20.21 7.44 -11.46
CA LEU D 302 -19.12 6.47 -11.29
C LEU D 302 -19.56 5.08 -11.75
N LEU D 303 -20.67 4.60 -11.21
CA LEU D 303 -21.15 3.26 -11.56
C LEU D 303 -21.02 3.03 -13.06
N ASN D 304 -21.45 4.02 -13.83
CA ASN D 304 -21.40 3.94 -15.29
C ASN D 304 -19.97 3.67 -15.77
N ARG D 305 -18.98 4.24 -15.09
CA ARG D 305 -17.59 4.01 -15.48
C ARG D 305 -17.19 2.59 -15.08
N VAL D 306 -17.39 2.27 -13.81
CA VAL D 306 -17.06 0.94 -13.31
C VAL D 306 -17.70 -0.12 -14.21
N CYS D 307 -18.99 0.01 -14.46
CA CYS D 307 -19.71 -0.93 -15.32
C CYS D 307 -19.09 -0.98 -16.71
N GLN D 308 -18.78 0.20 -17.25
CA GLN D 308 -18.16 0.33 -18.58
C GLN D 308 -16.87 -0.46 -18.55
N ASP D 309 -15.93 -0.01 -17.72
CA ASP D 309 -14.65 -0.70 -17.55
C ASP D 309 -14.86 -1.73 -16.54
N GLY D 310 -14.24 -2.87 -16.77
CA GLY D 310 -14.32 -3.76 -15.68
C GLY D 310 -13.34 -3.28 -14.63
N ARG D 311 -13.69 -4.06 -13.59
CA ARG D 311 -13.31 -4.28 -12.27
C ARG D 311 -13.92 -3.44 -11.13
N LYS D 312 -14.22 -4.07 -10.01
CA LYS D 312 -14.85 -3.35 -8.95
C LYS D 312 -14.15 -2.75 -7.76
N PRO D 313 -14.64 -1.57 -7.32
CA PRO D 313 -14.14 -0.86 -6.16
C PRO D 313 -14.43 -1.64 -4.85
N HIS D 314 -13.39 -2.04 -4.12
CA HIS D 314 -13.63 -2.78 -2.86
C HIS D 314 -13.49 -1.76 -1.75
N THR D 315 -13.47 -0.51 -2.21
CA THR D 315 -13.32 0.60 -1.34
C THR D 315 -14.10 1.81 -1.80
N VAL D 316 -14.32 2.70 -0.85
CA VAL D 316 -15.04 3.91 -1.08
C VAL D 316 -14.64 4.99 -0.05
N ARG D 317 -15.17 6.18 -0.24
CA ARG D 317 -14.91 7.28 0.65
C ARG D 317 -15.62 8.43 0.03
N LEU D 318 -15.34 9.57 0.63
CA LEU D 318 -15.79 10.81 0.13
C LEU D 318 -14.62 11.59 0.73
N ILE D 319 -14.14 12.60 0.01
CA ILE D 319 -13.01 13.38 0.53
C ILE D 319 -13.45 14.82 0.68
N ILE D 320 -13.17 15.44 1.82
CA ILE D 320 -13.59 16.81 1.99
C ILE D 320 -12.51 17.66 2.61
N ARG D 321 -12.60 18.95 2.36
CA ARG D 321 -11.62 19.87 2.89
C ARG D 321 -12.20 21.21 3.35
N ARG D 322 -11.68 21.73 4.46
CA ARG D 322 -12.10 23.04 4.92
C ARG D 322 -10.94 23.98 4.56
N TYR D 323 -11.25 24.97 3.72
CA TYR D 323 -10.21 25.88 3.29
C TYR D 323 -10.51 27.28 3.76
N SER D 324 -9.40 27.98 3.94
CA SER D 324 -9.35 29.33 4.47
C SER D 324 -8.23 30.04 3.78
N SER D 325 -7.66 31.01 4.49
CA SER D 325 -6.55 31.73 3.92
C SER D 325 -5.44 30.70 3.77
N GLU D 326 -4.72 30.79 2.66
CA GLU D 326 -3.63 29.85 2.45
C GLU D 326 -4.07 28.40 2.18
N LYS D 327 -3.13 27.48 2.44
CA LYS D 327 -3.15 26.00 2.30
C LYS D 327 -4.45 25.21 2.43
N HIS D 328 -4.49 24.03 1.79
CA HIS D 328 -5.66 23.16 1.83
C HIS D 328 -5.31 21.74 2.30
N TYR D 329 -6.31 21.04 2.83
CA TYR D 329 -6.17 19.66 3.33
C TYR D 329 -7.56 19.13 3.71
N GLY D 330 -7.65 18.29 4.73
CA GLY D 330 -8.95 17.76 5.11
C GLY D 330 -8.85 16.58 6.03
N ARG D 331 -9.93 16.37 6.77
CA ARG D 331 -10.06 15.26 7.70
C ARG D 331 -11.45 14.69 7.41
N GLU D 332 -11.80 14.68 6.13
CA GLU D 332 -13.09 14.17 5.67
C GLU D 332 -12.98 12.96 4.79
N SER D 333 -13.72 11.93 5.16
CA SER D 333 -13.68 10.74 4.39
C SER D 333 -13.98 9.52 5.26
N ARG D 334 -14.83 8.66 4.72
CA ARG D 334 -15.22 7.44 5.39
C ARG D 334 -15.12 6.29 4.37
N GLN D 335 -14.33 5.26 4.71
CA GLN D 335 -14.15 4.06 3.87
C GLN D 335 -14.54 2.78 4.58
N CYS D 336 -15.06 1.90 3.75
CA CYS D 336 -15.61 0.61 4.07
C CYS D 336 -15.65 -0.37 2.93
N PRO D 337 -15.30 -1.62 3.25
CA PRO D 337 -15.33 -2.67 2.25
C PRO D 337 -16.80 -2.83 2.01
N ILE D 338 -17.13 -2.47 0.81
CA ILE D 338 -18.48 -2.54 0.44
C ILE D 338 -19.04 -4.01 0.50
N PRO D 339 -20.38 -4.22 0.37
CA PRO D 339 -20.97 -5.55 0.39
C PRO D 339 -20.46 -6.52 -0.70
N SER D 340 -20.06 -7.73 -0.31
CA SER D 340 -19.56 -8.70 -1.30
C SER D 340 -20.50 -8.81 -2.49
N HIS D 341 -21.77 -9.10 -2.22
CA HIS D 341 -22.76 -9.25 -3.28
C HIS D 341 -22.91 -7.98 -4.12
N VAL D 342 -22.93 -6.82 -3.48
CA VAL D 342 -23.08 -5.56 -4.21
C VAL D 342 -21.91 -5.31 -5.16
N ILE D 343 -20.70 -5.54 -4.65
CA ILE D 343 -19.46 -5.37 -5.40
C ILE D 343 -19.37 -6.31 -6.60
N GLN D 344 -19.96 -7.49 -6.48
CA GLN D 344 -19.89 -8.45 -7.57
C GLN D 344 -20.89 -8.24 -8.73
N LYS D 345 -21.88 -7.38 -8.55
CA LYS D 345 -22.89 -7.13 -9.58
C LYS D 345 -23.28 -5.67 -9.66
N LEU D 346 -22.29 -4.78 -9.61
CA LEU D 346 -22.60 -3.35 -9.67
C LEU D 346 -22.94 -2.92 -11.09
N GLY D 347 -23.94 -3.57 -11.68
CA GLY D 347 -24.38 -3.22 -13.02
C GLY D 347 -25.54 -4.10 -13.42
N THR D 348 -26.12 -4.77 -12.43
CA THR D 348 -27.22 -5.66 -12.68
C THR D 348 -28.57 -5.06 -12.29
N GLY D 349 -28.66 -3.74 -12.46
CA GLY D 349 -29.89 -3.00 -12.21
C GLY D 349 -30.21 -2.56 -10.80
N ASN D 350 -29.29 -2.70 -9.86
CA ASN D 350 -29.58 -2.27 -8.48
C ASN D 350 -29.16 -0.82 -8.25
N TYR D 351 -29.98 -0.04 -7.56
CA TYR D 351 -29.54 1.32 -7.22
C TYR D 351 -29.72 1.48 -5.72
N ASP D 352 -30.08 0.39 -5.08
CA ASP D 352 -30.23 0.41 -3.65
C ASP D 352 -28.87 0.50 -2.99
N VAL D 353 -27.86 0.24 -3.81
CA VAL D 353 -26.44 0.31 -3.43
C VAL D 353 -26.04 1.70 -2.94
N MET D 354 -26.80 2.72 -3.35
CA MET D 354 -26.52 4.12 -2.99
C MET D 354 -26.79 4.46 -1.53
N THR D 355 -27.84 3.84 -0.99
CA THR D 355 -28.26 4.02 0.41
C THR D 355 -27.10 3.63 1.32
N PRO D 356 -26.55 2.41 1.12
CA PRO D 356 -25.43 1.90 1.90
C PRO D 356 -24.13 2.76 1.75
N MET D 357 -24.00 3.49 0.64
CA MET D 357 -22.87 4.42 0.40
C MET D 357 -23.17 5.74 1.10
N VAL D 358 -24.46 6.08 1.16
CA VAL D 358 -24.89 7.32 1.78
C VAL D 358 -24.77 7.24 3.30
N ASP D 359 -25.05 6.07 3.86
CA ASP D 359 -24.96 5.91 5.31
C ASP D 359 -23.54 6.05 5.78
N ILE D 360 -22.62 5.58 4.94
CA ILE D 360 -21.24 5.62 5.31
C ILE D 360 -20.61 6.92 4.80
N LEU D 361 -21.25 7.54 3.81
CA LEU D 361 -20.75 8.77 3.24
C LEU D 361 -20.87 9.95 4.18
N MET D 362 -22.06 10.14 4.76
CA MET D 362 -22.31 11.27 5.65
C MET D 362 -22.98 11.04 7.01
N LYS D 363 -23.98 10.19 7.18
CA LYS D 363 -24.52 10.05 8.54
C LYS D 363 -23.49 9.49 9.54
N LEU D 364 -22.48 8.78 9.02
CA LEU D 364 -21.43 8.13 9.84
C LEU D 364 -20.20 8.96 9.82
N PHE D 365 -20.50 10.19 9.48
CA PHE D 365 -19.57 11.29 9.30
C PHE D 365 -19.73 12.44 10.32
N ARG D 366 -18.46 12.79 10.52
CA ARG D 366 -17.68 13.80 11.19
C ARG D 366 -16.63 13.38 12.16
N ASN D 367 -16.75 13.77 13.42
CA ASN D 367 -15.72 13.51 14.41
C ASN D 367 -16.13 12.93 15.73
N MET D 368 -15.19 12.42 16.50
CA MET D 368 -15.63 11.91 17.79
C MET D 368 -16.53 12.96 18.48
N VAL D 369 -17.40 12.49 19.38
CA VAL D 369 -18.30 13.35 20.15
C VAL D 369 -19.37 14.19 19.42
N ASN D 370 -20.12 14.95 20.20
CA ASN D 370 -21.31 15.81 19.78
C ASN D 370 -21.32 17.40 19.89
N VAL D 371 -20.06 17.85 20.34
CA VAL D 371 -20.32 19.28 20.82
C VAL D 371 -20.53 20.45 20.07
N LYS D 372 -19.54 21.21 19.62
CA LYS D 372 -19.83 22.41 18.85
C LYS D 372 -20.22 22.07 17.41
N MET D 373 -20.93 23.02 16.80
CA MET D 373 -21.41 22.92 15.44
C MET D 373 -21.11 24.00 14.37
N PRO D 374 -19.81 24.27 14.01
CA PRO D 374 -19.37 25.22 13.01
C PRO D 374 -19.36 24.74 11.54
N PHE D 375 -20.13 25.28 10.62
CA PHE D 375 -19.83 24.73 9.33
C PHE D 375 -19.03 25.71 8.45
N HIS D 376 -18.49 25.17 7.36
CA HIS D 376 -17.77 25.91 6.29
C HIS D 376 -17.21 24.75 5.47
N LEU D 377 -16.88 25.02 4.23
CA LEU D 377 -16.33 23.96 3.45
C LEU D 377 -16.15 24.45 2.05
N THR D 378 -15.39 23.68 1.32
CA THR D 378 -15.26 24.02 -0.05
C THR D 378 -15.35 22.65 -0.72
N LEU D 379 -15.61 22.67 -2.01
CA LEU D 379 -15.77 21.48 -2.85
C LEU D 379 -15.10 20.20 -2.28
N LEU D 380 -15.84 19.08 -2.43
CA LEU D 380 -15.53 17.71 -1.92
C LEU D 380 -15.53 16.57 -2.99
N SER D 381 -14.68 15.55 -2.86
CA SER D 381 -14.66 14.47 -3.87
C SER D 381 -14.90 13.07 -3.29
N VAL D 382 -15.27 12.09 -4.12
CA VAL D 382 -15.40 10.75 -3.57
C VAL D 382 -14.49 9.84 -4.41
N CYS D 383 -13.74 8.97 -3.75
CA CYS D 383 -12.85 8.04 -4.46
C CYS D 383 -13.49 6.63 -4.48
N PHE D 384 -13.38 5.89 -5.59
CA PHE D 384 -13.93 4.51 -5.70
C PHE D 384 -12.70 3.66 -5.71
N CYS D 385 -11.88 3.89 -4.72
CA CYS D 385 -10.56 3.30 -4.77
C CYS D 385 -9.72 2.32 -3.88
N ASN D 386 -8.94 1.51 -4.65
CA ASN D 386 -7.85 0.34 -4.57
C ASN D 386 -7.61 -0.74 -5.78
N LEU D 387 -8.84 -0.88 -6.39
CA LEU D 387 -9.39 -1.69 -7.48
C LEU D 387 -8.79 -2.99 -7.82
N LYS D 388 -9.45 -4.13 -7.59
CA LYS D 388 -8.85 -5.42 -7.92
C LYS D 388 -9.77 -6.32 -8.78
N SER C 1 22.67 7.18 -20.17
CA SER C 1 22.27 5.88 -20.75
C SER C 1 20.78 5.84 -21.11
N ARG C 2 19.94 6.46 -20.28
CA ARG C 2 18.51 6.47 -20.55
C ARG C 2 18.05 7.55 -21.54
N VAL C 3 17.00 7.24 -22.29
CA VAL C 3 16.43 8.17 -23.24
C VAL C 3 14.93 8.19 -22.93
N ILE C 4 14.50 9.31 -22.40
CA ILE C 4 13.11 9.52 -21.97
C ILE C 4 12.45 10.58 -22.84
N VAL C 5 11.16 10.41 -23.13
CA VAL C 5 10.43 11.41 -23.90
C VAL C 5 9.25 11.85 -23.04
N HIS C 6 8.96 13.15 -23.08
CA HIS C 6 7.83 13.70 -22.35
C HIS C 6 6.90 14.29 -23.41
N VAL C 7 5.66 13.81 -23.44
CA VAL C 7 4.66 14.26 -24.38
C VAL C 7 3.64 15.12 -23.63
N ASP C 8 3.41 16.33 -24.15
CA ASP C 8 2.52 17.29 -23.53
C ASP C 8 1.65 17.91 -24.60
N LEU C 9 0.35 17.63 -24.55
CA LEU C 9 -0.57 18.14 -25.54
C LEU C 9 -0.93 19.62 -25.40
N ASP C 10 -1.15 20.27 -26.53
CA ASP C 10 -1.50 21.68 -26.52
C ASP C 10 -2.93 21.87 -25.98
N CYS C 11 -3.12 22.82 -25.07
CA CYS C 11 -4.43 23.15 -24.50
C CYS C 11 -5.40 21.99 -24.72
N PHE C 12 -5.15 20.89 -24.01
CA PHE C 12 -5.92 19.66 -24.19
C PHE C 12 -7.44 19.79 -24.29
N TYR C 13 -8.08 20.23 -23.21
CA TYR C 13 -9.54 20.40 -23.21
C TYR C 13 -10.03 21.24 -24.40
N ALA C 14 -9.44 22.42 -24.59
CA ALA C 14 -9.88 23.28 -25.69
C ALA C 14 -9.72 22.52 -27.01
N GLN C 15 -8.63 21.77 -27.12
CA GLN C 15 -8.37 21.01 -28.34
C GLN C 15 -9.41 19.92 -28.56
N VAL C 16 -9.86 19.29 -27.47
CA VAL C 16 -10.86 18.25 -27.61
C VAL C 16 -12.21 18.86 -27.97
N GLU C 17 -12.46 20.08 -27.51
CA GLU C 17 -13.70 20.76 -27.82
C GLU C 17 -13.70 21.20 -29.28
N MET C 18 -12.57 21.76 -29.72
CA MET C 18 -12.44 22.21 -31.11
C MET C 18 -12.66 21.09 -32.12
N ILE C 19 -12.35 19.86 -31.72
CA ILE C 19 -12.54 18.73 -32.61
C ILE C 19 -14.00 18.31 -32.63
N SER C 20 -14.64 18.33 -31.46
CA SER C 20 -16.05 17.95 -31.39
C SER C 20 -16.93 18.94 -32.16
N ASN C 21 -16.69 20.23 -31.94
CA ASN C 21 -17.45 21.27 -32.62
C ASN C 21 -16.50 22.05 -33.53
N PRO C 22 -16.17 21.48 -34.70
CA PRO C 22 -15.28 22.01 -35.74
C PRO C 22 -15.36 23.51 -36.02
N GLU C 23 -16.55 24.08 -35.90
CA GLU C 23 -16.73 25.50 -36.17
C GLU C 23 -16.10 26.42 -35.12
N LEU C 24 -15.30 25.85 -34.22
CA LEU C 24 -14.65 26.64 -33.18
C LEU C 24 -13.17 26.83 -33.43
N LYS C 25 -12.57 25.95 -34.23
CA LYS C 25 -11.14 26.01 -34.52
C LYS C 25 -10.55 27.38 -34.83
N ASP C 26 -11.31 28.25 -35.48
CA ASP C 26 -10.80 29.58 -35.83
C ASP C 26 -11.23 30.69 -34.89
N LYS C 27 -12.06 30.36 -33.91
CA LYS C 27 -12.56 31.34 -32.96
C LYS C 27 -11.96 31.15 -31.57
N PRO C 28 -11.49 32.23 -30.94
CA PRO C 28 -10.90 32.21 -29.60
C PRO C 28 -11.75 31.40 -28.63
N LEU C 29 -11.20 30.32 -28.11
CA LEU C 29 -11.94 29.46 -27.21
C LEU C 29 -11.31 29.23 -25.85
N GLY C 30 -12.17 29.15 -24.84
CA GLY C 30 -11.74 28.90 -23.49
C GLY C 30 -12.68 27.86 -22.94
N VAL C 31 -12.18 26.95 -22.12
CA VAL C 31 -13.05 25.93 -21.54
C VAL C 31 -13.38 26.38 -20.13
N GLN C 32 -14.67 26.39 -19.82
CA GLN C 32 -15.13 26.84 -18.52
C GLN C 32 -15.59 25.74 -17.50
N GLN C 33 -15.08 25.89 -16.27
CA GLN C 33 -15.36 25.16 -15.00
C GLN C 33 -15.86 26.38 -14.15
N LYS C 34 -17.05 25.93 -13.67
CA LYS C 34 -18.13 26.62 -13.00
C LYS C 34 -18.21 28.09 -12.83
N TYR C 35 -17.06 28.65 -13.19
CA TYR C 35 -16.92 30.08 -13.29
C TYR C 35 -15.45 30.40 -13.20
N LEU C 36 -14.67 29.60 -13.93
CA LEU C 36 -13.22 29.72 -13.99
C LEU C 36 -12.76 29.10 -15.30
N VAL C 37 -11.93 29.84 -16.04
CA VAL C 37 -11.44 29.37 -17.34
C VAL C 37 -10.22 28.45 -17.18
N VAL C 38 -10.46 27.15 -17.13
CA VAL C 38 -9.38 26.18 -16.95
C VAL C 38 -8.30 26.26 -18.02
N THR C 39 -8.70 26.41 -19.28
CA THR C 39 -7.74 26.48 -20.36
C THR C 39 -8.39 27.07 -21.60
N CYS C 40 -7.56 27.47 -22.56
CA CYS C 40 -8.05 28.07 -23.80
C CYS C 40 -7.07 27.78 -24.93
N ASN C 41 -7.56 27.84 -26.16
CA ASN C 41 -6.71 27.59 -27.32
C ASN C 41 -5.70 28.71 -27.57
N TYR C 42 -4.90 28.56 -28.62
CA TYR C 42 -3.90 29.55 -28.96
C TYR C 42 -4.44 30.64 -29.90
N GLU C 43 -5.76 30.68 -30.05
CA GLU C 43 -6.43 31.68 -30.88
C GLU C 43 -7.04 32.71 -29.94
N ALA C 44 -7.21 32.30 -28.68
CA ALA C 44 -7.76 33.15 -27.64
C ALA C 44 -6.68 33.47 -26.64
N ARG C 45 -5.64 32.62 -26.61
CA ARG C 45 -4.53 32.82 -25.69
C ARG C 45 -3.70 33.97 -26.24
N LYS C 46 -3.91 34.27 -27.53
CA LYS C 46 -3.21 35.36 -28.18
C LYS C 46 -3.52 36.66 -27.46
N LEU C 47 -4.78 36.81 -27.07
CA LEU C 47 -5.23 37.99 -26.36
C LEU C 47 -4.68 37.90 -24.94
N GLY C 48 -4.21 36.72 -24.57
CA GLY C 48 -3.66 36.51 -23.25
C GLY C 48 -4.73 36.18 -22.23
N VAL C 49 -5.12 34.92 -22.16
CA VAL C 49 -6.15 34.49 -21.21
C VAL C 49 -5.61 33.40 -20.29
N LYS C 50 -4.35 33.54 -19.89
CA LYS C 50 -3.69 32.57 -19.02
C LYS C 50 -4.56 31.97 -17.91
N LYS C 51 -5.30 30.91 -18.24
CA LYS C 51 -6.18 30.22 -17.30
C LYS C 51 -6.72 31.10 -16.16
N LEU C 52 -7.15 32.31 -16.50
CA LEU C 52 -7.69 33.24 -15.51
C LEU C 52 -9.08 32.83 -15.06
N MET C 53 -9.70 33.67 -14.23
CA MET C 53 -11.04 33.42 -13.71
C MET C 53 -12.06 34.28 -14.45
N ASN C 54 -13.30 34.24 -13.96
CA ASN C 54 -14.40 35.01 -14.53
C ASN C 54 -14.40 35.10 -16.05
N VAL C 55 -15.28 34.34 -16.68
CA VAL C 55 -15.38 34.34 -18.14
C VAL C 55 -15.64 35.76 -18.67
N ARG C 56 -16.74 36.36 -18.19
CA ARG C 56 -17.13 37.71 -18.60
C ARG C 56 -15.96 38.68 -18.74
N ASP C 57 -14.97 38.57 -17.84
CA ASP C 57 -13.80 39.44 -17.88
C ASP C 57 -13.15 39.35 -19.25
N ALA C 58 -12.63 38.17 -19.58
CA ALA C 58 -11.97 37.94 -20.85
C ALA C 58 -13.02 37.87 -21.97
N LYS C 59 -14.26 37.56 -21.60
CA LYS C 59 -15.37 37.45 -22.55
C LYS C 59 -15.60 38.78 -23.25
N GLU C 60 -15.70 39.85 -22.45
CA GLU C 60 -15.93 41.18 -22.97
C GLU C 60 -14.75 41.68 -23.80
N LYS C 61 -13.57 41.14 -23.54
CA LYS C 61 -12.38 41.56 -24.29
C LYS C 61 -12.18 40.67 -25.49
N CYS C 62 -13.25 40.00 -25.91
CA CYS C 62 -13.18 39.11 -27.07
C CYS C 62 -14.53 38.75 -27.66
N PRO C 63 -15.53 39.64 -27.56
CA PRO C 63 -16.90 39.46 -28.07
C PRO C 63 -17.24 38.21 -28.89
N GLN C 64 -16.33 37.77 -29.75
CA GLN C 64 -16.56 36.56 -30.55
C GLN C 64 -16.13 35.32 -29.77
N LEU C 65 -15.72 35.53 -28.52
CA LEU C 65 -15.26 34.46 -27.63
C LEU C 65 -16.39 33.51 -27.23
N VAL C 66 -16.52 32.41 -27.95
CA VAL C 66 -17.55 31.43 -27.65
C VAL C 66 -16.97 30.37 -26.70
N LEU C 67 -17.53 30.28 -25.50
CA LEU C 67 -17.05 29.32 -24.51
C LEU C 67 -17.90 28.07 -24.37
N VAL C 68 -17.28 27.01 -23.88
CA VAL C 68 -17.93 25.72 -23.68
C VAL C 68 -17.67 25.29 -22.24
N ASN C 69 -18.58 24.48 -21.69
CA ASN C 69 -18.43 24.01 -20.32
C ASN C 69 -17.59 22.75 -20.30
N GLY C 70 -16.61 22.70 -19.39
CA GLY C 70 -15.75 21.54 -19.30
C GLY C 70 -15.86 20.74 -18.01
N GLU C 71 -16.93 20.96 -17.25
CA GLU C 71 -17.15 20.26 -15.99
C GLU C 71 -17.18 18.74 -16.13
N ASP C 72 -17.88 18.23 -17.15
CA ASP C 72 -17.94 16.80 -17.39
C ASP C 72 -16.63 16.44 -18.09
N LEU C 73 -15.84 15.61 -17.44
CA LEU C 73 -14.54 15.21 -17.97
C LEU C 73 -14.56 13.95 -18.82
N THR C 74 -15.71 13.31 -18.91
CA THR C 74 -15.81 12.07 -19.68
C THR C 74 -15.08 12.06 -21.03
N ARG C 75 -15.38 13.03 -21.89
CA ARG C 75 -14.74 13.08 -23.21
C ARG C 75 -13.21 13.21 -23.11
N TYR C 76 -12.74 14.11 -22.24
CA TYR C 76 -11.31 14.33 -22.09
C TYR C 76 -10.62 13.06 -21.60
N ARG C 77 -11.21 12.42 -20.60
CA ARG C 77 -10.64 11.20 -20.04
C ARG C 77 -10.52 10.12 -21.12
N GLU C 78 -11.52 10.02 -21.98
CA GLU C 78 -11.47 9.00 -23.02
C GLU C 78 -10.35 9.30 -24.00
N MET C 79 -10.30 10.53 -24.51
CA MET C 79 -9.26 10.89 -25.46
C MET C 79 -7.90 10.72 -24.78
N SER C 80 -7.83 11.06 -23.49
CA SER C 80 -6.59 10.93 -22.73
C SER C 80 -6.03 9.50 -22.75
N TYR C 81 -6.89 8.49 -22.60
CA TYR C 81 -6.39 7.12 -22.63
C TYR C 81 -6.09 6.63 -24.06
N LYS C 82 -6.74 7.23 -25.05
CA LYS C 82 -6.44 6.84 -26.42
C LYS C 82 -5.00 7.27 -26.69
N VAL C 83 -4.60 8.41 -26.13
CA VAL C 83 -3.25 8.90 -26.33
C VAL C 83 -2.25 7.93 -25.70
N THR C 84 -2.47 7.60 -24.43
CA THR C 84 -1.59 6.70 -23.72
C THR C 84 -1.46 5.34 -24.41
N GLU C 85 -2.60 4.77 -24.81
CA GLU C 85 -2.58 3.46 -25.46
C GLU C 85 -1.79 3.55 -26.75
N LEU C 86 -1.98 4.63 -27.50
CA LEU C 86 -1.24 4.82 -28.74
C LEU C 86 0.25 4.88 -28.37
N LEU C 87 0.60 5.57 -27.30
CA LEU C 87 2.00 5.66 -26.90
C LEU C 87 2.51 4.31 -26.41
N GLU C 88 1.66 3.57 -25.71
CA GLU C 88 2.05 2.24 -25.20
C GLU C 88 2.39 1.32 -26.37
N GLU C 89 1.83 1.60 -27.54
CA GLU C 89 2.09 0.78 -28.72
C GLU C 89 3.54 0.96 -29.18
N PHE C 90 4.08 2.17 -29.07
CA PHE C 90 5.46 2.41 -29.46
C PHE C 90 6.38 1.72 -28.48
N SER C 91 6.07 1.85 -27.19
CA SER C 91 6.84 1.26 -26.12
C SER C 91 5.91 1.11 -24.92
N PRO C 92 5.90 -0.06 -24.28
CA PRO C 92 5.06 -0.40 -23.12
C PRO C 92 5.16 0.45 -21.86
N VAL C 93 6.37 0.81 -21.47
CA VAL C 93 6.57 1.58 -20.25
C VAL C 93 6.19 3.04 -20.44
N VAL C 94 4.93 3.33 -20.16
CA VAL C 94 4.38 4.67 -20.29
C VAL C 94 3.73 5.15 -19.00
N GLU C 95 4.17 6.30 -18.52
CA GLU C 95 3.64 6.88 -17.29
C GLU C 95 2.75 8.09 -17.58
N ARG C 96 1.59 8.14 -16.95
CA ARG C 96 0.69 9.25 -17.12
C ARG C 96 0.88 10.26 -16.00
N LEU C 97 0.65 11.53 -16.32
CA LEU C 97 0.71 12.62 -15.37
C LEU C 97 -0.40 13.56 -15.81
N GLY C 98 -1.54 13.45 -15.15
CA GLY C 98 -2.70 14.27 -15.51
C GLY C 98 -3.32 13.66 -16.76
N PHE C 99 -4.20 14.40 -17.40
CA PHE C 99 -4.89 13.92 -18.60
C PHE C 99 -4.18 14.22 -19.92
N ASP C 100 -3.15 15.06 -19.89
CA ASP C 100 -2.46 15.45 -21.13
C ASP C 100 -0.97 15.20 -21.22
N GLU C 101 -0.38 14.56 -20.21
CA GLU C 101 1.06 14.30 -20.23
C GLU C 101 1.40 12.83 -20.12
N ASN C 102 2.43 12.40 -20.82
CA ASN C 102 2.86 11.02 -20.78
C ASN C 102 4.38 10.90 -20.89
N PHE C 103 4.98 10.13 -19.99
CA PHE C 103 6.42 9.90 -20.05
C PHE C 103 6.59 8.53 -20.67
N VAL C 104 7.60 8.39 -21.51
CA VAL C 104 7.86 7.12 -22.14
C VAL C 104 9.35 6.88 -22.07
N ASP C 105 9.72 5.69 -21.61
CA ASP C 105 11.12 5.33 -21.53
C ASP C 105 11.42 4.68 -22.86
N LEU C 106 12.21 5.35 -23.69
CA LEU C 106 12.54 4.86 -25.02
C LEU C 106 13.90 4.14 -25.09
N THR C 107 14.57 4.03 -23.95
CA THR C 107 15.90 3.41 -23.88
C THR C 107 16.08 2.15 -24.72
N GLU C 108 15.28 1.12 -24.43
CA GLU C 108 15.37 -0.16 -25.16
C GLU C 108 15.10 -0.01 -26.66
N MET C 109 14.09 0.79 -26.97
CA MET C 109 13.69 1.01 -28.36
C MET C 109 14.79 1.68 -29.17
N VAL C 110 15.41 2.71 -28.59
CA VAL C 110 16.48 3.41 -29.27
C VAL C 110 17.62 2.47 -29.63
N GLU C 111 18.07 1.69 -28.65
CA GLU C 111 19.16 0.75 -28.88
C GLU C 111 18.84 -0.24 -30.00
N LYS C 112 17.64 -0.83 -29.93
CA LYS C 112 17.23 -1.78 -30.96
C LYS C 112 17.39 -1.14 -32.33
N ARG C 113 16.99 0.12 -32.45
CA ARG C 113 17.13 0.81 -33.73
C ARG C 113 18.59 0.99 -34.09
N LEU C 114 19.42 1.34 -33.11
CA LEU C 114 20.84 1.53 -33.37
C LEU C 114 21.51 0.24 -33.84
N GLN C 115 21.37 -0.83 -33.05
CA GLN C 115 21.98 -2.10 -33.42
C GLN C 115 21.50 -2.60 -34.78
N GLN C 116 20.21 -2.41 -35.06
CA GLN C 116 19.66 -2.84 -36.34
C GLN C 116 20.18 -1.94 -37.45
N LEU C 117 20.78 -0.83 -37.06
CA LEU C 117 21.32 0.13 -38.04
C LEU C 117 22.70 -0.29 -38.54
N GLN C 118 23.00 0.07 -39.79
CA GLN C 118 24.29 -0.26 -40.38
C GLN C 118 25.44 0.53 -39.74
N SER C 119 26.65 0.31 -40.24
CA SER C 119 27.83 1.00 -39.72
C SER C 119 28.21 2.14 -40.66
N ASP C 120 27.31 2.45 -41.59
CA ASP C 120 27.52 3.52 -42.56
C ASP C 120 26.44 4.58 -42.42
N GLU C 121 25.19 4.14 -42.29
CA GLU C 121 24.07 5.05 -42.14
C GLU C 121 24.04 5.56 -40.70
N LEU C 122 25.17 5.41 -40.02
CA LEU C 122 25.30 5.84 -38.64
C LEU C 122 25.72 7.31 -38.60
N SER C 123 26.33 7.78 -39.69
CA SER C 123 26.78 9.17 -39.80
C SER C 123 25.71 9.95 -40.54
N ALA C 124 24.62 9.26 -40.87
CA ALA C 124 23.51 9.89 -41.57
C ALA C 124 22.43 10.32 -40.59
N VAL C 125 22.47 9.75 -39.40
CA VAL C 125 21.49 10.07 -38.36
C VAL C 125 21.31 11.58 -38.19
N THR C 126 20.06 12.01 -38.12
CA THR C 126 19.76 13.42 -37.95
C THR C 126 18.68 13.64 -36.91
N VAL C 127 18.57 14.87 -36.45
CA VAL C 127 17.60 15.21 -35.45
C VAL C 127 16.26 15.58 -36.06
N SER C 128 15.20 15.41 -35.29
CA SER C 128 13.87 15.79 -35.70
C SER C 128 13.48 16.85 -34.69
N GLY C 129 13.13 18.04 -35.17
CA GLY C 129 12.77 19.10 -34.26
C GLY C 129 13.95 19.97 -33.82
N HIS C 130 13.73 20.74 -32.76
CA HIS C 130 14.74 21.65 -32.22
C HIS C 130 15.78 21.01 -31.34
N VAL C 131 17.01 21.52 -31.43
CA VAL C 131 18.10 21.08 -30.55
C VAL C 131 18.02 22.19 -29.52
N TYR C 132 17.73 21.82 -28.29
CA TYR C 132 17.56 22.80 -27.22
C TYR C 132 18.23 24.18 -27.26
N ASN C 133 19.53 24.26 -27.02
CA ASN C 133 20.19 25.58 -26.97
C ASN C 133 20.95 25.82 -28.26
N ASN C 134 20.34 25.39 -29.36
CA ASN C 134 20.94 25.49 -30.68
C ASN C 134 22.32 24.86 -30.58
N GLN C 135 22.43 23.85 -29.73
CA GLN C 135 23.70 23.18 -29.53
C GLN C 135 24.12 22.29 -30.70
N SER C 136 25.40 22.33 -31.03
CA SER C 136 25.93 21.53 -32.12
C SER C 136 25.91 20.05 -31.76
N ILE C 137 25.62 19.24 -32.77
CA ILE C 137 25.56 17.80 -32.59
C ILE C 137 26.91 17.20 -32.95
N ASN C 138 27.35 16.21 -32.19
CA ASN C 138 28.61 15.55 -32.49
C ASN C 138 28.19 14.12 -32.78
N LEU C 139 28.24 13.75 -34.05
CA LEU C 139 27.83 12.42 -34.48
C LEU C 139 28.58 11.25 -33.83
N LEU C 140 29.82 11.47 -33.42
CA LEU C 140 30.63 10.41 -32.80
C LEU C 140 30.36 10.24 -31.30
N ASP C 141 29.52 11.11 -30.74
CA ASP C 141 29.17 11.03 -29.33
C ASP C 141 27.95 10.10 -29.20
N VAL C 142 28.16 8.90 -28.67
CA VAL C 142 27.09 7.91 -28.53
C VAL C 142 25.85 8.45 -27.85
N LEU C 143 26.04 9.35 -26.89
CA LEU C 143 24.92 9.95 -26.17
C LEU C 143 24.12 10.85 -27.12
N HIS C 144 24.81 11.55 -28.01
CA HIS C 144 24.15 12.43 -28.97
C HIS C 144 23.29 11.63 -29.93
N ILE C 145 23.92 10.65 -30.59
CA ILE C 145 23.23 9.79 -31.55
C ILE C 145 21.96 9.19 -30.94
N ARG C 146 22.09 8.65 -29.74
CA ARG C 146 20.96 8.01 -29.06
C ARG C 146 19.83 8.97 -28.75
N LEU C 147 20.15 10.22 -28.41
CA LEU C 147 19.11 11.20 -28.14
C LEU C 147 18.48 11.63 -29.48
N LEU C 148 19.29 11.71 -30.54
CA LEU C 148 18.75 12.09 -31.84
C LEU C 148 17.78 11.01 -32.31
N VAL C 149 18.14 9.74 -32.11
CA VAL C 149 17.24 8.66 -32.48
C VAL C 149 15.94 8.84 -31.67
N GLY C 150 16.11 9.21 -30.40
CA GLY C 150 14.96 9.43 -29.54
C GLY C 150 14.07 10.53 -30.10
N SER C 151 14.67 11.56 -30.68
CA SER C 151 13.86 12.64 -31.23
C SER C 151 13.11 12.12 -32.45
N GLN C 152 13.64 11.09 -33.09
CA GLN C 152 13.00 10.48 -34.26
C GLN C 152 11.73 9.77 -33.83
N ILE C 153 11.80 9.03 -32.73
CA ILE C 153 10.63 8.32 -32.23
C ILE C 153 9.58 9.31 -31.73
N ALA C 154 10.03 10.43 -31.17
CA ALA C 154 9.09 11.46 -30.67
C ALA C 154 8.29 12.06 -31.83
N ALA C 155 8.95 12.32 -32.95
CA ALA C 155 8.28 12.87 -34.13
C ALA C 155 7.25 11.86 -34.67
N GLU C 156 7.61 10.59 -34.64
CA GLU C 156 6.70 9.54 -35.11
C GLU C 156 5.50 9.44 -34.18
N MET C 157 5.72 9.54 -32.88
CA MET C 157 4.61 9.47 -31.93
C MET C 157 3.69 10.67 -32.14
N ARG C 158 4.27 11.87 -32.34
CA ARG C 158 3.45 13.07 -32.53
C ARG C 158 2.69 12.97 -33.84
N GLU C 159 3.34 12.42 -34.86
CA GLU C 159 2.71 12.26 -36.17
C GLU C 159 1.55 11.28 -36.06
N ALA C 160 1.80 10.12 -35.46
CA ALA C 160 0.75 9.12 -35.29
C ALA C 160 -0.40 9.71 -34.49
N MET C 161 -0.06 10.49 -33.46
CA MET C 161 -1.07 11.12 -32.61
C MET C 161 -1.96 12.04 -33.42
N TYR C 162 -1.38 12.75 -34.38
CA TYR C 162 -2.18 13.65 -35.19
C TYR C 162 -2.99 12.88 -36.25
N ASN C 163 -2.33 12.00 -36.98
CA ASN C 163 -3.02 11.24 -38.02
C ASN C 163 -4.10 10.30 -37.51
N GLN C 164 -3.85 9.65 -36.38
CA GLN C 164 -4.81 8.70 -35.83
C GLN C 164 -5.85 9.27 -34.88
N LEU C 165 -5.54 10.37 -34.20
CA LEU C 165 -6.48 10.97 -33.21
C LEU C 165 -6.79 12.45 -33.40
N GLY C 166 -6.10 13.11 -34.32
CA GLY C 166 -6.36 14.53 -34.57
C GLY C 166 -5.81 15.50 -33.52
N LEU C 167 -4.82 15.06 -32.75
CA LEU C 167 -4.25 15.92 -31.71
C LEU C 167 -2.81 16.33 -31.97
N THR C 168 -2.49 17.57 -31.63
CA THR C 168 -1.13 18.10 -31.77
C THR C 168 -0.62 18.19 -30.35
N GLY C 169 0.69 18.33 -30.19
CA GLY C 169 1.27 18.43 -28.87
C GLY C 169 2.76 18.61 -28.97
N CYS C 170 3.41 18.78 -27.83
CA CYS C 170 4.86 18.94 -27.82
C CYS C 170 5.47 17.71 -27.23
N ALA C 171 6.77 17.55 -27.48
CA ALA C 171 7.54 16.43 -26.97
C ALA C 171 8.92 16.90 -26.57
N GLY C 172 9.45 16.30 -25.51
CA GLY C 172 10.77 16.64 -25.03
C GLY C 172 11.56 15.36 -24.88
N VAL C 173 12.80 15.38 -25.36
CA VAL C 173 13.66 14.23 -25.30
C VAL C 173 14.91 14.60 -24.50
N ALA C 174 15.16 13.85 -23.43
CA ALA C 174 16.32 14.06 -22.56
C ALA C 174 16.76 12.74 -21.95
N SER C 175 17.68 12.80 -20.98
CA SER C 175 18.20 11.60 -20.33
C SER C 175 17.48 11.18 -19.04
N ASN C 176 16.57 12.02 -18.56
CA ASN C 176 15.77 11.66 -17.38
C ASN C 176 14.42 12.40 -17.44
N LYS C 177 13.48 12.07 -16.55
CA LYS C 177 12.16 12.69 -16.57
C LYS C 177 12.10 14.19 -16.33
N LEU C 178 12.87 14.66 -15.34
CA LEU C 178 12.92 16.09 -15.02
C LEU C 178 13.29 16.91 -16.26
N LEU C 179 14.40 16.56 -16.88
CA LEU C 179 14.89 17.27 -18.07
C LEU C 179 13.95 17.13 -19.29
N ALA C 180 13.33 15.96 -19.44
CA ALA C 180 12.40 15.73 -20.53
C ALA C 180 11.20 16.67 -20.39
N LYS C 181 10.68 16.80 -19.17
CA LYS C 181 9.56 17.66 -18.91
C LYS C 181 9.93 19.14 -19.06
N LEU C 182 11.15 19.52 -18.66
CA LEU C 182 11.55 20.93 -18.78
C LEU C 182 11.75 21.35 -20.25
N VAL C 183 12.42 20.51 -21.02
CA VAL C 183 12.71 20.85 -22.40
C VAL C 183 11.54 20.68 -23.39
N SER C 184 10.51 19.92 -23.02
CA SER C 184 9.38 19.73 -23.92
C SER C 184 8.61 21.05 -24.07
N GLY C 185 8.72 21.92 -23.07
CA GLY C 185 8.05 23.21 -23.14
C GLY C 185 8.88 24.37 -23.67
N VAL C 186 10.08 24.11 -24.19
CA VAL C 186 10.91 25.22 -24.70
C VAL C 186 10.28 25.88 -25.95
N PHE C 187 9.79 25.07 -26.88
CA PHE C 187 9.12 25.61 -28.07
C PHE C 187 7.71 25.09 -27.89
N LYS C 188 6.88 25.99 -27.37
CA LYS C 188 5.50 25.72 -26.97
C LYS C 188 4.41 25.22 -27.88
N PRO C 189 4.19 25.88 -29.02
CA PRO C 189 3.09 25.22 -29.73
C PRO C 189 3.45 24.13 -30.73
N ASN C 190 2.89 22.94 -30.53
CA ASN C 190 3.07 21.81 -31.44
C ASN C 190 4.47 21.62 -32.03
N GLN C 191 5.48 21.52 -31.17
CA GLN C 191 6.86 21.33 -31.59
C GLN C 191 7.59 20.42 -30.59
N GLN C 192 8.78 19.96 -30.93
CA GLN C 192 9.53 19.11 -30.03
C GLN C 192 10.97 19.61 -29.92
N THR C 193 11.62 19.27 -28.82
CA THR C 193 13.00 19.68 -28.55
C THR C 193 13.75 18.57 -27.84
N VAL C 194 15.00 18.34 -28.27
CA VAL C 194 15.83 17.35 -27.62
C VAL C 194 16.93 18.08 -26.83
N LEU C 195 17.34 17.52 -25.71
CA LEU C 195 18.36 18.12 -24.86
C LEU C 195 19.65 17.32 -24.88
N LEU C 196 20.72 17.92 -25.41
CA LEU C 196 22.00 17.22 -25.40
C LEU C 196 22.61 17.48 -24.01
N PRO C 197 23.46 16.55 -23.50
CA PRO C 197 24.07 16.70 -22.18
C PRO C 197 24.77 18.05 -21.87
N GLU C 198 25.55 18.55 -22.82
CA GLU C 198 26.28 19.79 -22.63
C GLU C 198 25.41 21.03 -22.33
N SER C 199 24.10 20.94 -22.55
CA SER C 199 23.22 22.08 -22.31
C SER C 199 22.32 21.96 -21.08
N CYS C 200 22.51 20.89 -20.31
CA CYS C 200 21.71 20.66 -19.09
C CYS C 200 21.74 21.83 -18.11
N GLN C 201 22.93 22.34 -17.82
CA GLN C 201 23.05 23.47 -16.89
C GLN C 201 22.37 24.70 -17.45
N HIS C 202 22.53 24.94 -18.74
CA HIS C 202 21.89 26.08 -19.36
C HIS C 202 20.37 25.94 -19.19
N LEU C 203 19.85 24.73 -19.38
CA LEU C 203 18.41 24.51 -19.23
C LEU C 203 17.99 24.74 -17.78
N ILE C 204 18.74 24.18 -16.84
CA ILE C 204 18.36 24.29 -15.44
C ILE C 204 18.43 25.73 -14.92
N HIS C 205 19.49 26.47 -15.29
CA HIS C 205 19.64 27.85 -14.87
C HIS C 205 18.74 28.82 -15.65
N SER C 206 18.01 28.30 -16.63
CA SER C 206 17.12 29.17 -17.40
C SER C 206 15.87 29.45 -16.57
N LEU C 207 15.61 28.60 -15.57
CA LEU C 207 14.46 28.76 -14.70
C LEU C 207 14.65 30.01 -13.85
N ASN C 208 13.56 30.68 -13.48
CA ASN C 208 13.69 31.88 -12.67
C ASN C 208 13.43 31.67 -11.18
N HIS C 209 12.99 30.47 -10.80
CA HIS C 209 12.75 30.17 -9.40
C HIS C 209 12.72 28.67 -9.15
N ILE C 210 13.31 28.26 -8.03
CA ILE C 210 13.37 26.85 -7.68
C ILE C 210 12.03 26.12 -7.70
N LYS C 211 10.93 26.87 -7.62
CA LYS C 211 9.59 26.26 -7.65
C LYS C 211 9.16 25.93 -9.08
N GLU C 212 9.98 26.31 -10.06
CA GLU C 212 9.63 26.00 -11.44
C GLU C 212 10.14 24.61 -11.74
N ILE C 213 10.98 24.09 -10.83
CA ILE C 213 11.55 22.77 -10.96
C ILE C 213 10.51 21.69 -10.67
N PRO C 214 10.28 20.78 -11.63
CA PRO C 214 9.31 19.71 -11.44
C PRO C 214 9.73 18.88 -10.24
N GLY C 215 8.84 18.80 -9.26
CA GLY C 215 9.16 18.05 -8.06
C GLY C 215 9.29 18.96 -6.85
N ILE C 216 9.06 20.25 -7.05
CA ILE C 216 9.12 21.23 -5.97
C ILE C 216 7.87 22.10 -6.04
N GLY C 217 6.90 21.80 -5.19
CA GLY C 217 5.65 22.56 -5.20
C GLY C 217 5.63 23.74 -4.24
N TYR C 218 4.43 24.19 -3.89
CA TYR C 218 4.25 25.31 -2.98
C TYR C 218 4.94 25.08 -1.64
N LYS C 219 4.64 23.95 -1.01
CA LYS C 219 5.21 23.62 0.29
C LYS C 219 6.72 23.73 0.39
N THR C 220 7.44 23.05 -0.50
CA THR C 220 8.91 23.10 -0.47
C THR C 220 9.45 24.47 -0.88
N ALA C 221 8.82 25.10 -1.86
CA ALA C 221 9.25 26.41 -2.31
C ALA C 221 9.30 27.37 -1.11
N LYS C 222 8.33 27.24 -0.22
CA LYS C 222 8.25 28.08 0.98
C LYS C 222 9.34 27.76 2.00
N CYS C 223 9.54 26.47 2.28
CA CYS C 223 10.55 26.03 3.24
C CYS C 223 11.97 26.38 2.74
N LEU C 224 12.09 26.61 1.43
CA LEU C 224 13.38 26.96 0.84
C LEU C 224 13.54 28.48 0.86
N GLU C 225 12.44 29.20 0.62
CA GLU C 225 12.48 30.65 0.64
C GLU C 225 12.88 31.18 2.01
N ALA C 226 12.49 30.46 3.06
CA ALA C 226 12.81 30.84 4.43
C ALA C 226 14.26 30.56 4.81
N LEU C 227 14.97 29.85 3.94
CA LEU C 227 16.37 29.51 4.20
C LEU C 227 17.31 30.40 3.39
N GLY C 228 16.73 31.29 2.59
CA GLY C 228 17.56 32.16 1.77
C GLY C 228 17.91 31.43 0.49
N ILE C 229 16.90 30.74 -0.06
CA ILE C 229 17.06 29.98 -1.30
C ILE C 229 15.93 30.35 -2.25
N ASN C 230 16.24 31.11 -3.28
CA ASN C 230 15.23 31.51 -4.25
C ASN C 230 15.55 31.07 -5.69
N SER C 231 16.82 31.17 -6.08
CA SER C 231 17.25 30.81 -7.43
C SER C 231 17.73 29.36 -7.49
N VAL C 232 17.77 28.79 -8.70
CA VAL C 232 18.24 27.42 -8.84
C VAL C 232 19.68 27.29 -8.32
N ARG C 233 20.53 28.27 -8.63
CA ARG C 233 21.92 28.21 -8.17
C ARG C 233 22.03 28.32 -6.66
N ASP C 234 21.10 29.04 -6.03
CA ASP C 234 21.10 29.14 -4.58
C ASP C 234 21.03 27.73 -4.00
N LEU C 235 20.28 26.86 -4.67
CA LEU C 235 20.11 25.48 -4.22
C LEU C 235 21.29 24.60 -4.56
N GLN C 236 21.89 24.80 -5.73
CA GLN C 236 23.04 23.98 -6.10
C GLN C 236 24.18 24.20 -5.12
N THR C 237 24.34 25.44 -4.68
CA THR C 237 25.43 25.79 -3.78
C THR C 237 25.12 25.71 -2.28
N PHE C 238 23.84 25.67 -1.92
CA PHE C 238 23.48 25.61 -0.50
C PHE C 238 24.20 24.44 0.19
N SER C 239 24.42 24.55 1.49
CA SER C 239 25.10 23.49 2.24
C SER C 239 24.19 22.27 2.35
N PRO C 240 24.70 21.08 1.97
CA PRO C 240 23.93 19.83 2.03
C PRO C 240 23.48 19.54 3.45
N LYS C 241 24.46 19.50 4.34
CA LYS C 241 24.26 19.22 5.75
C LYS C 241 23.08 20.00 6.32
N ILE C 242 23.07 21.31 6.09
CA ILE C 242 21.99 22.13 6.62
C ILE C 242 20.65 21.77 5.99
N LEU C 243 20.66 21.44 4.70
CA LEU C 243 19.43 21.10 3.99
C LEU C 243 18.90 19.76 4.50
N GLU C 244 19.82 18.81 4.66
CA GLU C 244 19.48 17.47 5.14
C GLU C 244 18.81 17.62 6.51
N LYS C 245 19.42 18.43 7.36
CA LYS C 245 18.91 18.67 8.70
C LYS C 245 17.66 19.53 8.71
N GLU C 246 17.25 20.03 7.55
CA GLU C 246 16.06 20.88 7.47
C GLU C 246 14.86 20.24 6.77
N LEU C 247 15.11 19.53 5.68
CA LEU C 247 14.03 18.88 4.93
C LEU C 247 13.98 17.37 5.13
N GLY C 248 15.06 16.81 5.67
CA GLY C 248 15.13 15.38 5.88
C GLY C 248 16.25 14.89 5.00
N ILE C 249 16.80 13.71 5.28
CA ILE C 249 17.90 13.22 4.46
C ILE C 249 17.46 12.78 3.07
N SER C 250 16.22 12.29 2.97
CA SER C 250 15.71 11.81 1.69
C SER C 250 15.28 12.94 0.76
N VAL C 251 14.48 13.88 1.28
CA VAL C 251 14.04 14.99 0.46
C VAL C 251 15.22 15.92 0.15
N ALA C 252 16.09 16.09 1.14
CA ALA C 252 17.26 16.95 0.98
C ALA C 252 18.07 16.50 -0.20
N GLN C 253 18.51 15.24 -0.17
CA GLN C 253 19.30 14.69 -1.26
C GLN C 253 18.57 14.74 -2.60
N ARG C 254 17.28 14.43 -2.58
CA ARG C 254 16.49 14.44 -3.81
C ARG C 254 16.29 15.84 -4.37
N ILE C 255 15.77 16.73 -3.54
CA ILE C 255 15.53 18.10 -3.97
C ILE C 255 16.80 18.75 -4.51
N GLN C 256 17.90 18.61 -3.79
CA GLN C 256 19.15 19.21 -4.24
C GLN C 256 19.65 18.63 -5.56
N LYS C 257 19.51 17.31 -5.74
CA LYS C 257 19.96 16.68 -6.98
C LYS C 257 19.22 17.26 -8.19
N LEU C 258 17.93 17.50 -8.03
CA LEU C 258 17.14 18.07 -9.11
C LEU C 258 17.71 19.45 -9.48
N SER C 259 18.32 20.14 -8.51
CA SER C 259 18.85 21.47 -8.77
C SER C 259 19.92 21.41 -9.84
N PHE C 260 20.61 20.28 -9.91
CA PHE C 260 21.67 20.06 -10.91
C PHE C 260 21.15 19.34 -12.16
N GLY C 261 19.86 19.07 -12.21
CA GLY C 261 19.31 18.37 -13.36
C GLY C 261 19.51 16.87 -13.30
N GLU C 262 19.75 16.33 -12.11
CA GLU C 262 19.92 14.90 -11.92
C GLU C 262 18.61 14.37 -11.36
N ASP C 263 18.08 13.32 -11.98
CA ASP C 263 16.81 12.74 -11.57
C ASP C 263 16.82 11.27 -12.00
N ASN C 264 16.92 10.36 -11.04
CA ASN C 264 16.98 8.95 -11.38
C ASN C 264 15.64 8.19 -11.36
N SER C 265 14.57 8.85 -10.93
CA SER C 265 13.26 8.20 -10.85
C SER C 265 12.93 7.52 -12.18
N PRO C 266 12.51 6.24 -12.11
CA PRO C 266 12.14 5.46 -13.29
C PRO C 266 10.80 5.89 -13.86
N VAL C 267 10.58 5.66 -15.15
CA VAL C 267 9.29 5.98 -15.76
C VAL C 267 8.38 4.83 -15.29
N ILE C 268 7.33 5.16 -14.55
CA ILE C 268 6.42 4.14 -14.01
C ILE C 268 5.25 3.79 -14.93
N LEU C 269 5.05 2.49 -15.16
CA LEU C 269 3.95 2.01 -16.00
C LEU C 269 2.63 2.26 -15.27
N SER C 270 1.85 3.23 -15.71
CA SER C 270 0.58 3.58 -15.08
C SER C 270 -0.46 2.46 -15.15
N GLY C 271 -0.53 1.83 -16.31
CA GLY C 271 -1.51 0.79 -16.52
C GLY C 271 -2.89 1.36 -16.25
N PRO C 272 -3.90 0.50 -16.12
CA PRO C 272 -5.25 0.99 -15.87
C PRO C 272 -5.40 1.83 -14.56
N PRO C 273 -6.42 2.71 -14.47
CA PRO C 273 -6.56 3.50 -13.26
C PRO C 273 -6.66 2.69 -11.96
N GLN C 274 -6.30 3.33 -10.85
CA GLN C 274 -6.33 2.63 -9.58
C GLN C 274 -7.46 3.17 -8.86
N SER C 275 -7.93 4.30 -9.38
CA SER C 275 -9.02 4.87 -8.76
C SER C 275 -10.05 5.37 -9.73
N PHE C 276 -11.24 5.65 -9.23
CA PHE C 276 -12.27 6.22 -10.11
C PHE C 276 -12.98 7.41 -9.49
N SER C 277 -12.24 8.37 -8.92
CA SER C 277 -12.86 9.50 -8.26
C SER C 277 -13.49 10.61 -9.11
N GLU C 278 -14.41 11.36 -8.50
CA GLU C 278 -15.17 12.43 -9.14
C GLU C 278 -15.44 13.52 -8.12
N GLU C 279 -14.68 14.61 -8.25
CA GLU C 279 -14.80 15.68 -7.31
C GLU C 279 -15.63 16.82 -7.79
N ASP C 280 -16.63 17.14 -6.99
CA ASP C 280 -17.52 18.25 -7.29
C ASP C 280 -17.17 19.38 -6.31
N SER C 281 -16.57 20.45 -6.83
CA SER C 281 -16.30 21.60 -5.98
C SER C 281 -17.33 22.65 -6.32
N PHE C 282 -17.63 23.50 -5.35
CA PHE C 282 -18.63 24.52 -5.53
C PHE C 282 -18.55 25.65 -4.54
N LYS C 283 -18.55 26.82 -5.14
CA LYS C 283 -18.47 28.09 -4.48
C LYS C 283 -19.55 28.30 -3.44
N LYS C 284 -19.68 27.38 -2.50
CA LYS C 284 -20.64 27.53 -1.40
C LYS C 284 -22.09 27.30 -1.72
N CYS C 285 -22.37 26.22 -2.45
CA CYS C 285 -23.72 25.89 -2.83
C CYS C 285 -24.66 25.37 -1.71
N SER C 286 -24.16 25.09 -0.49
CA SER C 286 -25.04 24.63 0.61
C SER C 286 -24.34 24.24 1.93
N SER C 287 -25.15 24.11 2.99
CA SER C 287 -24.71 23.73 4.34
C SER C 287 -25.44 22.48 4.81
N GLU C 288 -24.77 21.74 5.68
CA GLU C 288 -25.25 20.48 6.21
C GLU C 288 -26.28 19.78 5.30
N VAL C 289 -27.45 20.40 5.07
CA VAL C 289 -28.54 19.89 4.22
C VAL C 289 -28.23 19.33 2.80
N GLU C 290 -29.03 18.30 2.47
CA GLU C 290 -29.12 17.48 1.25
C GLU C 290 -27.92 17.11 0.38
N ALA C 291 -27.04 16.31 0.96
CA ALA C 291 -25.86 15.81 0.25
C ALA C 291 -26.19 14.42 -0.25
N LYS C 292 -27.29 13.90 0.29
CA LYS C 292 -27.82 12.59 -0.08
C LYS C 292 -27.97 12.54 -1.59
N ASN C 293 -28.59 13.59 -2.13
CA ASN C 293 -28.82 13.71 -3.56
C ASN C 293 -27.49 13.94 -4.30
N LYS C 294 -26.54 14.63 -3.68
CA LYS C 294 -25.24 14.85 -4.35
C LYS C 294 -24.53 13.50 -4.48
N ILE C 295 -24.56 12.72 -3.41
CA ILE C 295 -23.96 11.40 -3.37
C ILE C 295 -24.56 10.52 -4.48
N GLU C 296 -25.87 10.66 -4.64
CA GLU C 296 -26.62 9.89 -5.62
C GLU C 296 -26.16 10.15 -7.06
N GLU C 297 -25.65 11.35 -7.31
CA GLU C 297 -25.13 11.81 -8.61
C GLU C 297 -23.67 11.38 -8.81
N LEU C 298 -22.79 11.85 -7.93
CA LEU C 298 -21.35 11.53 -7.97
C LEU C 298 -21.15 10.02 -8.05
N LEU C 299 -21.95 9.29 -7.29
CA LEU C 299 -21.84 7.85 -7.25
C LEU C 299 -22.54 7.19 -8.44
N ALA C 300 -23.57 7.84 -8.97
CA ALA C 300 -24.31 7.30 -10.10
C ALA C 300 -23.44 7.17 -11.35
N SER C 301 -22.75 8.26 -11.69
CA SER C 301 -21.88 8.28 -12.86
C SER C 301 -20.77 7.23 -12.73
N LEU C 302 -20.19 7.14 -11.53
CA LEU C 302 -19.10 6.22 -11.17
C LEU C 302 -19.46 4.77 -11.39
N LEU C 303 -20.77 4.51 -11.39
CA LEU C 303 -21.31 3.18 -11.55
C LEU C 303 -21.35 2.71 -13.00
N ASN C 304 -21.30 3.67 -13.93
CA ASN C 304 -21.26 3.33 -15.35
C ASN C 304 -19.80 3.18 -15.74
N ARG C 305 -18.93 3.97 -15.12
CA ARG C 305 -17.51 3.87 -15.42
C ARG C 305 -16.97 2.55 -14.90
N VAL C 306 -17.36 2.22 -13.67
CA VAL C 306 -16.95 1.00 -13.02
C VAL C 306 -17.46 -0.19 -13.81
N CYS C 307 -18.66 -0.06 -14.36
CA CYS C 307 -19.20 -1.17 -15.13
C CYS C 307 -18.45 -1.32 -16.45
N GLN C 308 -18.22 -0.20 -17.13
CA GLN C 308 -17.50 -0.22 -18.40
C GLN C 308 -16.04 -0.61 -18.22
N ASP C 309 -15.45 -0.27 -17.07
CA ASP C 309 -14.05 -0.61 -16.79
C ASP C 309 -13.80 -2.12 -16.73
N GLY C 310 -14.71 -2.82 -16.07
CA GLY C 310 -14.64 -4.27 -15.93
C GLY C 310 -14.19 -4.72 -14.54
N ARG C 311 -13.78 -3.75 -13.71
CA ARG C 311 -13.24 -3.99 -12.36
C ARG C 311 -14.16 -3.47 -11.26
N LYS C 312 -14.00 -3.99 -10.04
CA LYS C 312 -14.80 -3.55 -8.91
C LYS C 312 -14.06 -2.87 -7.74
N PRO C 313 -14.48 -1.63 -7.34
CA PRO C 313 -13.92 -0.85 -6.26
C PRO C 313 -14.02 -1.42 -4.83
N HIS C 314 -12.92 -1.88 -4.24
CA HIS C 314 -13.09 -2.45 -2.91
C HIS C 314 -13.04 -1.45 -1.76
N THR C 315 -12.80 -0.17 -2.06
CA THR C 315 -12.75 0.88 -1.04
C THR C 315 -13.30 2.20 -1.58
N VAL C 316 -14.03 2.92 -0.75
CA VAL C 316 -14.55 4.23 -1.13
C VAL C 316 -14.00 5.27 -0.19
N ARG C 317 -13.53 6.37 -0.77
CA ARG C 317 -12.95 7.44 0.01
C ARG C 317 -13.83 8.67 -0.06
N LEU C 318 -13.44 9.69 0.70
CA LEU C 318 -14.15 10.97 0.73
C LEU C 318 -13.25 11.94 1.47
N ILE C 319 -12.86 13.01 0.80
CA ILE C 319 -11.98 14.01 1.39
C ILE C 319 -12.63 15.39 1.42
N ILE C 320 -12.63 16.02 2.59
CA ILE C 320 -13.17 17.34 2.71
C ILE C 320 -12.05 18.37 2.89
N ARG C 321 -12.34 19.60 2.50
CA ARG C 321 -11.43 20.72 2.61
C ARG C 321 -12.19 21.98 3.07
N ARG C 322 -11.52 22.80 3.88
CA ARG C 322 -12.12 24.03 4.41
C ARG C 322 -11.36 25.24 3.91
N TYR C 323 -12.00 26.39 4.00
CA TYR C 323 -11.44 27.63 3.50
C TYR C 323 -10.45 28.31 4.40
N SER C 324 -9.28 28.55 3.83
CA SER C 324 -8.26 29.24 4.56
C SER C 324 -7.58 30.22 3.68
N SER C 325 -6.89 31.14 4.33
CA SER C 325 -6.19 32.14 3.61
C SER C 325 -5.28 31.62 2.49
N GLU C 326 -4.28 32.49 2.29
CA GLU C 326 -3.21 32.43 1.34
C GLU C 326 -3.08 31.25 0.38
N LYS C 327 -3.19 30.03 0.89
CA LYS C 327 -3.02 28.90 -0.02
C LYS C 327 -4.22 27.99 -0.11
N HIS C 328 -5.23 28.31 0.70
CA HIS C 328 -6.43 27.52 0.68
C HIS C 328 -6.26 26.10 1.20
N TYR C 329 -5.34 25.86 2.13
CA TYR C 329 -5.21 24.49 2.64
C TYR C 329 -6.61 23.95 2.94
N GLY C 330 -6.92 22.81 2.34
CA GLY C 330 -8.22 22.17 2.51
C GLY C 330 -8.13 20.67 2.58
N ARG C 331 -6.95 20.13 2.90
CA ARG C 331 -6.77 18.69 3.01
C ARG C 331 -7.57 18.21 4.21
N GLU C 332 -8.43 17.21 3.98
CA GLU C 332 -9.26 16.63 5.04
C GLU C 332 -9.82 15.34 4.44
N SER C 333 -9.75 14.23 5.17
CA SER C 333 -10.23 12.96 4.61
C SER C 333 -10.34 11.79 5.60
N ARG C 334 -11.23 10.86 5.24
CA ARG C 334 -11.60 9.60 5.96
C ARG C 334 -11.77 8.51 4.91
N GLN C 335 -11.40 7.28 5.23
CA GLN C 335 -11.54 6.17 4.27
C GLN C 335 -11.83 4.85 4.99
N CYS C 336 -12.51 3.95 4.30
CA CYS C 336 -12.88 2.65 4.84
C CYS C 336 -13.18 1.53 3.84
N PRO C 337 -13.37 0.28 4.35
CA PRO C 337 -13.68 -0.89 3.57
C PRO C 337 -15.05 -0.87 2.89
N ILE C 338 -15.30 -1.85 2.04
CA ILE C 338 -16.58 -1.89 1.37
C ILE C 338 -17.19 -3.28 1.32
N PRO C 339 -18.51 -3.39 1.46
CA PRO C 339 -19.17 -4.68 1.41
C PRO C 339 -19.00 -5.57 0.16
N SER C 340 -18.83 -6.83 0.51
CA SER C 340 -18.64 -8.01 -0.31
C SER C 340 -19.81 -8.92 -0.37
N HIS C 341 -20.02 -9.29 -1.64
CA HIS C 341 -21.00 -10.16 -2.23
C HIS C 341 -22.25 -9.45 -2.71
N VAL C 342 -22.59 -8.38 -2.03
CA VAL C 342 -23.77 -7.60 -2.36
C VAL C 342 -23.40 -6.39 -3.20
N ILE C 343 -22.45 -5.62 -2.67
CA ILE C 343 -22.00 -4.41 -3.31
C ILE C 343 -21.42 -4.56 -4.69
N GLN C 344 -20.63 -5.59 -4.92
CA GLN C 344 -20.04 -5.72 -6.24
C GLN C 344 -20.92 -6.48 -7.21
N LYS C 345 -22.22 -6.42 -6.96
CA LYS C 345 -23.23 -7.10 -7.77
C LYS C 345 -23.30 -6.70 -9.23
N LEU C 346 -23.90 -7.57 -10.02
CA LEU C 346 -24.04 -7.35 -11.46
C LEU C 346 -25.52 -7.24 -11.88
N GLY C 347 -26.42 -7.85 -11.08
CA GLY C 347 -27.88 -7.88 -11.29
C GLY C 347 -28.57 -6.56 -11.61
N THR C 348 -29.67 -6.61 -12.35
CA THR C 348 -30.37 -5.40 -12.76
C THR C 348 -30.64 -4.42 -11.61
N GLY C 349 -30.87 -4.91 -10.38
CA GLY C 349 -31.08 -3.99 -9.27
C GLY C 349 -29.81 -3.64 -8.51
N ASN C 350 -28.72 -3.46 -9.25
CA ASN C 350 -27.42 -3.14 -8.64
C ASN C 350 -27.33 -1.80 -7.91
N TYR C 351 -28.18 -0.86 -8.28
CA TYR C 351 -28.20 0.51 -7.73
C TYR C 351 -28.73 0.71 -6.31
N ASP C 352 -29.40 -0.30 -5.78
CA ASP C 352 -29.99 -0.22 -4.43
C ASP C 352 -28.95 0.16 -3.38
N VAL C 353 -27.73 -0.30 -3.62
CA VAL C 353 -26.59 -0.04 -2.76
C VAL C 353 -26.52 1.46 -2.38
N MET C 354 -26.91 2.33 -3.30
CA MET C 354 -26.94 3.78 -3.14
C MET C 354 -27.08 4.23 -1.68
N THR C 355 -27.98 3.58 -0.93
CA THR C 355 -28.23 3.91 0.48
C THR C 355 -27.01 3.50 1.33
N PRO C 356 -26.34 2.35 1.00
CA PRO C 356 -25.16 1.93 1.74
C PRO C 356 -24.03 2.95 1.67
N MET C 357 -23.69 3.37 0.45
CA MET C 357 -22.63 4.37 0.27
C MET C 357 -22.98 5.65 1.03
N VAL C 358 -24.27 6.01 1.04
CA VAL C 358 -24.78 7.19 1.72
C VAL C 358 -24.44 7.16 3.20
N ASP C 359 -24.81 6.06 3.83
CA ASP C 359 -24.52 5.92 5.24
C ASP C 359 -23.03 5.89 5.41
N ILE C 360 -22.39 5.00 4.66
CA ILE C 360 -20.97 4.84 4.76
C ILE C 360 -20.19 6.13 4.59
N LEU C 361 -20.70 7.07 3.79
CA LEU C 361 -19.97 8.32 3.63
C LEU C 361 -20.33 9.28 4.76
N MET C 362 -21.57 9.18 5.23
CA MET C 362 -22.08 10.06 6.28
C MET C 362 -21.38 9.94 7.62
N LYS C 363 -21.03 8.71 7.98
CA LYS C 363 -20.35 8.48 9.25
C LYS C 363 -18.90 8.97 9.14
N LEU C 364 -18.35 8.95 7.94
CA LEU C 364 -16.99 9.43 7.72
C LEU C 364 -17.06 10.98 7.73
N PHE C 365 -18.08 11.53 7.06
CA PHE C 365 -18.27 12.97 6.98
C PHE C 365 -18.57 13.60 8.35
N ARG C 366 -19.28 12.86 9.19
CA ARG C 366 -19.60 13.33 10.52
C ARG C 366 -18.41 13.19 11.46
N ASN C 367 -17.54 12.21 11.22
CA ASN C 367 -16.35 12.01 12.05
C ASN C 367 -15.48 13.26 11.87
N MET C 368 -15.67 14.00 10.79
CA MET C 368 -14.88 15.27 10.62
C MET C 368 -15.47 16.34 11.57
N VAL C 369 -16.67 15.79 11.92
CA VAL C 369 -17.85 16.07 12.76
C VAL C 369 -18.13 17.45 13.06
N ASN C 370 -19.37 17.85 12.80
CA ASN C 370 -19.82 19.21 12.99
C ASN C 370 -19.09 20.11 13.98
N VAL C 371 -18.34 19.52 14.89
CA VAL C 371 -17.67 20.29 15.94
C VAL C 371 -16.46 21.16 15.55
N LYS C 372 -15.86 20.93 14.38
CA LYS C 372 -14.63 21.66 13.98
C LYS C 372 -14.82 22.98 13.21
N MET C 373 -15.75 22.92 12.25
CA MET C 373 -16.21 24.00 11.34
C MET C 373 -16.70 23.34 10.03
N PRO C 374 -16.06 22.19 9.80
CA PRO C 374 -16.18 21.22 8.72
C PRO C 374 -17.35 21.28 7.75
N PHE C 375 -18.53 21.62 8.24
CA PHE C 375 -19.63 21.66 7.29
C PHE C 375 -19.52 22.89 6.39
N HIS C 376 -19.91 22.70 5.14
CA HIS C 376 -19.89 23.80 4.20
C HIS C 376 -18.58 24.56 4.13
N LEU C 377 -17.46 23.87 3.87
CA LEU C 377 -16.21 24.61 3.69
C LEU C 377 -16.03 24.67 2.17
N THR C 378 -16.55 23.63 1.50
CA THR C 378 -16.52 23.49 0.03
C THR C 378 -17.50 22.40 -0.44
N LEU C 379 -17.45 21.87 -1.65
CA LEU C 379 -18.48 20.90 -1.94
C LEU C 379 -18.29 19.45 -1.48
N LEU C 380 -18.21 18.53 -2.44
CA LEU C 380 -18.04 17.10 -2.18
C LEU C 380 -16.90 16.52 -3.02
N SER C 381 -16.44 15.34 -2.61
CA SER C 381 -15.42 14.61 -3.34
C SER C 381 -15.52 13.14 -3.02
N VAL C 382 -15.56 12.33 -4.06
CA VAL C 382 -15.60 10.91 -3.82
C VAL C 382 -14.46 10.24 -4.57
N CYS C 383 -14.01 9.09 -4.05
CA CYS C 383 -13.00 8.26 -4.72
C CYS C 383 -13.51 6.82 -4.61
N PHE C 384 -13.36 6.02 -5.67
CA PHE C 384 -13.82 4.61 -5.59
C PHE C 384 -12.54 3.84 -5.24
N CYS C 385 -11.47 4.63 -5.08
CA CYS C 385 -10.15 4.18 -4.70
C CYS C 385 -10.12 2.75 -4.27
N ASN C 386 -9.15 2.14 -4.96
CA ASN C 386 -8.56 0.79 -5.09
C ASN C 386 -9.46 -0.10 -5.98
N LEU C 387 -9.01 -0.48 -7.18
CA LEU C 387 -9.77 -1.34 -8.11
C LEU C 387 -9.05 -2.63 -8.51
N LYS C 388 -9.65 -3.78 -8.29
CA LYS C 388 -9.04 -5.07 -8.67
C LYS C 388 -9.97 -5.96 -9.47
N SER D 1 -18.95 -24.42 1.85
CA SER D 1 -18.44 -25.26 0.73
C SER D 1 -16.91 -25.42 0.83
N ARG D 2 -16.29 -24.61 1.70
CA ARG D 2 -14.85 -24.67 1.90
C ARG D 2 -14.45 -25.60 3.05
N VAL D 3 -13.26 -26.18 2.95
CA VAL D 3 -12.72 -27.05 3.99
C VAL D 3 -11.37 -26.43 4.33
N ILE D 4 -11.30 -25.82 5.51
CA ILE D 4 -10.12 -25.13 5.99
C ILE D 4 -9.53 -25.83 7.21
N VAL D 5 -8.20 -25.88 7.28
CA VAL D 5 -7.54 -26.48 8.42
C VAL D 5 -6.66 -25.42 9.08
N HIS D 6 -6.69 -25.40 10.40
CA HIS D 6 -5.87 -24.46 11.17
C HIS D 6 -4.90 -25.32 11.97
N VAL D 7 -3.61 -25.09 11.74
CA VAL D 7 -2.55 -25.81 12.42
C VAL D 7 -1.92 -24.90 13.46
N ASP D 8 -1.89 -25.38 14.70
CA ASP D 8 -1.37 -24.62 15.82
C ASP D 8 -0.45 -25.50 16.64
N LEU D 9 0.84 -25.18 16.63
CA LEU D 9 1.80 -25.98 17.34
C LEU D 9 1.80 -25.80 18.85
N ASP D 10 2.19 -26.85 19.53
CA ASP D 10 2.26 -26.86 20.99
C ASP D 10 3.46 -26.04 21.47
N CYS D 11 3.24 -25.20 22.47
CA CYS D 11 4.29 -24.38 23.08
C CYS D 11 5.49 -24.31 22.15
N PHE D 12 5.29 -23.68 20.99
CA PHE D 12 6.31 -23.61 19.95
C PHE D 12 7.75 -23.36 20.39
N TYR D 13 8.04 -22.20 20.99
CA TYR D 13 9.39 -21.90 21.43
C TYR D 13 9.95 -23.01 22.37
N ALA D 14 9.16 -23.44 23.33
CA ALA D 14 9.62 -24.48 24.23
C ALA D 14 9.97 -25.73 23.42
N GLN D 15 9.13 -26.05 22.43
CA GLN D 15 9.39 -27.23 21.57
C GLN D 15 10.70 -27.13 20.83
N VAL D 16 11.01 -25.94 20.35
CA VAL D 16 12.25 -25.76 19.60
C VAL D 16 13.45 -25.80 20.53
N GLU D 17 13.25 -25.44 21.80
CA GLU D 17 14.35 -25.50 22.77
C GLU D 17 14.61 -26.94 23.19
N MET D 18 13.54 -27.72 23.36
CA MET D 18 13.66 -29.12 23.77
C MET D 18 14.28 -29.99 22.67
N ILE D 19 13.96 -29.68 21.42
CA ILE D 19 14.50 -30.44 20.30
C ILE D 19 15.99 -30.17 20.16
N SER D 20 16.44 -29.03 20.67
CA SER D 20 17.85 -28.67 20.59
C SER D 20 18.62 -28.99 21.87
N ASN D 21 17.92 -29.56 22.85
CA ASN D 21 18.55 -29.95 24.12
C ASN D 21 17.65 -30.87 24.93
N PRO D 22 17.68 -32.19 24.62
CA PRO D 22 16.85 -33.19 25.31
C PRO D 22 16.95 -33.14 26.82
N GLU D 23 18.11 -32.72 27.34
CA GLU D 23 18.32 -32.63 28.78
C GLU D 23 17.26 -31.72 29.43
N LEU D 24 16.49 -31.04 28.60
CA LEU D 24 15.43 -30.15 29.06
C LEU D 24 14.10 -30.87 29.05
N LYS D 25 13.96 -31.84 28.15
CA LYS D 25 12.73 -32.60 28.02
C LYS D 25 12.16 -33.05 29.37
N ASP D 26 10.88 -33.40 29.38
CA ASP D 26 10.17 -33.85 30.57
C ASP D 26 10.53 -33.07 31.84
N LYS D 27 10.99 -31.83 31.66
CA LYS D 27 11.34 -30.97 32.80
C LYS D 27 10.63 -29.63 32.62
N PRO D 28 9.80 -29.23 33.60
CA PRO D 28 9.06 -27.97 33.57
C PRO D 28 9.90 -26.83 33.02
N LEU D 29 9.77 -26.56 31.73
CA LEU D 29 10.56 -25.52 31.10
C LEU D 29 9.75 -24.34 30.59
N GLY D 30 10.38 -23.17 30.67
CA GLY D 30 9.76 -21.95 30.21
C GLY D 30 10.81 -21.18 29.43
N VAL D 31 10.40 -20.48 28.38
CA VAL D 31 11.34 -19.71 27.60
C VAL D 31 11.18 -18.26 28.04
N GLN D 32 12.30 -17.65 28.40
CA GLN D 32 12.29 -16.28 28.88
C GLN D 32 12.85 -15.24 27.92
N GLN D 33 12.11 -14.12 27.86
CA GLN D 33 12.48 -12.94 27.10
C GLN D 33 12.57 -11.89 28.23
N LYS D 34 13.52 -10.98 28.06
CA LYS D 34 13.85 -9.94 29.04
C LYS D 34 13.43 -10.32 30.45
N TYR D 35 12.19 -9.94 30.75
CA TYR D 35 11.54 -10.21 32.02
C TYR D 35 10.17 -10.75 31.65
N LEU D 36 10.16 -11.78 30.81
CA LEU D 36 8.90 -12.37 30.39
C LEU D 36 9.02 -13.84 30.00
N VAL D 37 8.24 -14.68 30.67
CA VAL D 37 8.22 -16.11 30.36
C VAL D 37 7.15 -16.18 29.28
N VAL D 38 7.56 -15.93 28.05
CA VAL D 38 6.67 -15.93 26.91
C VAL D 38 5.85 -17.21 26.77
N THR D 39 6.47 -18.34 27.11
CA THR D 39 5.76 -19.61 27.01
C THR D 39 6.56 -20.71 27.71
N CYS D 40 5.94 -21.87 27.90
CA CYS D 40 6.61 -22.99 28.56
C CYS D 40 5.90 -24.29 28.17
N ASN D 41 6.61 -25.41 28.32
CA ASN D 41 6.01 -26.71 27.96
C ASN D 41 4.86 -27.09 28.88
N TYR D 42 4.05 -28.05 28.45
CA TYR D 42 2.90 -28.50 29.21
C TYR D 42 3.25 -29.11 30.56
N GLU D 43 4.44 -29.67 30.68
CA GLU D 43 4.85 -30.27 31.95
C GLU D 43 5.21 -29.16 32.92
N ALA D 44 4.53 -28.03 32.76
CA ALA D 44 4.75 -26.87 33.62
C ALA D 44 3.50 -25.99 33.66
N ARG D 45 2.69 -26.07 32.61
CA ARG D 45 1.46 -25.30 32.55
C ARG D 45 0.51 -25.79 33.63
N LYS D 46 0.77 -27.00 34.12
CA LYS D 46 -0.03 -27.62 35.16
C LYS D 46 0.77 -27.68 36.45
N LEU D 47 2.09 -27.73 36.32
CA LEU D 47 3.00 -27.81 37.45
C LEU D 47 3.11 -26.49 38.21
N GLY D 48 2.04 -25.69 38.19
CA GLY D 48 2.08 -24.43 38.91
C GLY D 48 1.37 -23.26 38.26
N VAL D 49 0.22 -23.51 37.65
CA VAL D 49 -0.54 -22.43 36.99
C VAL D 49 0.39 -21.62 36.09
N LYS D 50 1.53 -22.20 35.74
CA LYS D 50 2.50 -21.52 34.89
C LYS D 50 2.02 -21.49 33.45
N LYS D 51 1.28 -20.44 33.09
CA LYS D 51 0.79 -20.30 31.72
C LYS D 51 1.62 -19.27 30.97
N LEU D 52 1.17 -18.88 29.79
CA LEU D 52 1.89 -17.90 28.98
C LEU D 52 1.66 -16.47 29.47
N MET D 53 2.60 -15.59 29.14
CA MET D 53 2.54 -14.17 29.50
C MET D 53 3.05 -13.79 30.89
N ASN D 54 3.33 -14.76 31.73
CA ASN D 54 3.84 -14.46 33.07
C ASN D 54 5.35 -14.34 33.08
N VAL D 55 5.91 -13.84 34.17
CA VAL D 55 7.36 -13.67 34.29
C VAL D 55 7.93 -14.51 35.43
N ARG D 56 9.16 -14.21 35.85
CA ARG D 56 9.80 -14.92 36.95
C ARG D 56 8.82 -14.98 38.11
N ASP D 57 7.80 -14.12 38.03
CA ASP D 57 6.75 -14.06 39.04
C ASP D 57 6.12 -15.45 39.17
N ALA D 58 5.98 -16.13 38.02
CA ALA D 58 5.41 -17.46 37.97
C ALA D 58 6.46 -18.53 38.27
N LYS D 59 7.71 -18.11 38.45
CA LYS D 59 8.77 -19.05 38.77
C LYS D 59 8.50 -19.53 40.18
N GLU D 60 7.67 -18.77 40.89
CA GLU D 60 7.29 -19.09 42.26
C GLU D 60 6.90 -20.57 42.32
N LYS D 61 5.92 -20.93 41.51
CA LYS D 61 5.46 -22.32 41.46
C LYS D 61 6.65 -23.20 41.08
N CYS D 62 7.15 -23.94 42.07
CA CYS D 62 8.29 -24.84 41.89
C CYS D 62 9.41 -24.14 41.13
N PRO D 63 10.14 -23.24 41.82
CA PRO D 63 11.25 -22.50 41.22
C PRO D 63 12.25 -23.39 40.49
N GLN D 64 12.06 -24.71 40.59
CA GLN D 64 12.93 -25.65 39.92
C GLN D 64 12.61 -25.60 38.43
N LEU D 65 11.82 -24.59 38.06
CA LEU D 65 11.41 -24.37 36.68
C LEU D 65 12.59 -23.84 35.87
N VAL D 66 13.11 -24.68 34.97
CA VAL D 66 14.25 -24.31 34.13
C VAL D 66 13.96 -23.11 33.24
N LEU D 67 15.01 -22.38 32.88
CA LEU D 67 14.88 -21.21 32.04
C LEU D 67 15.92 -21.12 30.93
N VAL D 68 15.47 -20.69 29.76
CA VAL D 68 16.33 -20.50 28.59
C VAL D 68 15.90 -19.18 28.00
N ASN D 69 16.88 -18.39 27.54
CA ASN D 69 16.56 -17.10 26.95
C ASN D 69 16.07 -17.29 25.53
N GLY D 70 14.94 -16.65 25.22
CA GLY D 70 14.39 -16.77 23.88
C GLY D 70 14.25 -15.45 23.15
N GLU D 71 15.21 -14.55 23.37
CA GLU D 71 15.22 -13.23 22.72
C GLU D 71 15.56 -13.33 21.23
N ASP D 72 16.60 -14.09 20.91
CA ASP D 72 17.00 -14.28 19.52
C ASP D 72 15.92 -15.20 18.93
N LEU D 73 15.26 -14.75 17.88
CA LEU D 73 14.21 -15.53 17.25
C LEU D 73 14.65 -16.37 16.07
N THR D 74 15.89 -16.16 15.63
CA THR D 74 16.45 -16.88 14.50
C THR D 74 16.00 -18.34 14.37
N ARG D 75 16.28 -19.15 15.38
CA ARG D 75 15.92 -20.56 15.34
C ARG D 75 14.42 -20.82 15.26
N TYR D 76 13.61 -19.99 15.91
CA TYR D 76 12.16 -20.16 15.87
C TYR D 76 11.70 -19.81 14.46
N ARG D 77 12.19 -18.70 13.93
CA ARG D 77 11.80 -18.27 12.60
C ARG D 77 12.08 -19.37 11.58
N GLU D 78 13.28 -19.92 11.61
CA GLU D 78 13.65 -20.94 10.65
C GLU D 78 12.76 -22.18 10.75
N MET D 79 12.49 -22.65 11.96
CA MET D 79 11.62 -23.81 12.08
C MET D 79 10.21 -23.41 11.58
N SER D 80 9.79 -22.19 11.90
CA SER D 80 8.48 -21.71 11.46
C SER D 80 8.27 -21.81 9.94
N TYR D 81 9.24 -21.37 9.16
CA TYR D 81 9.09 -21.46 7.72
C TYR D 81 9.21 -22.91 7.23
N LYS D 82 9.92 -23.75 7.98
CA LYS D 82 10.00 -25.15 7.57
C LYS D 82 8.61 -25.76 7.70
N VAL D 83 7.88 -25.38 8.73
CA VAL D 83 6.53 -25.91 8.93
C VAL D 83 5.65 -25.43 7.77
N THR D 84 5.72 -24.13 7.50
CA THR D 84 4.92 -23.56 6.44
C THR D 84 5.20 -24.21 5.09
N GLU D 85 6.48 -24.41 4.76
CA GLU D 85 6.83 -25.02 3.48
C GLU D 85 6.32 -26.45 3.43
N LEU D 86 6.51 -27.19 4.51
CA LEU D 86 6.02 -28.56 4.56
C LEU D 86 4.52 -28.52 4.28
N LEU D 87 3.81 -27.59 4.90
CA LEU D 87 2.38 -27.49 4.67
C LEU D 87 2.07 -27.10 3.23
N GLU D 88 2.85 -26.18 2.67
CA GLU D 88 2.63 -25.76 1.29
C GLU D 88 2.77 -26.92 0.32
N GLU D 89 3.47 -27.97 0.74
CA GLU D 89 3.67 -29.15 -0.09
C GLU D 89 2.37 -29.93 -0.26
N PHE D 90 1.56 -29.97 0.79
CA PHE D 90 0.27 -30.66 0.72
C PHE D 90 -0.66 -29.88 -0.20
N SER D 91 -0.66 -28.56 -0.04
CA SER D 91 -1.51 -27.68 -0.84
C SER D 91 -0.92 -26.27 -0.72
N PRO D 92 -0.71 -25.60 -1.86
CA PRO D 92 -0.13 -24.24 -1.97
C PRO D 92 -0.70 -23.05 -1.20
N VAL D 93 -2.01 -22.96 -1.08
CA VAL D 93 -2.59 -21.82 -0.38
C VAL D 93 -2.51 -21.97 1.12
N VAL D 94 -1.42 -21.43 1.69
CA VAL D 94 -1.17 -21.50 3.12
C VAL D 94 -0.92 -20.12 3.72
N GLU D 95 -1.64 -19.79 4.78
CA GLU D 95 -1.52 -18.50 5.44
C GLU D 95 -0.88 -18.58 6.83
N ARG D 96 0.15 -17.76 7.06
CA ARG D 96 0.82 -17.75 8.34
C ARG D 96 0.16 -16.74 9.27
N LEU D 97 0.23 -17.03 10.57
CA LEU D 97 -0.31 -16.17 11.60
C LEU D 97 0.70 -16.32 12.74
N GLY D 98 1.61 -15.37 12.85
CA GLY D 98 2.64 -15.47 13.86
C GLY D 98 3.58 -16.58 13.42
N PHE D 99 4.47 -17.02 14.29
CA PHE D 99 5.41 -18.07 13.94
C PHE D 99 4.93 -19.52 14.10
N ASP D 100 3.78 -19.73 14.72
CA ASP D 100 3.34 -21.12 14.91
C ASP D 100 1.95 -21.50 14.47
N GLU D 101 1.30 -20.64 13.69
CA GLU D 101 -0.04 -20.95 13.20
C GLU D 101 -0.07 -20.91 11.69
N ASN D 102 -0.81 -21.83 11.09
CA ASN D 102 -0.93 -21.88 9.64
C ASN D 102 -2.33 -22.26 9.20
N PHE D 103 -2.91 -21.44 8.32
CA PHE D 103 -4.21 -21.75 7.78
C PHE D 103 -3.96 -22.40 6.42
N VAL D 104 -4.70 -23.45 6.11
CA VAL D 104 -4.55 -24.13 4.85
C VAL D 104 -5.91 -24.37 4.23
N ASP D 105 -6.09 -23.92 2.99
CA ASP D 105 -7.35 -24.12 2.29
C ASP D 105 -7.26 -25.47 1.59
N LEU D 106 -8.03 -26.44 2.07
CA LEU D 106 -8.00 -27.80 1.54
C LEU D 106 -9.13 -28.15 0.57
N THR D 107 -10.01 -27.19 0.30
CA THR D 107 -11.17 -27.42 -0.58
C THR D 107 -10.85 -28.21 -1.85
N GLU D 108 -9.90 -27.71 -2.65
CA GLU D 108 -9.54 -28.39 -3.90
C GLU D 108 -8.97 -29.77 -3.67
N MET D 109 -8.09 -29.89 -2.68
CA MET D 109 -7.47 -31.17 -2.36
C MET D 109 -8.51 -32.19 -1.93
N VAL D 110 -9.40 -31.77 -1.03
CA VAL D 110 -10.46 -32.66 -0.56
C VAL D 110 -11.29 -33.20 -1.72
N GLU D 111 -11.64 -32.32 -2.65
CA GLU D 111 -12.44 -32.69 -3.81
C GLU D 111 -11.73 -33.71 -4.71
N LYS D 112 -10.48 -33.43 -5.06
CA LYS D 112 -9.71 -34.34 -5.91
C LYS D 112 -9.66 -35.73 -5.27
N ARG D 113 -9.57 -35.78 -3.95
CA ARG D 113 -9.54 -37.07 -3.28
C ARG D 113 -10.87 -37.80 -3.44
N LEU D 114 -11.98 -37.10 -3.26
CA LEU D 114 -13.28 -37.74 -3.37
C LEU D 114 -13.55 -38.27 -4.78
N GLN D 115 -13.11 -37.53 -5.79
CA GLN D 115 -13.29 -37.96 -7.17
C GLN D 115 -12.58 -39.29 -7.42
N GLN D 116 -11.36 -39.40 -6.90
CA GLN D 116 -10.57 -40.60 -7.07
C GLN D 116 -11.17 -41.80 -6.36
N LEU D 117 -12.24 -41.56 -5.61
CA LEU D 117 -12.91 -42.64 -4.90
C LEU D 117 -14.05 -43.22 -5.73
N GLN D 118 -14.00 -44.52 -5.94
CA GLN D 118 -15.04 -45.19 -6.71
C GLN D 118 -16.35 -45.02 -5.94
N SER D 119 -17.48 -45.12 -6.64
CA SER D 119 -18.77 -44.98 -5.99
C SER D 119 -19.15 -46.28 -5.29
N ASP D 120 -18.25 -46.78 -4.45
CA ASP D 120 -18.49 -48.02 -3.73
C ASP D 120 -17.96 -47.97 -2.30
N GLU D 121 -16.67 -47.65 -2.15
CA GLU D 121 -16.06 -47.58 -0.83
C GLU D 121 -16.06 -46.16 -0.27
N LEU D 122 -16.95 -45.32 -0.78
CA LEU D 122 -17.06 -43.95 -0.32
C LEU D 122 -17.89 -43.99 0.97
N SER D 123 -18.35 -45.19 1.30
CA SER D 123 -19.16 -45.42 2.50
C SER D 123 -18.24 -45.85 3.66
N ALA D 124 -16.94 -45.94 3.38
CA ALA D 124 -15.98 -46.35 4.39
C ALA D 124 -15.10 -45.18 4.84
N VAL D 125 -15.50 -43.97 4.49
CA VAL D 125 -14.72 -42.80 4.90
C VAL D 125 -14.90 -42.62 6.40
N THR D 126 -13.79 -42.60 7.12
CA THR D 126 -13.84 -42.44 8.57
C THR D 126 -13.15 -41.16 8.98
N VAL D 127 -13.35 -40.78 10.22
CA VAL D 127 -12.75 -39.57 10.70
C VAL D 127 -11.42 -39.85 11.38
N SER D 128 -10.55 -38.84 11.37
CA SER D 128 -9.27 -38.94 12.03
C SER D 128 -9.29 -37.90 13.15
N GLY D 129 -9.13 -38.36 14.39
CA GLY D 129 -9.16 -37.43 15.51
C GLY D 129 -10.57 -37.26 16.06
N HIS D 130 -10.78 -36.21 16.86
CA HIS D 130 -12.06 -35.93 17.49
C HIS D 130 -13.10 -35.25 16.60
N VAL D 131 -14.36 -35.49 16.94
CA VAL D 131 -15.49 -34.85 16.28
C VAL D 131 -15.92 -33.90 17.40
N TYR D 132 -15.75 -32.61 17.17
CA TYR D 132 -16.03 -31.58 18.17
C TYR D 132 -16.97 -31.79 19.36
N ASN D 133 -18.25 -31.96 19.13
CA ASN D 133 -19.17 -32.10 20.28
C ASN D 133 -19.72 -33.52 20.28
N ASN D 134 -18.81 -34.47 20.06
CA ASN D 134 -19.17 -35.88 19.99
C ASN D 134 -20.36 -35.99 19.04
N GLN D 135 -20.37 -35.15 18.02
CA GLN D 135 -21.46 -35.12 17.05
C GLN D 135 -21.48 -36.35 16.13
N SER D 136 -22.67 -36.87 15.89
CA SER D 136 -22.85 -38.04 15.04
C SER D 136 -22.58 -37.70 13.59
N ILE D 137 -21.78 -38.53 12.94
CA ILE D 137 -21.46 -38.33 11.54
C ILE D 137 -22.56 -38.95 10.68
N ASN D 138 -22.86 -38.31 9.55
CA ASN D 138 -23.86 -38.83 8.64
C ASN D 138 -23.11 -39.01 7.34
N LEU D 139 -22.84 -40.27 6.98
CA LEU D 139 -22.10 -40.59 5.77
C LEU D 139 -22.75 -40.10 4.48
N LEU D 140 -24.06 -39.89 4.50
CA LEU D 140 -24.76 -39.42 3.30
C LEU D 140 -24.76 -37.92 3.18
N ASP D 141 -24.25 -37.23 4.21
CA ASP D 141 -24.17 -35.77 4.18
C ASP D 141 -22.84 -35.38 3.50
N VAL D 142 -22.93 -34.91 2.26
CA VAL D 142 -21.75 -34.53 1.50
C VAL D 142 -20.79 -33.62 2.27
N LEU D 143 -21.34 -32.73 3.10
CA LEU D 143 -20.52 -31.80 3.87
C LEU D 143 -19.78 -32.53 5.01
N HIS D 144 -20.36 -33.61 5.51
CA HIS D 144 -19.73 -34.40 6.56
C HIS D 144 -18.55 -35.15 5.95
N ILE D 145 -18.80 -35.77 4.80
CA ILE D 145 -17.76 -36.53 4.11
C ILE D 145 -16.54 -35.68 3.77
N ARG D 146 -16.79 -34.46 3.29
CA ARG D 146 -15.69 -33.56 2.93
C ARG D 146 -14.84 -33.17 4.13
N LEU D 147 -15.50 -32.89 5.25
CA LEU D 147 -14.79 -32.51 6.47
C LEU D 147 -14.06 -33.73 7.06
N LEU D 148 -14.59 -34.92 6.85
CA LEU D 148 -13.91 -36.11 7.36
C LEU D 148 -12.63 -36.26 6.54
N VAL D 149 -12.75 -36.13 5.23
CA VAL D 149 -11.60 -36.22 4.36
C VAL D 149 -10.62 -35.14 4.79
N GLY D 150 -11.17 -33.99 5.19
CA GLY D 150 -10.33 -32.89 5.66
C GLY D 150 -9.58 -33.31 6.91
N SER D 151 -10.23 -34.04 7.80
CA SER D 151 -9.56 -34.46 9.02
C SER D 151 -8.40 -35.39 8.66
N GLN D 152 -8.56 -36.16 7.57
CA GLN D 152 -7.54 -37.08 7.10
C GLN D 152 -6.31 -36.34 6.60
N ILE D 153 -6.50 -35.22 5.94
CA ILE D 153 -5.36 -34.43 5.45
C ILE D 153 -4.61 -33.89 6.67
N ALA D 154 -5.37 -33.38 7.63
CA ALA D 154 -4.81 -32.82 8.85
C ALA D 154 -3.92 -33.84 9.55
N ALA D 155 -4.43 -35.04 9.76
CA ALA D 155 -3.65 -36.08 10.42
C ALA D 155 -2.35 -36.35 9.63
N GLU D 156 -2.44 -36.33 8.29
CA GLU D 156 -1.27 -36.56 7.47
C GLU D 156 -0.28 -35.41 7.63
N MET D 157 -0.79 -34.18 7.72
CA MET D 157 0.07 -33.03 7.90
C MET D 157 0.77 -33.12 9.26
N ARG D 158 0.04 -33.46 10.32
CA ARG D 158 0.67 -33.54 11.64
C ARG D 158 1.66 -34.68 11.72
N GLU D 159 1.38 -35.78 11.04
CA GLU D 159 2.27 -36.93 11.00
C GLU D 159 3.57 -36.49 10.34
N ALA D 160 3.44 -35.87 9.17
CA ALA D 160 4.59 -35.38 8.42
C ALA D 160 5.38 -34.38 9.24
N MET D 161 4.70 -33.46 9.91
CA MET D 161 5.36 -32.47 10.75
C MET D 161 6.19 -33.15 11.82
N TYR D 162 5.65 -34.23 12.39
CA TYR D 162 6.39 -34.90 13.44
C TYR D 162 7.54 -35.75 12.89
N ASN D 163 7.29 -36.51 11.84
CA ASN D 163 8.31 -37.36 11.27
C ASN D 163 9.46 -36.62 10.57
N GLN D 164 9.13 -35.54 9.87
CA GLN D 164 10.13 -34.77 9.14
C GLN D 164 10.81 -33.65 9.91
N LEU D 165 10.11 -33.06 10.88
CA LEU D 165 10.65 -31.92 11.64
C LEU D 165 10.71 -32.10 13.16
N GLY D 166 10.11 -33.17 13.68
CA GLY D 166 10.14 -33.40 15.13
C GLY D 166 9.18 -32.53 15.95
N LEU D 167 8.16 -31.97 15.31
CA LEU D 167 7.21 -31.11 15.99
C LEU D 167 5.82 -31.69 16.11
N THR D 168 5.19 -31.44 17.25
CA THR D 168 3.84 -31.92 17.53
C THR D 168 2.95 -30.68 17.51
N GLY D 169 1.67 -30.88 17.31
CA GLY D 169 0.77 -29.76 17.27
C GLY D 169 -0.68 -30.14 17.12
N CYS D 170 -1.55 -29.13 17.15
CA CYS D 170 -2.97 -29.38 17.00
C CYS D 170 -3.42 -28.88 15.67
N ALA D 171 -4.58 -29.39 15.25
CA ALA D 171 -5.18 -28.99 13.99
C ALA D 171 -6.68 -28.98 14.19
N GLY D 172 -7.34 -28.05 13.49
CA GLY D 172 -8.78 -27.93 13.56
C GLY D 172 -9.26 -27.86 12.14
N VAL D 173 -10.33 -28.61 11.85
CA VAL D 173 -10.91 -28.65 10.52
C VAL D 173 -12.34 -28.15 10.60
N ALA D 174 -12.65 -27.16 9.76
CA ALA D 174 -13.98 -26.58 9.73
C ALA D 174 -14.27 -25.99 8.35
N SER D 175 -15.40 -25.31 8.21
CA SER D 175 -15.79 -24.72 6.93
C SER D 175 -15.26 -23.32 6.70
N ASN D 176 -14.65 -22.70 7.72
CA ASN D 176 -14.05 -21.38 7.55
C ASN D 176 -12.92 -21.14 8.55
N LYS D 177 -12.11 -20.10 8.33
CA LYS D 177 -10.97 -19.81 9.22
C LYS D 177 -11.33 -19.59 10.68
N LEU D 178 -12.40 -18.85 10.92
CA LEU D 178 -12.85 -18.55 12.28
C LEU D 178 -13.10 -19.85 13.06
N LEU D 179 -13.95 -20.70 12.51
CA LEU D 179 -14.32 -21.97 13.11
C LEU D 179 -13.13 -22.93 13.25
N ALA D 180 -12.31 -23.03 12.20
CA ALA D 180 -11.14 -23.91 12.20
C ALA D 180 -10.21 -23.49 13.34
N LYS D 181 -10.02 -22.19 13.50
CA LYS D 181 -9.16 -21.72 14.56
C LYS D 181 -9.75 -21.98 15.94
N LEU D 182 -11.05 -21.74 16.11
CA LEU D 182 -11.69 -21.98 17.41
C LEU D 182 -11.67 -23.45 17.82
N VAL D 183 -11.95 -24.33 16.87
CA VAL D 183 -12.00 -25.75 17.17
C VAL D 183 -10.63 -26.44 17.28
N SER D 184 -9.60 -25.86 16.65
CA SER D 184 -8.28 -26.48 16.72
C SER D 184 -7.83 -26.52 18.17
N GLY D 185 -8.37 -25.64 18.99
CA GLY D 185 -8.00 -25.61 20.40
C GLY D 185 -8.88 -26.37 21.38
N VAL D 186 -9.86 -27.14 20.90
CA VAL D 186 -10.72 -27.86 21.85
C VAL D 186 -9.96 -28.93 22.66
N PHE D 187 -9.11 -29.70 21.99
CA PHE D 187 -8.31 -30.72 22.67
C PHE D 187 -6.87 -30.23 22.50
N LYS D 188 -6.48 -29.38 23.45
CA LYS D 188 -5.20 -28.67 23.49
C LYS D 188 -3.85 -29.30 23.25
N PRO D 189 -3.48 -30.34 24.01
CA PRO D 189 -2.16 -30.93 23.78
C PRO D 189 -1.75 -31.21 22.32
N ASN D 190 -1.66 -32.48 21.93
CA ASN D 190 -1.24 -32.79 20.57
C ASN D 190 -2.33 -33.61 19.89
N GLN D 191 -3.43 -32.94 19.58
CA GLN D 191 -4.60 -33.56 18.98
C GLN D 191 -5.31 -32.67 17.95
N GLN D 192 -6.25 -33.25 17.21
CA GLN D 192 -6.99 -32.48 16.21
C GLN D 192 -8.49 -32.70 16.37
N THR D 193 -9.27 -31.73 15.91
CA THR D 193 -10.72 -31.79 16.00
C THR D 193 -11.38 -31.25 14.74
N VAL D 194 -12.43 -31.93 14.29
CA VAL D 194 -13.18 -31.48 13.13
C VAL D 194 -14.57 -30.99 13.58
N LEU D 195 -15.06 -29.92 12.95
CA LEU D 195 -16.33 -29.33 13.31
C LEU D 195 -17.39 -29.59 12.25
N LEU D 196 -18.41 -30.35 12.59
CA LEU D 196 -19.49 -30.61 11.65
C LEU D 196 -20.43 -29.39 11.74
N PRO D 197 -21.11 -29.04 10.64
CA PRO D 197 -22.03 -27.88 10.61
C PRO D 197 -23.07 -27.76 11.73
N GLU D 198 -23.72 -28.86 12.09
CA GLU D 198 -24.75 -28.83 13.13
C GLU D 198 -24.23 -28.44 14.51
N SER D 199 -22.91 -28.36 14.68
CA SER D 199 -22.35 -28.01 15.98
C SER D 199 -21.75 -26.61 16.04
N CYS D 200 -21.89 -25.87 14.95
CA CYS D 200 -21.38 -24.51 14.88
C CYS D 200 -21.91 -23.62 16.00
N GLN D 201 -23.20 -23.67 16.30
CA GLN D 201 -23.72 -22.80 17.36
C GLN D 201 -23.15 -23.18 18.72
N HIS D 202 -23.08 -24.48 18.99
CA HIS D 202 -22.54 -24.98 20.24
C HIS D 202 -21.10 -24.48 20.45
N LEU D 203 -20.30 -24.48 19.38
CA LEU D 203 -18.92 -24.03 19.50
C LEU D 203 -18.87 -22.53 19.77
N ILE D 204 -19.69 -21.79 19.05
CA ILE D 204 -19.70 -20.34 19.19
C ILE D 204 -20.19 -19.90 20.57
N HIS D 205 -21.23 -20.54 21.09
CA HIS D 205 -21.77 -20.20 22.40
C HIS D 205 -20.94 -20.78 23.56
N SER D 206 -19.92 -21.57 23.23
CA SER D 206 -19.07 -22.15 24.27
C SER D 206 -18.10 -21.07 24.75
N LEU D 207 -18.00 -19.99 24.00
CA LEU D 207 -17.10 -18.92 24.39
C LEU D 207 -17.73 -18.14 25.54
N ASN D 208 -16.88 -17.63 26.43
CA ASN D 208 -17.37 -16.88 27.58
C ASN D 208 -17.45 -15.38 27.37
N HIS D 209 -16.76 -14.88 26.35
CA HIS D 209 -16.77 -13.45 26.05
C HIS D 209 -16.51 -13.16 24.58
N ILE D 210 -17.21 -12.16 24.05
CA ILE D 210 -17.05 -11.78 22.66
C ILE D 210 -15.59 -11.50 22.34
N LYS D 211 -14.80 -11.24 23.38
CA LYS D 211 -13.38 -10.97 23.21
C LYS D 211 -12.65 -12.23 22.74
N GLU D 212 -13.24 -13.39 23.00
CA GLU D 212 -12.61 -14.65 22.61
C GLU D 212 -12.83 -14.97 21.13
N ILE D 213 -13.61 -14.15 20.44
CA ILE D 213 -13.88 -14.38 19.02
C ILE D 213 -12.73 -13.85 18.17
N PRO D 214 -12.17 -14.72 17.30
CA PRO D 214 -11.07 -14.32 16.42
C PRO D 214 -11.52 -13.18 15.52
N GLY D 215 -10.93 -12.00 15.71
CA GLY D 215 -11.33 -10.86 14.91
C GLY D 215 -11.86 -9.74 15.79
N ILE D 216 -11.91 -9.97 17.09
CA ILE D 216 -12.38 -8.95 18.04
C ILE D 216 -11.29 -8.75 19.08
N GLY D 217 -10.52 -7.68 18.91
CA GLY D 217 -9.42 -7.39 19.82
C GLY D 217 -9.76 -6.63 21.09
N TYR D 218 -8.74 -6.03 21.69
CA TYR D 218 -8.89 -5.26 22.92
C TYR D 218 -9.81 -4.07 22.72
N LYS D 219 -9.60 -3.32 21.64
CA LYS D 219 -10.39 -2.13 21.34
C LYS D 219 -11.88 -2.41 21.11
N THR D 220 -12.22 -3.03 19.99
CA THR D 220 -13.63 -3.32 19.69
C THR D 220 -14.36 -3.99 20.85
N ALA D 221 -13.65 -4.86 21.57
CA ALA D 221 -14.24 -5.53 22.72
C ALA D 221 -14.70 -4.48 23.71
N LYS D 222 -13.94 -3.38 23.76
CA LYS D 222 -14.27 -2.28 24.66
C LYS D 222 -15.50 -1.53 24.16
N CYS D 223 -15.54 -1.21 22.87
CA CYS D 223 -16.70 -0.52 22.31
C CYS D 223 -17.97 -1.29 22.63
N LEU D 224 -18.03 -2.53 22.16
CA LEU D 224 -19.19 -3.40 22.37
C LEU D 224 -19.62 -3.44 23.85
N GLU D 225 -18.64 -3.51 24.74
CA GLU D 225 -18.92 -3.53 26.17
C GLU D 225 -19.72 -2.30 26.58
N ALA D 226 -19.30 -1.13 26.10
CA ALA D 226 -19.97 0.12 26.42
C ALA D 226 -21.43 0.10 25.99
N LEU D 227 -21.80 -0.89 25.16
CA LEU D 227 -23.18 -1.03 24.71
C LEU D 227 -23.86 -2.12 25.51
N GLY D 228 -23.15 -2.65 26.50
CA GLY D 228 -23.71 -3.71 27.32
C GLY D 228 -23.30 -5.08 26.78
N ILE D 229 -23.02 -5.14 25.49
CA ILE D 229 -22.64 -6.38 24.83
C ILE D 229 -21.46 -7.07 25.50
N ASN D 230 -21.71 -8.23 26.08
CA ASN D 230 -20.66 -8.99 26.75
C ASN D 230 -20.56 -10.43 26.22
N SER D 231 -21.69 -11.11 26.09
CA SER D 231 -21.71 -12.48 25.62
C SER D 231 -21.89 -12.61 24.11
N VAL D 232 -21.52 -13.77 23.59
CA VAL D 232 -21.69 -13.99 22.15
C VAL D 232 -23.16 -13.80 21.73
N ARG D 233 -24.10 -14.30 22.52
CA ARG D 233 -25.51 -14.15 22.16
C ARG D 233 -25.91 -12.67 22.22
N ASP D 234 -25.33 -11.91 23.14
CA ASP D 234 -25.66 -10.48 23.20
C ASP D 234 -25.38 -9.84 21.84
N LEU D 235 -24.27 -10.21 21.22
CA LEU D 235 -23.89 -9.64 19.93
C LEU D 235 -24.75 -10.21 18.80
N GLN D 236 -25.13 -11.48 18.92
CA GLN D 236 -25.97 -12.12 17.92
C GLN D 236 -27.34 -11.47 17.82
N THR D 237 -27.85 -10.99 18.96
CA THR D 237 -29.17 -10.39 18.98
C THR D 237 -29.18 -8.86 19.04
N PHE D 238 -28.02 -8.24 19.12
CA PHE D 238 -27.99 -6.78 19.17
C PHE D 238 -28.55 -6.20 17.87
N SER D 239 -29.08 -4.99 17.94
CA SER D 239 -29.65 -4.34 16.77
C SER D 239 -28.58 -4.06 15.72
N PRO D 240 -28.79 -4.54 14.48
CA PRO D 240 -27.84 -4.34 13.38
C PRO D 240 -27.61 -2.86 13.11
N LYS D 241 -28.72 -2.18 12.82
CA LYS D 241 -28.69 -0.76 12.51
C LYS D 241 -27.89 0.07 13.52
N ILE D 242 -28.08 -0.19 14.81
CA ILE D 242 -27.37 0.57 15.82
C ILE D 242 -25.88 0.26 15.89
N LEU D 243 -25.53 -1.02 15.77
CA LEU D 243 -24.12 -1.42 15.82
C LEU D 243 -23.43 -0.82 14.59
N GLU D 244 -24.15 -0.86 13.47
CA GLU D 244 -23.67 -0.32 12.20
C GLU D 244 -23.33 1.15 12.41
N LYS D 245 -24.31 1.89 12.91
CA LYS D 245 -24.14 3.32 13.17
C LYS D 245 -23.36 3.54 14.45
N GLU D 246 -22.45 2.62 14.78
CA GLU D 246 -21.67 2.73 16.00
C GLU D 246 -20.20 2.35 15.79
N LEU D 247 -19.95 1.48 14.82
CA LEU D 247 -18.59 1.03 14.54
C LEU D 247 -18.28 1.10 13.04
N GLY D 248 -19.30 1.41 12.25
CA GLY D 248 -19.13 1.49 10.82
C GLY D 248 -19.81 0.32 10.15
N ILE D 249 -20.57 0.60 9.09
CA ILE D 249 -21.28 -0.46 8.38
C ILE D 249 -20.39 -1.64 8.02
N SER D 250 -19.13 -1.35 7.71
CA SER D 250 -18.17 -2.38 7.34
C SER D 250 -17.80 -3.28 8.49
N VAL D 251 -17.37 -2.68 9.60
CA VAL D 251 -16.98 -3.44 10.77
C VAL D 251 -18.19 -4.07 11.47
N ALA D 252 -19.27 -3.30 11.55
CA ALA D 252 -20.49 -3.77 12.20
C ALA D 252 -20.99 -5.05 11.57
N GLN D 253 -21.11 -5.03 10.26
CA GLN D 253 -21.60 -6.18 9.51
C GLN D 253 -20.66 -7.38 9.62
N ARG D 254 -19.36 -7.10 9.73
CA ARG D 254 -18.37 -8.17 9.82
C ARG D 254 -18.35 -8.85 11.19
N ILE D 255 -18.15 -8.07 12.24
CA ILE D 255 -18.09 -8.64 13.58
C ILE D 255 -19.38 -9.33 14.01
N GLN D 256 -20.51 -8.93 13.45
CA GLN D 256 -21.77 -9.55 13.82
C GLN D 256 -21.91 -10.89 13.12
N LYS D 257 -21.34 -10.99 11.92
CA LYS D 257 -21.37 -12.22 11.16
C LYS D 257 -20.56 -13.27 11.94
N LEU D 258 -19.46 -12.82 12.52
CA LEU D 258 -18.59 -13.70 13.30
C LEU D 258 -19.31 -14.27 14.52
N SER D 259 -20.15 -13.47 15.18
CA SER D 259 -20.85 -13.93 16.36
C SER D 259 -21.71 -15.13 16.03
N PHE D 260 -22.05 -15.28 14.76
CA PHE D 260 -22.85 -16.41 14.32
C PHE D 260 -21.98 -17.55 13.75
N GLY D 261 -20.67 -17.37 13.76
CA GLY D 261 -19.80 -18.40 13.23
C GLY D 261 -19.64 -18.28 11.72
N GLU D 262 -19.99 -17.12 11.18
CA GLU D 262 -19.87 -16.87 9.74
C GLU D 262 -18.66 -15.98 9.48
N ASP D 263 -17.82 -16.40 8.55
CA ASP D 263 -16.61 -15.67 8.20
C ASP D 263 -16.18 -16.11 6.80
N ASN D 264 -16.31 -15.20 5.84
CA ASN D 264 -15.97 -15.51 4.46
C ASN D 264 -14.55 -15.17 4.00
N SER D 265 -13.75 -14.60 4.90
CA SER D 265 -12.38 -14.24 4.55
C SER D 265 -11.66 -15.43 3.93
N PRO D 266 -10.96 -15.21 2.82
CA PRO D 266 -10.23 -16.30 2.17
C PRO D 266 -8.89 -16.57 2.84
N VAL D 267 -8.40 -17.81 2.76
CA VAL D 267 -7.09 -18.11 3.33
C VAL D 267 -6.12 -17.43 2.36
N ILE D 268 -5.27 -16.55 2.86
CA ILE D 268 -4.34 -15.82 2.00
C ILE D 268 -2.95 -16.40 1.91
N LEU D 269 -2.45 -16.46 0.69
CA LEU D 269 -1.11 -16.94 0.43
C LEU D 269 -0.16 -15.90 0.95
N SER D 270 0.54 -16.42 1.95
CA SER D 270 1.54 -15.77 2.75
C SER D 270 2.95 -16.16 2.28
N GLY D 271 3.11 -15.88 0.98
CA GLY D 271 4.33 -16.02 0.20
C GLY D 271 5.49 -15.50 1.00
N PRO D 272 6.68 -15.39 0.43
CA PRO D 272 7.74 -14.87 1.30
C PRO D 272 7.51 -13.70 2.26
N PRO D 273 8.47 -13.39 3.17
CA PRO D 273 8.28 -12.28 4.08
C PRO D 273 8.13 -10.91 3.41
N GLN D 274 7.28 -10.05 3.96
CA GLN D 274 7.07 -8.74 3.43
C GLN D 274 8.05 -7.62 4.13
N SER D 275 8.73 -7.91 5.21
CA SER D 275 9.69 -6.99 6.06
C SER D 275 10.51 -7.75 7.16
N PHE D 276 11.68 -7.20 7.49
CA PHE D 276 12.61 -7.73 8.49
C PHE D 276 12.91 -6.64 9.47
N SER D 277 13.05 -7.04 10.72
CA SER D 277 13.37 -6.08 11.75
C SER D 277 14.02 -6.80 12.89
N GLU D 278 14.88 -6.06 13.56
CA GLU D 278 15.62 -6.54 14.71
C GLU D 278 15.41 -5.56 15.82
N GLU D 279 14.67 -5.94 16.83
CA GLU D 279 14.60 -4.99 17.88
C GLU D 279 15.30 -5.56 19.13
N ASP D 280 16.05 -4.67 19.79
CA ASP D 280 16.81 -4.94 21.05
C ASP D 280 16.29 -3.90 22.02
N SER D 281 15.97 -4.33 23.21
CA SER D 281 15.43 -3.36 24.12
C SER D 281 16.09 -3.29 25.46
N PHE D 282 15.78 -2.21 26.15
CA PHE D 282 16.29 -2.02 27.49
C PHE D 282 15.24 -1.66 28.50
N LYS D 283 14.13 -2.38 28.42
CA LYS D 283 13.08 -2.21 29.38
C LYS D 283 12.80 -0.83 29.96
N LYS D 284 12.67 0.23 29.17
CA LYS D 284 12.34 1.50 29.80
C LYS D 284 13.55 2.20 30.41
N CYS D 285 14.72 1.91 29.86
CA CYS D 285 15.93 2.50 30.40
C CYS D 285 16.46 3.68 29.58
N SER D 286 15.80 4.01 28.47
CA SER D 286 16.24 5.12 27.61
C SER D 286 16.14 6.53 28.25
N SER D 287 17.25 7.27 28.14
CA SER D 287 17.53 8.64 28.69
C SER D 287 17.36 9.72 27.62
N GLU D 288 17.13 9.15 26.44
CA GLU D 288 16.88 9.75 25.16
C GLU D 288 18.10 10.09 24.32
N VAL D 289 19.27 10.22 24.92
CA VAL D 289 20.45 10.53 24.12
C VAL D 289 21.50 9.44 24.19
N GLU D 290 21.35 8.51 25.13
CA GLU D 290 22.36 7.47 25.29
C GLU D 290 21.95 6.10 24.82
N ALA D 291 21.00 6.09 23.90
CA ALA D 291 20.54 4.84 23.32
C ALA D 291 21.32 4.53 22.03
N LYS D 292 21.67 5.55 21.25
CA LYS D 292 22.39 5.42 19.97
C LYS D 292 23.41 4.31 19.76
N ASN D 293 24.10 3.85 20.80
CA ASN D 293 25.00 2.78 20.44
C ASN D 293 24.29 1.49 20.14
N LYS D 294 23.12 1.32 20.75
CA LYS D 294 22.32 0.10 20.59
C LYS D 294 21.85 -0.11 19.15
N ILE D 295 21.60 1.01 18.47
CA ILE D 295 21.16 1.03 17.08
C ILE D 295 22.21 0.45 16.19
N GLU D 296 23.46 0.59 16.60
CA GLU D 296 24.53 0.08 15.78
C GLU D 296 24.55 -1.44 15.86
N GLU D 297 23.94 -1.94 16.94
CA GLU D 297 23.86 -3.36 17.24
C GLU D 297 22.66 -4.09 16.64
N LEU D 298 21.47 -3.74 17.10
CA LEU D 298 20.27 -4.41 16.60
C LEU D 298 20.19 -4.35 15.07
N LEU D 299 20.43 -3.19 14.46
CA LEU D 299 20.40 -3.10 13.00
C LEU D 299 21.58 -3.90 12.43
N ALA D 300 22.60 -4.14 13.27
CA ALA D 300 23.77 -4.91 12.86
C ALA D 300 23.40 -6.34 12.47
N SER D 301 22.46 -6.93 13.20
CA SER D 301 22.03 -8.30 12.93
C SER D 301 21.17 -8.43 11.68
N LEU D 302 20.32 -7.44 11.44
CA LEU D 302 19.45 -7.43 10.26
C LEU D 302 20.25 -7.71 8.99
N LEU D 303 21.30 -6.93 8.76
CA LEU D 303 22.11 -7.09 7.55
C LEU D 303 22.36 -8.57 7.29
N ASN D 304 22.74 -9.29 8.35
CA ASN D 304 23.00 -10.71 8.23
C ASN D 304 21.81 -11.47 7.66
N ARG D 305 20.59 -11.05 8.00
CA ARG D 305 19.40 -11.70 7.48
C ARG D 305 19.22 -11.31 6.02
N VAL D 306 19.21 -10.01 5.75
CA VAL D 306 19.05 -9.51 4.38
C VAL D 306 20.08 -10.20 3.49
N CYS D 307 21.35 -10.19 3.89
CA CYS D 307 22.40 -10.83 3.11
C CYS D 307 22.12 -12.31 2.91
N GLN D 308 21.70 -12.97 3.98
CA GLN D 308 21.37 -14.41 3.96
C GLN D 308 20.29 -14.60 2.91
N ASP D 309 19.13 -14.01 3.16
CA ASP D 309 18.01 -14.07 2.23
C ASP D 309 18.20 -12.98 1.28
N GLY D 310 17.90 -13.26 0.04
CA GLY D 310 17.91 -12.13 -0.81
C GLY D 310 16.65 -11.34 -0.53
N ARG D 311 16.94 -10.21 -1.21
CA ARG D 311 16.32 -8.97 -1.50
C ARG D 311 16.50 -7.80 -0.54
N LYS D 312 16.66 -6.60 -1.06
CA LYS D 312 16.89 -5.48 -0.21
C LYS D 312 15.85 -4.48 0.24
N PRO D 313 15.98 -4.02 1.50
CA PRO D 313 15.10 -3.04 2.09
C PRO D 313 15.26 -1.66 1.41
N HIS D 314 14.19 -1.12 0.80
CA HIS D 314 14.31 0.18 0.15
C HIS D 314 13.72 1.18 1.14
N THR D 315 13.54 0.66 2.34
CA THR D 315 12.98 1.42 3.41
C THR D 315 13.58 1.05 4.75
N VAL D 316 13.40 1.97 5.68
CA VAL D 316 13.89 1.83 7.02
C VAL D 316 13.06 2.70 7.99
N ARG D 317 13.36 2.55 9.27
CA ARG D 317 12.70 3.31 10.29
C ARG D 317 13.28 2.78 11.56
N LEU D 318 12.64 3.24 12.62
CA LEU D 318 12.92 2.78 13.92
C LEU D 318 11.51 3.07 14.44
N ILE D 319 11.00 2.22 15.32
CA ILE D 319 9.66 2.44 15.85
C ILE D 319 9.75 2.59 17.36
N ILE D 320 9.10 3.62 17.91
CA ILE D 320 9.19 3.79 19.35
C ILE D 320 7.85 4.13 19.95
N ARG D 321 7.73 3.83 21.23
CA ARG D 321 6.49 4.09 21.93
C ARG D 321 6.67 4.58 23.36
N ARG D 322 5.83 5.53 23.77
CA ARG D 322 5.86 5.99 25.14
C ARG D 322 4.63 5.34 25.81
N TYR D 323 4.90 4.53 26.83
CA TYR D 323 3.82 3.83 27.49
C TYR D 323 3.71 4.29 28.93
N SER D 324 2.47 4.19 29.38
CA SER D 324 2.04 4.62 30.70
C SER D 324 0.97 3.66 31.15
N SER D 325 0.08 4.18 31.98
CA SER D 325 -1.02 3.36 32.44
C SER D 325 -1.83 3.04 31.20
N GLU D 326 -2.31 1.80 31.12
CA GLU D 326 -3.10 1.41 29.96
C GLU D 326 -2.31 1.33 28.63
N LYS D 327 -3.09 1.44 27.54
CA LYS D 327 -2.73 1.40 26.10
C LYS D 327 -1.35 1.85 25.60
N HIS D 328 -0.94 1.30 24.46
CA HIS D 328 0.36 1.62 23.84
C HIS D 328 0.20 2.10 22.40
N TYR D 329 1.20 2.86 21.93
CA TYR D 329 1.22 3.39 20.56
C TYR D 329 2.58 4.09 20.35
N GLY D 330 2.63 5.15 19.54
CA GLY D 330 3.89 5.82 19.32
C GLY D 330 3.85 6.77 18.15
N ARG D 331 4.76 7.72 18.18
CA ARG D 331 4.91 8.72 17.14
C ARG D 331 6.41 8.76 16.87
N GLU D 332 7.03 7.58 16.93
CA GLU D 332 8.47 7.44 16.71
C GLU D 332 8.80 6.61 15.48
N SER D 333 9.64 7.19 14.64
CA SER D 333 10.02 6.50 13.46
C SER D 333 10.36 7.49 12.34
N ARG D 334 11.47 7.18 11.67
CA ARG D 334 11.95 7.99 10.58
C ARG D 334 12.30 7.04 9.42
N GLN D 335 11.68 7.25 8.26
CA GLN D 335 11.94 6.47 7.04
C GLN D 335 12.41 7.33 5.87
N CYS D 336 13.29 6.67 5.11
CA CYS D 336 14.00 7.16 3.97
C CYS D 336 14.48 6.13 3.01
N PRO D 337 14.33 6.43 1.71
CA PRO D 337 14.80 5.53 0.68
C PRO D 337 16.29 5.61 0.84
N ILE D 338 16.78 4.48 1.24
CA ILE D 338 18.17 4.41 1.46
C ILE D 338 18.98 4.66 0.14
N PRO D 339 20.33 4.82 0.23
CA PRO D 339 21.17 5.05 -0.95
C PRO D 339 21.12 3.93 -2.02
N SER D 340 20.90 4.30 -3.29
CA SER D 340 20.84 3.30 -4.34
C SER D 340 22.01 2.31 -4.28
N HIS D 341 23.23 2.86 -4.29
CA HIS D 341 24.44 2.04 -4.23
C HIS D 341 24.50 1.18 -2.97
N VAL D 342 24.14 1.75 -1.82
CA VAL D 342 24.18 0.99 -0.57
C VAL D 342 23.21 -0.20 -0.59
N ILE D 343 22.00 0.06 -1.07
CA ILE D 343 20.95 -0.94 -1.16
C ILE D 343 21.32 -2.07 -2.12
N GLN D 344 22.09 -1.76 -3.15
CA GLN D 344 22.45 -2.79 -4.11
C GLN D 344 23.61 -3.72 -3.72
N LYS D 345 24.34 -3.39 -2.66
CA LYS D 345 25.49 -4.21 -2.21
C LYS D 345 25.57 -4.29 -0.70
N LEU D 346 24.43 -4.49 -0.03
CA LEU D 346 24.45 -4.57 1.42
C LEU D 346 24.99 -5.91 1.91
N GLY D 347 26.21 -6.24 1.48
CA GLY D 347 26.84 -7.48 1.89
C GLY D 347 28.21 -7.57 1.27
N THR D 348 28.69 -6.45 0.76
CA THR D 348 29.98 -6.41 0.11
C THR D 348 31.06 -5.78 1.00
N GLY D 349 30.91 -6.02 2.30
CA GLY D 349 31.87 -5.55 3.28
C GLY D 349 31.79 -4.13 3.80
N ASN D 350 30.74 -3.39 3.47
CA ASN D 350 30.63 -2.02 3.97
C ASN D 350 29.89 -1.95 5.31
N TYR D 351 30.37 -1.16 6.26
CA TYR D 351 29.58 -1.00 7.49
C TYR D 351 29.40 0.49 7.72
N ASP D 352 29.84 1.25 6.72
CA ASP D 352 29.66 2.69 6.78
C ASP D 352 28.20 3.04 6.61
N VAL D 353 27.46 2.04 6.12
CA VAL D 353 26.02 2.11 5.89
C VAL D 353 25.24 2.44 7.18
N MET D 354 25.85 2.13 8.33
CA MET D 354 25.22 2.35 9.64
C MET D 354 25.09 3.81 10.05
N THR D 355 26.10 4.59 9.66
CA THR D 355 26.16 6.04 9.96
C THR D 355 24.94 6.70 9.33
N PRO D 356 24.71 6.46 8.02
CA PRO D 356 23.58 7.02 7.30
C PRO D 356 22.20 6.56 7.86
N MET D 357 22.15 5.40 8.54
CA MET D 357 20.93 4.88 9.19
C MET D 357 20.80 5.55 10.56
N VAL D 358 21.95 5.85 11.16
CA VAL D 358 21.98 6.48 12.47
C VAL D 358 21.55 7.94 12.39
N ASP D 359 21.94 8.61 11.31
CA ASP D 359 21.56 10.02 11.16
C ASP D 359 20.08 10.17 10.98
N ILE D 360 19.48 9.20 10.33
CA ILE D 360 18.07 9.27 10.09
C ILE D 360 17.32 8.56 11.21
N LEU D 361 18.01 7.69 11.93
CA LEU D 361 17.41 6.96 13.03
C LEU D 361 17.09 7.84 14.22
N MET D 362 18.05 8.64 14.67
CA MET D 362 17.86 9.50 15.83
C MET D 362 18.26 10.98 15.76
N LYS D 363 19.36 11.40 15.14
CA LYS D 363 19.60 12.85 15.14
C LYS D 363 18.52 13.64 14.38
N LEU D 364 17.82 12.96 13.47
CA LEU D 364 16.77 13.58 12.62
C LEU D 364 15.43 13.26 13.18
N PHE D 365 15.53 12.92 14.44
CA PHE D 365 14.47 12.49 15.30
C PHE D 365 14.15 13.45 16.48
N ARG D 366 12.83 13.38 16.56
CA ARG D 366 11.73 13.81 17.38
C ARG D 366 10.60 14.56 16.76
N ASN D 367 10.37 15.78 17.18
CA ASN D 367 9.22 16.55 16.72
C ASN D 367 9.46 17.96 16.25
N MET D 368 8.49 18.55 15.56
CA MET D 368 8.74 19.93 15.17
C MET D 368 9.24 20.73 16.40
N VAL D 369 9.97 21.81 16.14
CA VAL D 369 10.50 22.70 17.18
C VAL D 369 11.50 22.16 18.21
N ASN D 370 11.89 23.04 19.13
CA ASN D 370 12.93 22.83 20.21
C ASN D 370 12.59 22.84 21.78
N VAL D 371 11.20 23.00 21.96
CA VAL D 371 11.06 23.44 23.42
C VAL D 371 11.18 22.68 24.59
N LYS D 372 10.17 21.99 25.12
CA LYS D 372 10.37 21.23 26.34
C LYS D 372 11.12 19.93 26.07
N MET D 373 11.73 19.42 27.14
CA MET D 373 12.49 18.21 27.14
C MET D 373 12.23 17.03 28.12
N PRO D 374 11.01 16.40 28.10
CA PRO D 374 10.61 15.26 28.92
C PRO D 374 11.01 13.87 28.43
N PHE D 375 11.83 13.09 29.11
CA PHE D 375 11.93 11.80 28.48
C PHE D 375 11.16 10.73 29.27
N HIS D 376 11.00 9.58 28.61
CA HIS D 376 10.38 8.34 29.17
C HIS D 376 10.26 7.49 27.91
N LEU D 377 10.16 6.19 28.09
CA LEU D 377 10.02 5.37 26.92
C LEU D 377 10.06 3.95 27.34
N THR D 378 9.64 3.11 26.42
CA THR D 378 9.74 1.73 26.72
C THR D 378 10.25 1.18 25.39
N LEU D 379 10.78 -0.04 25.45
CA LEU D 379 11.35 -0.75 24.31
C LEU D 379 10.86 -0.25 22.91
N LEU D 380 11.81 -0.18 21.98
CA LEU D 380 11.70 0.32 20.59
C LEU D 380 12.16 -0.66 19.46
N SER D 381 11.54 -0.64 18.29
CA SER D 381 11.96 -1.57 17.21
C SER D 381 12.35 -0.88 15.90
N VAL D 382 13.08 -1.55 15.02
CA VAL D 382 13.36 -0.92 13.74
C VAL D 382 12.86 -1.87 12.65
N CYS D 383 12.18 -1.33 11.64
CA CYS D 383 11.68 -2.16 10.54
C CYS D 383 12.57 -1.96 9.29
N PHE D 384 12.86 -3.04 8.54
CA PHE D 384 13.70 -2.94 7.30
C PHE D 384 12.70 -3.16 6.21
N CYS D 385 11.64 -2.38 6.28
CA CYS D 385 10.53 -2.66 5.41
C CYS D 385 9.73 -1.91 4.30
N ASN D 386 9.33 -2.80 3.33
CA ASN D 386 8.51 -2.87 1.95
C ASN D 386 8.76 -4.03 0.83
N LEU D 387 10.09 -4.38 0.94
CA LEU D 387 11.02 -5.27 0.26
C LEU D 387 10.79 -5.65 -1.14
N LYS D 388 11.61 -5.23 -2.11
CA LYS D 388 11.37 -5.60 -3.52
C LYS D 388 12.62 -6.19 -4.20
#